data_5QXT
# 
_entry.id   5QXT 
# 
_audit_conform.dict_name       mmcif_pdbx.dic 
_audit_conform.dict_version    5.387 
_audit_conform.dict_location   http://mmcif.pdb.org/dictionaries/ascii/mmcif_pdbx.dic 
# 
loop_
_database_2.database_id 
_database_2.database_code 
_database_2.pdbx_database_accession 
_database_2.pdbx_DOI 
PDB   5QXT         pdb_00005qxt 10.2210/pdb5qxt/pdb 
WWPDB D_1001402456 ?            ?                   
# 
loop_
_pdbx_audit_revision_history.ordinal 
_pdbx_audit_revision_history.data_content_type 
_pdbx_audit_revision_history.major_revision 
_pdbx_audit_revision_history.minor_revision 
_pdbx_audit_revision_history.revision_date 
1 'Structure model' 1 0 2020-04-08 
2 'Structure model' 1 1 2024-03-06 
# 
_pdbx_audit_revision_details.ordinal             1 
_pdbx_audit_revision_details.revision_ordinal    1 
_pdbx_audit_revision_details.data_content_type   'Structure model' 
_pdbx_audit_revision_details.provider            repository 
_pdbx_audit_revision_details.type                'Initial release' 
_pdbx_audit_revision_details.description         ? 
_pdbx_audit_revision_details.details             ? 
# 
loop_
_pdbx_audit_revision_group.ordinal 
_pdbx_audit_revision_group.revision_ordinal 
_pdbx_audit_revision_group.data_content_type 
_pdbx_audit_revision_group.group 
1 2 'Structure model' 'Data collection'     
2 2 'Structure model' 'Database references' 
# 
loop_
_pdbx_audit_revision_category.ordinal 
_pdbx_audit_revision_category.revision_ordinal 
_pdbx_audit_revision_category.data_content_type 
_pdbx_audit_revision_category.category 
1 2 'Structure model' chem_comp_atom 
2 2 'Structure model' chem_comp_bond 
3 2 'Structure model' database_2     
# 
loop_
_pdbx_audit_revision_item.ordinal 
_pdbx_audit_revision_item.revision_ordinal 
_pdbx_audit_revision_item.data_content_type 
_pdbx_audit_revision_item.item 
1 2 'Structure model' '_database_2.pdbx_DOI'                
2 2 'Structure model' '_database_2.pdbx_database_accession' 
# 
_pdbx_database_status.entry_id                        5QXT 
_pdbx_database_status.status_code                     REL 
_pdbx_database_status.status_code_sf                  REL 
_pdbx_database_status.status_code_mr                  ? 
_pdbx_database_status.status_code_cs                  ? 
_pdbx_database_status.recvd_initial_deposition_date   2020-02-11 
_pdbx_database_status.deposit_site                    RCSB 
_pdbx_database_status.process_site                    RCSB 
_pdbx_database_status.SG_entry                        ? 
_pdbx_database_status.pdb_format_compatible           Y 
_pdbx_database_status.methods_development_category    ? 
_pdbx_database_status.status_code_nmr_data            ? 
# 
loop_
_audit_author.name 
_audit_author.pdbx_ordinal 
'Snee, M.'         1 
'Talon, R.'        2 
'Fowley, D.'       3 
'Collins, P.'      4 
'Nelson, A.'       5 
'Arrowsmith, C.H.' 6 
'Bountra, C.'      7 
'Edwards, A.'      8 
'Von-Delft, F.'    9 
# 
_citation.id                        primary 
_citation.title                     'PanDDA analysis group deposition - Bromodomain of human ATAD2 fragment screening' 
_citation.journal_abbrev            'To Be Published' 
_citation.journal_volume            ? 
_citation.page_first                ? 
_citation.page_last                 ? 
_citation.year                      ? 
_citation.journal_id_ASTM           ? 
_citation.country                   ? 
_citation.journal_id_ISSN           ? 
_citation.journal_id_CSD            0353 
_citation.book_publisher            ? 
_citation.pdbx_database_id_PubMed   ? 
_citation.pdbx_database_id_DOI      ? 
# 
loop_
_citation_author.citation_id 
_citation_author.name 
_citation_author.identifier_ORCID 
_citation_author.ordinal 
primary 'Snee, M.'         ? 1 
primary 'Talon, R.'        ? 2 
primary 'Fowley, D.'       ? 3 
primary 'Collins, P.'      ? 4 
primary 'Nelson, A.'       ? 5 
primary 'Arrowsmith, C.H.' ? 6 
primary 'Bountra, C.'      ? 7 
primary 'Edwards, A.'      ? 8 
primary 'Von-Delft, F.'    ? 9 
# 
loop_
_entity.id 
_entity.type 
_entity.src_method 
_entity.pdbx_description 
_entity.formula_weight 
_entity.pdbx_number_of_molecules 
_entity.pdbx_ec 
_entity.pdbx_mutation 
_entity.pdbx_fragment 
_entity.details 
1 polymer     man 'ATPase family AAA domain-containing protein 2'               15512.562 1   3.6.1.3 ? ? ? 
2 non-polymer syn 'ethyl (2S,3S)-2-fluoro-3-hydroxy-3-(pyridin-3-yl)propanoate' 213.206   2   ?       ? ? ? 
3 non-polymer syn 'SULFATE ION'                                                 96.063    2   ?       ? ? ? 
4 non-polymer syn 1,2-ETHANEDIOL                                                62.068    3   ?       ? ? ? 
5 water       nat water                                                         18.015    216 ?       ? ? ? 
# 
_entity_name_com.entity_id   1 
_entity_name_com.name        'AAA nuclear coregulator cancer-associated protein,ANCCA' 
# 
_entity_poly.entity_id                      1 
_entity_poly.type                           'polypeptide(L)' 
_entity_poly.nstd_linkage                   no 
_entity_poly.nstd_monomer                   no 
_entity_poly.pdbx_seq_one_letter_code       
;SMQEEDTFRELRIFLRNVTHRLAIDKRFRVFTKPVDPDEVPDYRTVIKEPMDLSSVISKIDLHKYLTVKDYLRDIDLICS
NALEYNPDRDPGDRLIRHRACALRDTAYAIIKEELDEDFEQLCEEIQESR
;
_entity_poly.pdbx_seq_one_letter_code_can   
;SMQEEDTFRELRIFLRNVTHRLAIDKRFRVFTKPVDPDEVPDYRTVIKEPMDLSSVISKIDLHKYLTVKDYLRDIDLICS
NALEYNPDRDPGDRLIRHRACALRDTAYAIIKEELDEDFEQLCEEIQESR
;
_entity_poly.pdbx_strand_id                 A 
_entity_poly.pdbx_target_identifier         ? 
# 
loop_
_pdbx_entity_nonpoly.entity_id 
_pdbx_entity_nonpoly.name 
_pdbx_entity_nonpoly.comp_id 
2 'ethyl (2S,3S)-2-fluoro-3-hydroxy-3-(pyridin-3-yl)propanoate' RJ7 
3 'SULFATE ION'                                                 SO4 
4 1,2-ETHANEDIOL                                                EDO 
5 water                                                         HOH 
# 
loop_
_entity_poly_seq.entity_id 
_entity_poly_seq.num 
_entity_poly_seq.mon_id 
_entity_poly_seq.hetero 
1 1   SER n 
1 2   MET n 
1 3   GLN n 
1 4   GLU n 
1 5   GLU n 
1 6   ASP n 
1 7   THR n 
1 8   PHE n 
1 9   ARG n 
1 10  GLU n 
1 11  LEU n 
1 12  ARG n 
1 13  ILE n 
1 14  PHE n 
1 15  LEU n 
1 16  ARG n 
1 17  ASN n 
1 18  VAL n 
1 19  THR n 
1 20  HIS n 
1 21  ARG n 
1 22  LEU n 
1 23  ALA n 
1 24  ILE n 
1 25  ASP n 
1 26  LYS n 
1 27  ARG n 
1 28  PHE n 
1 29  ARG n 
1 30  VAL n 
1 31  PHE n 
1 32  THR n 
1 33  LYS n 
1 34  PRO n 
1 35  VAL n 
1 36  ASP n 
1 37  PRO n 
1 38  ASP n 
1 39  GLU n 
1 40  VAL n 
1 41  PRO n 
1 42  ASP n 
1 43  TYR n 
1 44  ARG n 
1 45  THR n 
1 46  VAL n 
1 47  ILE n 
1 48  LYS n 
1 49  GLU n 
1 50  PRO n 
1 51  MET n 
1 52  ASP n 
1 53  LEU n 
1 54  SER n 
1 55  SER n 
1 56  VAL n 
1 57  ILE n 
1 58  SER n 
1 59  LYS n 
1 60  ILE n 
1 61  ASP n 
1 62  LEU n 
1 63  HIS n 
1 64  LYS n 
1 65  TYR n 
1 66  LEU n 
1 67  THR n 
1 68  VAL n 
1 69  LYS n 
1 70  ASP n 
1 71  TYR n 
1 72  LEU n 
1 73  ARG n 
1 74  ASP n 
1 75  ILE n 
1 76  ASP n 
1 77  LEU n 
1 78  ILE n 
1 79  CYS n 
1 80  SER n 
1 81  ASN n 
1 82  ALA n 
1 83  LEU n 
1 84  GLU n 
1 85  TYR n 
1 86  ASN n 
1 87  PRO n 
1 88  ASP n 
1 89  ARG n 
1 90  ASP n 
1 91  PRO n 
1 92  GLY n 
1 93  ASP n 
1 94  ARG n 
1 95  LEU n 
1 96  ILE n 
1 97  ARG n 
1 98  HIS n 
1 99  ARG n 
1 100 ALA n 
1 101 CYS n 
1 102 ALA n 
1 103 LEU n 
1 104 ARG n 
1 105 ASP n 
1 106 THR n 
1 107 ALA n 
1 108 TYR n 
1 109 ALA n 
1 110 ILE n 
1 111 ILE n 
1 112 LYS n 
1 113 GLU n 
1 114 GLU n 
1 115 LEU n 
1 116 ASP n 
1 117 GLU n 
1 118 ASP n 
1 119 PHE n 
1 120 GLU n 
1 121 GLN n 
1 122 LEU n 
1 123 CYS n 
1 124 GLU n 
1 125 GLU n 
1 126 ILE n 
1 127 GLN n 
1 128 GLU n 
1 129 SER n 
1 130 ARG n 
# 
_entity_src_gen.entity_id                          1 
_entity_src_gen.pdbx_src_id                        1 
_entity_src_gen.pdbx_alt_source_flag               sample 
_entity_src_gen.pdbx_seq_type                      'Biological sequence' 
_entity_src_gen.pdbx_beg_seq_num                   1 
_entity_src_gen.pdbx_end_seq_num                   130 
_entity_src_gen.gene_src_common_name               Human 
_entity_src_gen.gene_src_genus                     ? 
_entity_src_gen.pdbx_gene_src_gene                 'ATAD2, L16, PRO2000' 
_entity_src_gen.gene_src_species                   ? 
_entity_src_gen.gene_src_strain                    ? 
_entity_src_gen.gene_src_tissue                    ? 
_entity_src_gen.gene_src_tissue_fraction           ? 
_entity_src_gen.gene_src_details                   ? 
_entity_src_gen.pdbx_gene_src_fragment             ? 
_entity_src_gen.pdbx_gene_src_scientific_name      'Homo sapiens' 
_entity_src_gen.pdbx_gene_src_ncbi_taxonomy_id     9606 
_entity_src_gen.pdbx_gene_src_variant              ? 
_entity_src_gen.pdbx_gene_src_cell_line            ? 
_entity_src_gen.pdbx_gene_src_atcc                 ? 
_entity_src_gen.pdbx_gene_src_organ                ? 
_entity_src_gen.pdbx_gene_src_organelle            ? 
_entity_src_gen.pdbx_gene_src_cell                 ? 
_entity_src_gen.pdbx_gene_src_cellular_location    ? 
_entity_src_gen.host_org_common_name               ? 
_entity_src_gen.pdbx_host_org_scientific_name      'Escherichia coli' 
_entity_src_gen.pdbx_host_org_ncbi_taxonomy_id     562 
_entity_src_gen.host_org_genus                     ? 
_entity_src_gen.pdbx_host_org_gene                 ? 
_entity_src_gen.pdbx_host_org_organ                ? 
_entity_src_gen.host_org_species                   ? 
_entity_src_gen.pdbx_host_org_tissue               ? 
_entity_src_gen.pdbx_host_org_tissue_fraction      ? 
_entity_src_gen.pdbx_host_org_strain               ? 
_entity_src_gen.pdbx_host_org_variant              ? 
_entity_src_gen.pdbx_host_org_cell_line            ? 
_entity_src_gen.pdbx_host_org_atcc                 ? 
_entity_src_gen.pdbx_host_org_culture_collection   ? 
_entity_src_gen.pdbx_host_org_cell                 ? 
_entity_src_gen.pdbx_host_org_organelle            ? 
_entity_src_gen.pdbx_host_org_cellular_location    ? 
_entity_src_gen.pdbx_host_org_vector_type          ? 
_entity_src_gen.pdbx_host_org_vector               ? 
_entity_src_gen.host_org_details                   ? 
_entity_src_gen.expression_system_id               ? 
_entity_src_gen.plasmid_name                       ? 
_entity_src_gen.plasmid_details                    ? 
_entity_src_gen.pdbx_description                   ? 
# 
loop_
_chem_comp.id 
_chem_comp.type 
_chem_comp.mon_nstd_flag 
_chem_comp.name 
_chem_comp.pdbx_synonyms 
_chem_comp.formula 
_chem_comp.formula_weight 
ALA 'L-peptide linking' y ALANINE                                                       ?                 'C3 H7 N O2'     89.093  
ARG 'L-peptide linking' y ARGININE                                                      ?                 'C6 H15 N4 O2 1' 175.209 
ASN 'L-peptide linking' y ASPARAGINE                                                    ?                 'C4 H8 N2 O3'    132.118 
ASP 'L-peptide linking' y 'ASPARTIC ACID'                                               ?                 'C4 H7 N O4'     133.103 
CYS 'L-peptide linking' y CYSTEINE                                                      ?                 'C3 H7 N O2 S'   121.158 
EDO non-polymer         . 1,2-ETHANEDIOL                                                'ETHYLENE GLYCOL' 'C2 H6 O2'       62.068  
GLN 'L-peptide linking' y GLUTAMINE                                                     ?                 'C5 H10 N2 O3'   146.144 
GLU 'L-peptide linking' y 'GLUTAMIC ACID'                                               ?                 'C5 H9 N O4'     147.129 
GLY 'peptide linking'   y GLYCINE                                                       ?                 'C2 H5 N O2'     75.067  
HIS 'L-peptide linking' y HISTIDINE                                                     ?                 'C6 H10 N3 O2 1' 156.162 
HOH non-polymer         . WATER                                                         ?                 'H2 O'           18.015  
ILE 'L-peptide linking' y ISOLEUCINE                                                    ?                 'C6 H13 N O2'    131.173 
LEU 'L-peptide linking' y LEUCINE                                                       ?                 'C6 H13 N O2'    131.173 
LYS 'L-peptide linking' y LYSINE                                                        ?                 'C6 H15 N2 O2 1' 147.195 
MET 'L-peptide linking' y METHIONINE                                                    ?                 'C5 H11 N O2 S'  149.211 
PHE 'L-peptide linking' y PHENYLALANINE                                                 ?                 'C9 H11 N O2'    165.189 
PRO 'L-peptide linking' y PROLINE                                                       ?                 'C5 H9 N O2'     115.130 
RJ7 non-polymer         . 'ethyl (2S,3S)-2-fluoro-3-hydroxy-3-(pyridin-3-yl)propanoate' ?                 'C10 H12 F N O3' 213.206 
SER 'L-peptide linking' y SERINE                                                        ?                 'C3 H7 N O3'     105.093 
SO4 non-polymer         . 'SULFATE ION'                                                 ?                 'O4 S -2'        96.063  
THR 'L-peptide linking' y THREONINE                                                     ?                 'C4 H9 N O3'     119.119 
TYR 'L-peptide linking' y TYROSINE                                                      ?                 'C9 H11 N O3'    181.189 
VAL 'L-peptide linking' y VALINE                                                        ?                 'C5 H11 N O2'    117.146 
# 
loop_
_pdbx_poly_seq_scheme.asym_id 
_pdbx_poly_seq_scheme.entity_id 
_pdbx_poly_seq_scheme.seq_id 
_pdbx_poly_seq_scheme.mon_id 
_pdbx_poly_seq_scheme.ndb_seq_num 
_pdbx_poly_seq_scheme.pdb_seq_num 
_pdbx_poly_seq_scheme.auth_seq_num 
_pdbx_poly_seq_scheme.pdb_mon_id 
_pdbx_poly_seq_scheme.auth_mon_id 
_pdbx_poly_seq_scheme.pdb_strand_id 
_pdbx_poly_seq_scheme.pdb_ins_code 
_pdbx_poly_seq_scheme.hetero 
A 1 1   SER 1   979  979  SER SER A . n 
A 1 2   MET 2   980  980  MET MET A . n 
A 1 3   GLN 3   981  981  GLN GLN A . n 
A 1 4   GLU 4   982  982  GLU GLU A . n 
A 1 5   GLU 5   983  983  GLU GLU A . n 
A 1 6   ASP 6   984  984  ASP ASP A . n 
A 1 7   THR 7   985  985  THR THR A . n 
A 1 8   PHE 8   986  986  PHE PHE A . n 
A 1 9   ARG 9   987  987  ARG ARG A . n 
A 1 10  GLU 10  988  988  GLU GLU A . n 
A 1 11  LEU 11  989  989  LEU LEU A . n 
A 1 12  ARG 12  990  990  ARG ARG A . n 
A 1 13  ILE 13  991  991  ILE ILE A . n 
A 1 14  PHE 14  992  992  PHE PHE A . n 
A 1 15  LEU 15  993  993  LEU LEU A . n 
A 1 16  ARG 16  994  994  ARG ARG A . n 
A 1 17  ASN 17  995  995  ASN ASN A . n 
A 1 18  VAL 18  996  996  VAL VAL A . n 
A 1 19  THR 19  997  997  THR THR A . n 
A 1 20  HIS 20  998  998  HIS HIS A . n 
A 1 21  ARG 21  999  999  ARG ARG A . n 
A 1 22  LEU 22  1000 1000 LEU LEU A . n 
A 1 23  ALA 23  1001 1001 ALA ALA A . n 
A 1 24  ILE 24  1002 1002 ILE ILE A . n 
A 1 25  ASP 25  1003 1003 ASP ASP A . n 
A 1 26  LYS 26  1004 1004 LYS LYS A . n 
A 1 27  ARG 27  1005 1005 ARG ARG A . n 
A 1 28  PHE 28  1006 1006 PHE PHE A . n 
A 1 29  ARG 29  1007 1007 ARG ARG A . n 
A 1 30  VAL 30  1008 1008 VAL VAL A . n 
A 1 31  PHE 31  1009 1009 PHE PHE A . n 
A 1 32  THR 32  1010 1010 THR THR A . n 
A 1 33  LYS 33  1011 1011 LYS LYS A . n 
A 1 34  PRO 34  1012 1012 PRO PRO A . n 
A 1 35  VAL 35  1013 1013 VAL VAL A . n 
A 1 36  ASP 36  1014 1014 ASP ASP A . n 
A 1 37  PRO 37  1015 1015 PRO PRO A . n 
A 1 38  ASP 38  1016 1016 ASP ASP A . n 
A 1 39  GLU 39  1017 1017 GLU GLU A . n 
A 1 40  VAL 40  1018 1018 VAL VAL A . n 
A 1 41  PRO 41  1019 1019 PRO PRO A . n 
A 1 42  ASP 42  1020 1020 ASP ASP A . n 
A 1 43  TYR 43  1021 1021 TYR TYR A . n 
A 1 44  ARG 44  1022 1022 ARG ARG A . n 
A 1 45  THR 45  1023 1023 THR THR A . n 
A 1 46  VAL 46  1024 1024 VAL VAL A . n 
A 1 47  ILE 47  1025 1025 ILE ILE A . n 
A 1 48  LYS 48  1026 1026 LYS LYS A . n 
A 1 49  GLU 49  1027 1027 GLU GLU A . n 
A 1 50  PRO 50  1028 1028 PRO PRO A . n 
A 1 51  MET 51  1029 1029 MET MET A . n 
A 1 52  ASP 52  1030 1030 ASP ASP A . n 
A 1 53  LEU 53  1031 1031 LEU LEU A . n 
A 1 54  SER 54  1032 1032 SER SER A . n 
A 1 55  SER 55  1033 1033 SER SER A . n 
A 1 56  VAL 56  1034 1034 VAL VAL A . n 
A 1 57  ILE 57  1035 1035 ILE ILE A . n 
A 1 58  SER 58  1036 1036 SER SER A . n 
A 1 59  LYS 59  1037 1037 LYS LYS A . n 
A 1 60  ILE 60  1038 1038 ILE ILE A . n 
A 1 61  ASP 61  1039 1039 ASP ASP A . n 
A 1 62  LEU 62  1040 1040 LEU LEU A . n 
A 1 63  HIS 63  1041 1041 HIS HIS A . n 
A 1 64  LYS 64  1042 1042 LYS LYS A . n 
A 1 65  TYR 65  1043 1043 TYR TYR A . n 
A 1 66  LEU 66  1044 1044 LEU LEU A . n 
A 1 67  THR 67  1045 1045 THR THR A . n 
A 1 68  VAL 68  1046 1046 VAL VAL A . n 
A 1 69  LYS 69  1047 1047 LYS LYS A . n 
A 1 70  ASP 70  1048 1048 ASP ASP A . n 
A 1 71  TYR 71  1049 1049 TYR TYR A . n 
A 1 72  LEU 72  1050 1050 LEU LEU A . n 
A 1 73  ARG 73  1051 1051 ARG ARG A . n 
A 1 74  ASP 74  1052 1052 ASP ASP A . n 
A 1 75  ILE 75  1053 1053 ILE ILE A . n 
A 1 76  ASP 76  1054 1054 ASP ASP A . n 
A 1 77  LEU 77  1055 1055 LEU LEU A . n 
A 1 78  ILE 78  1056 1056 ILE ILE A . n 
A 1 79  CYS 79  1057 1057 CYS CYS A . n 
A 1 80  SER 80  1058 1058 SER SER A . n 
A 1 81  ASN 81  1059 1059 ASN ASN A . n 
A 1 82  ALA 82  1060 1060 ALA ALA A . n 
A 1 83  LEU 83  1061 1061 LEU LEU A . n 
A 1 84  GLU 84  1062 1062 GLU GLU A . n 
A 1 85  TYR 85  1063 1063 TYR TYR A . n 
A 1 86  ASN 86  1064 1064 ASN ASN A . n 
A 1 87  PRO 87  1065 1065 PRO PRO A . n 
A 1 88  ASP 88  1066 1066 ASP ASP A . n 
A 1 89  ARG 89  1067 1067 ARG ARG A . n 
A 1 90  ASP 90  1068 1068 ASP ASP A . n 
A 1 91  PRO 91  1069 1069 PRO PRO A . n 
A 1 92  GLY 92  1070 1070 GLY GLY A . n 
A 1 93  ASP 93  1071 1071 ASP ASP A . n 
A 1 94  ARG 94  1072 1072 ARG ARG A . n 
A 1 95  LEU 95  1073 1073 LEU LEU A . n 
A 1 96  ILE 96  1074 1074 ILE ILE A . n 
A 1 97  ARG 97  1075 1075 ARG ARG A . n 
A 1 98  HIS 98  1076 1076 HIS HIS A . n 
A 1 99  ARG 99  1077 1077 ARG ARG A . n 
A 1 100 ALA 100 1078 1078 ALA ALA A . n 
A 1 101 CYS 101 1079 1079 CYS CYS A . n 
A 1 102 ALA 102 1080 1080 ALA ALA A . n 
A 1 103 LEU 103 1081 1081 LEU LEU A . n 
A 1 104 ARG 104 1082 1082 ARG ARG A . n 
A 1 105 ASP 105 1083 1083 ASP ASP A . n 
A 1 106 THR 106 1084 1084 THR THR A . n 
A 1 107 ALA 107 1085 1085 ALA ALA A . n 
A 1 108 TYR 108 1086 1086 TYR TYR A . n 
A 1 109 ALA 109 1087 1087 ALA ALA A . n 
A 1 110 ILE 110 1088 1088 ILE ILE A . n 
A 1 111 ILE 111 1089 1089 ILE ILE A . n 
A 1 112 LYS 112 1090 1090 LYS LYS A . n 
A 1 113 GLU 113 1091 1091 GLU GLU A . n 
A 1 114 GLU 114 1092 1092 GLU GLU A . n 
A 1 115 LEU 115 1093 1093 LEU LEU A . n 
A 1 116 ASP 116 1094 1094 ASP ASP A . n 
A 1 117 GLU 117 1095 1095 GLU GLU A . n 
A 1 118 ASP 118 1096 1096 ASP ASP A . n 
A 1 119 PHE 119 1097 1097 PHE PHE A . n 
A 1 120 GLU 120 1098 1098 GLU GLU A . n 
A 1 121 GLN 121 1099 1099 GLN GLN A . n 
A 1 122 LEU 122 1100 1100 LEU LEU A . n 
A 1 123 CYS 123 1101 1101 CYS CYS A . n 
A 1 124 GLU 124 1102 1102 GLU GLU A . n 
A 1 125 GLU 125 1103 1103 GLU GLU A . n 
A 1 126 ILE 126 1104 1104 ILE ILE A . n 
A 1 127 GLN 127 1105 1105 GLN GLN A . n 
A 1 128 GLU 128 1106 1106 GLU GLU A . n 
A 1 129 SER 129 1107 1107 SER SER A . n 
A 1 130 ARG 130 1108 1108 ARG ARG A . n 
# 
loop_
_pdbx_nonpoly_scheme.asym_id 
_pdbx_nonpoly_scheme.entity_id 
_pdbx_nonpoly_scheme.mon_id 
_pdbx_nonpoly_scheme.ndb_seq_num 
_pdbx_nonpoly_scheme.pdb_seq_num 
_pdbx_nonpoly_scheme.auth_seq_num 
_pdbx_nonpoly_scheme.pdb_mon_id 
_pdbx_nonpoly_scheme.auth_mon_id 
_pdbx_nonpoly_scheme.pdb_strand_id 
_pdbx_nonpoly_scheme.pdb_ins_code 
B 2 RJ7 1   1201 1201 RJ7 LIG A . 
C 2 RJ7 1   1202 1301 RJ7 LIG A . 
D 3 SO4 1   1203 1    SO4 SO4 A . 
E 3 SO4 1   1204 2    SO4 SO4 A . 
F 4 EDO 1   1205 3    EDO EDO A . 
G 4 EDO 1   1206 5    EDO EDO A . 
H 4 EDO 1   1207 6    EDO EDO A . 
I 5 HOH 1   1301 88   HOH HOH A . 
I 5 HOH 2   1302 134  HOH HOH A . 
I 5 HOH 3   1303 256  HOH HOH A . 
I 5 HOH 4   1304 32   HOH HOH A . 
I 5 HOH 5   1305 184  HOH HOH A . 
I 5 HOH 6   1306 161  HOH HOH A . 
I 5 HOH 7   1307 158  HOH HOH A . 
I 5 HOH 8   1308 79   HOH HOH A . 
I 5 HOH 9   1309 144  HOH HOH A . 
I 5 HOH 10  1310 68   HOH HOH A . 
I 5 HOH 11  1311 118  HOH HOH A . 
I 5 HOH 12  1312 98   HOH HOH A . 
I 5 HOH 13  1313 200  HOH HOH A . 
I 5 HOH 14  1314 258  HOH HOH A . 
I 5 HOH 15  1315 106  HOH HOH A . 
I 5 HOH 16  1316 191  HOH HOH A . 
I 5 HOH 17  1317 128  HOH HOH A . 
I 5 HOH 18  1318 5    HOH HOH A . 
I 5 HOH 19  1319 129  HOH HOH A . 
I 5 HOH 20  1320 50   HOH HOH A . 
I 5 HOH 21  1321 201  HOH HOH A . 
I 5 HOH 22  1322 27   HOH HOH A . 
I 5 HOH 23  1323 28   HOH HOH A . 
I 5 HOH 24  1324 109  HOH HOH A . 
I 5 HOH 25  1325 87   HOH HOH A . 
I 5 HOH 26  1326 203  HOH HOH A . 
I 5 HOH 27  1327 59   HOH HOH A . 
I 5 HOH 28  1328 13   HOH HOH A . 
I 5 HOH 29  1329 194  HOH HOH A . 
I 5 HOH 30  1330 23   HOH HOH A . 
I 5 HOH 31  1331 16   HOH HOH A . 
I 5 HOH 32  1332 163  HOH HOH A . 
I 5 HOH 33  1333 113  HOH HOH A . 
I 5 HOH 34  1334 75   HOH HOH A . 
I 5 HOH 35  1335 142  HOH HOH A . 
I 5 HOH 36  1336 34   HOH HOH A . 
I 5 HOH 37  1337 9    HOH HOH A . 
I 5 HOH 38  1338 56   HOH HOH A . 
I 5 HOH 39  1339 162  HOH HOH A . 
I 5 HOH 40  1340 165  HOH HOH A . 
I 5 HOH 41  1341 31   HOH HOH A . 
I 5 HOH 42  1342 171  HOH HOH A . 
I 5 HOH 43  1343 189  HOH HOH A . 
I 5 HOH 44  1344 64   HOH HOH A . 
I 5 HOH 45  1345 42   HOH HOH A . 
I 5 HOH 46  1346 80   HOH HOH A . 
I 5 HOH 47  1347 17   HOH HOH A . 
I 5 HOH 48  1348 25   HOH HOH A . 
I 5 HOH 49  1349 19   HOH HOH A . 
I 5 HOH 50  1350 120  HOH HOH A . 
I 5 HOH 51  1351 100  HOH HOH A . 
I 5 HOH 52  1352 61   HOH HOH A . 
I 5 HOH 53  1353 177  HOH HOH A . 
I 5 HOH 54  1354 2    HOH HOH A . 
I 5 HOH 55  1355 77   HOH HOH A . 
I 5 HOH 56  1356 221  HOH HOH A . 
I 5 HOH 57  1357 20   HOH HOH A . 
I 5 HOH 58  1358 22   HOH HOH A . 
I 5 HOH 59  1359 14   HOH HOH A . 
I 5 HOH 60  1360 33   HOH HOH A . 
I 5 HOH 61  1361 7    HOH HOH A . 
I 5 HOH 62  1362 21   HOH HOH A . 
I 5 HOH 63  1363 47   HOH HOH A . 
I 5 HOH 64  1364 187  HOH HOH A . 
I 5 HOH 65  1365 140  HOH HOH A . 
I 5 HOH 66  1366 29   HOH HOH A . 
I 5 HOH 67  1367 139  HOH HOH A . 
I 5 HOH 68  1368 236  HOH HOH A . 
I 5 HOH 69  1369 1    HOH HOH A . 
I 5 HOH 70  1370 132  HOH HOH A . 
I 5 HOH 71  1371 24   HOH HOH A . 
I 5 HOH 72  1372 43   HOH HOH A . 
I 5 HOH 73  1373 55   HOH HOH A . 
I 5 HOH 74  1374 160  HOH HOH A . 
I 5 HOH 75  1375 147  HOH HOH A . 
I 5 HOH 76  1376 141  HOH HOH A . 
I 5 HOH 77  1377 6    HOH HOH A . 
I 5 HOH 78  1378 52   HOH HOH A . 
I 5 HOH 79  1379 58   HOH HOH A . 
I 5 HOH 80  1380 154  HOH HOH A . 
I 5 HOH 81  1381 94   HOH HOH A . 
I 5 HOH 82  1382 45   HOH HOH A . 
I 5 HOH 83  1383 46   HOH HOH A . 
I 5 HOH 84  1384 252  HOH HOH A . 
I 5 HOH 85  1385 30   HOH HOH A . 
I 5 HOH 86  1386 131  HOH HOH A . 
I 5 HOH 87  1387 15   HOH HOH A . 
I 5 HOH 88  1388 36   HOH HOH A . 
I 5 HOH 89  1389 172  HOH HOH A . 
I 5 HOH 90  1390 12   HOH HOH A . 
I 5 HOH 91  1391 4    HOH HOH A . 
I 5 HOH 92  1392 240  HOH HOH A . 
I 5 HOH 93  1393 48   HOH HOH A . 
I 5 HOH 94  1394 54   HOH HOH A . 
I 5 HOH 95  1395 107  HOH HOH A . 
I 5 HOH 96  1396 85   HOH HOH A . 
I 5 HOH 97  1397 89   HOH HOH A . 
I 5 HOH 98  1398 40   HOH HOH A . 
I 5 HOH 99  1399 176  HOH HOH A . 
I 5 HOH 100 1400 206  HOH HOH A . 
I 5 HOH 101 1401 216  HOH HOH A . 
I 5 HOH 102 1402 102  HOH HOH A . 
I 5 HOH 103 1403 70   HOH HOH A . 
I 5 HOH 104 1404 111  HOH HOH A . 
I 5 HOH 105 1405 175  HOH HOH A . 
I 5 HOH 106 1406 197  HOH HOH A . 
I 5 HOH 107 1407 49   HOH HOH A . 
I 5 HOH 108 1408 101  HOH HOH A . 
I 5 HOH 109 1409 215  HOH HOH A . 
I 5 HOH 110 1410 73   HOH HOH A . 
I 5 HOH 111 1411 247  HOH HOH A . 
I 5 HOH 112 1412 83   HOH HOH A . 
I 5 HOH 113 1413 3    HOH HOH A . 
I 5 HOH 114 1414 92   HOH HOH A . 
I 5 HOH 115 1415 105  HOH HOH A . 
I 5 HOH 116 1416 130  HOH HOH A . 
I 5 HOH 117 1417 51   HOH HOH A . 
I 5 HOH 118 1418 62   HOH HOH A . 
I 5 HOH 119 1419 155  HOH HOH A . 
I 5 HOH 120 1420 90   HOH HOH A . 
I 5 HOH 121 1421 53   HOH HOH A . 
I 5 HOH 122 1422 82   HOH HOH A . 
I 5 HOH 123 1423 78   HOH HOH A . 
I 5 HOH 124 1424 11   HOH HOH A . 
I 5 HOH 125 1425 18   HOH HOH A . 
I 5 HOH 126 1426 116  HOH HOH A . 
I 5 HOH 127 1427 124  HOH HOH A . 
I 5 HOH 128 1428 39   HOH HOH A . 
I 5 HOH 129 1429 72   HOH HOH A . 
I 5 HOH 130 1430 10   HOH HOH A . 
I 5 HOH 131 1431 95   HOH HOH A . 
I 5 HOH 132 1432 196  HOH HOH A . 
I 5 HOH 133 1433 97   HOH HOH A . 
I 5 HOH 134 1434 234  HOH HOH A . 
I 5 HOH 135 1435 164  HOH HOH A . 
I 5 HOH 136 1436 123  HOH HOH A . 
I 5 HOH 137 1437 26   HOH HOH A . 
I 5 HOH 138 1438 179  HOH HOH A . 
I 5 HOH 139 1439 207  HOH HOH A . 
I 5 HOH 140 1440 253  HOH HOH A . 
I 5 HOH 141 1441 254  HOH HOH A . 
I 5 HOH 142 1442 86   HOH HOH A . 
I 5 HOH 143 1443 209  HOH HOH A . 
I 5 HOH 144 1444 57   HOH HOH A . 
I 5 HOH 145 1445 180  HOH HOH A . 
I 5 HOH 146 1446 246  HOH HOH A . 
I 5 HOH 147 1447 69   HOH HOH A . 
I 5 HOH 148 1448 122  HOH HOH A . 
I 5 HOH 149 1449 96   HOH HOH A . 
I 5 HOH 150 1450 178  HOH HOH A . 
I 5 HOH 151 1451 93   HOH HOH A . 
I 5 HOH 152 1452 188  HOH HOH A . 
I 5 HOH 153 1453 237  HOH HOH A . 
I 5 HOH 154 1454 149  HOH HOH A . 
I 5 HOH 155 1455 38   HOH HOH A . 
I 5 HOH 156 1456 199  HOH HOH A . 
I 5 HOH 157 1457 41   HOH HOH A . 
I 5 HOH 158 1458 114  HOH HOH A . 
I 5 HOH 159 1459 81   HOH HOH A . 
I 5 HOH 160 1460 152  HOH HOH A . 
I 5 HOH 161 1461 66   HOH HOH A . 
I 5 HOH 162 1462 135  HOH HOH A . 
I 5 HOH 163 1463 110  HOH HOH A . 
I 5 HOH 164 1464 167  HOH HOH A . 
I 5 HOH 165 1465 181  HOH HOH A . 
I 5 HOH 166 1466 186  HOH HOH A . 
I 5 HOH 167 1467 91   HOH HOH A . 
I 5 HOH 168 1468 225  HOH HOH A . 
I 5 HOH 169 1469 220  HOH HOH A . 
I 5 HOH 170 1470 60   HOH HOH A . 
I 5 HOH 171 1471 217  HOH HOH A . 
I 5 HOH 172 1472 243  HOH HOH A . 
I 5 HOH 173 1473 115  HOH HOH A . 
I 5 HOH 174 1474 250  HOH HOH A . 
I 5 HOH 175 1475 159  HOH HOH A . 
I 5 HOH 176 1476 150  HOH HOH A . 
I 5 HOH 177 1477 224  HOH HOH A . 
I 5 HOH 178 1478 37   HOH HOH A . 
I 5 HOH 179 1479 76   HOH HOH A . 
I 5 HOH 180 1480 151  HOH HOH A . 
I 5 HOH 181 1481 84   HOH HOH A . 
I 5 HOH 182 1482 210  HOH HOH A . 
I 5 HOH 183 1483 233  HOH HOH A . 
I 5 HOH 184 1484 157  HOH HOH A . 
I 5 HOH 185 1485 112  HOH HOH A . 
I 5 HOH 186 1486 103  HOH HOH A . 
I 5 HOH 187 1487 117  HOH HOH A . 
I 5 HOH 188 1488 8    HOH HOH A . 
I 5 HOH 189 1489 146  HOH HOH A . 
I 5 HOH 190 1490 174  HOH HOH A . 
I 5 HOH 191 1491 127  HOH HOH A . 
I 5 HOH 192 1492 119  HOH HOH A . 
I 5 HOH 193 1493 71   HOH HOH A . 
I 5 HOH 194 1494 137  HOH HOH A . 
I 5 HOH 195 1495 125  HOH HOH A . 
I 5 HOH 196 1496 248  HOH HOH A . 
I 5 HOH 197 1497 44   HOH HOH A . 
I 5 HOH 198 1498 183  HOH HOH A . 
I 5 HOH 199 1499 249  HOH HOH A . 
I 5 HOH 200 1500 74   HOH HOH A . 
I 5 HOH 201 1501 205  HOH HOH A . 
I 5 HOH 202 1502 251  HOH HOH A . 
I 5 HOH 203 1503 148  HOH HOH A . 
I 5 HOH 204 1504 244  HOH HOH A . 
I 5 HOH 205 1505 202  HOH HOH A . 
I 5 HOH 206 1506 35   HOH HOH A . 
I 5 HOH 207 1507 63   HOH HOH A . 
I 5 HOH 208 1508 211  HOH HOH A . 
I 5 HOH 209 1509 168  HOH HOH A . 
I 5 HOH 210 1510 257  HOH HOH A . 
I 5 HOH 211 1511 255  HOH HOH A . 
I 5 HOH 212 1512 219  HOH HOH A . 
I 5 HOH 213 1513 213  HOH HOH A . 
I 5 HOH 214 1514 121  HOH HOH A . 
I 5 HOH 215 1515 136  HOH HOH A . 
I 5 HOH 216 1516 214  HOH HOH A . 
# 
loop_
_pdbx_unobs_or_zero_occ_atoms.id 
_pdbx_unobs_or_zero_occ_atoms.PDB_model_num 
_pdbx_unobs_or_zero_occ_atoms.polymer_flag 
_pdbx_unobs_or_zero_occ_atoms.occupancy_flag 
_pdbx_unobs_or_zero_occ_atoms.auth_asym_id 
_pdbx_unobs_or_zero_occ_atoms.auth_comp_id 
_pdbx_unobs_or_zero_occ_atoms.auth_seq_id 
_pdbx_unobs_or_zero_occ_atoms.PDB_ins_code 
_pdbx_unobs_or_zero_occ_atoms.auth_atom_id 
_pdbx_unobs_or_zero_occ_atoms.label_alt_id 
_pdbx_unobs_or_zero_occ_atoms.label_asym_id 
_pdbx_unobs_or_zero_occ_atoms.label_comp_id 
_pdbx_unobs_or_zero_occ_atoms.label_seq_id 
_pdbx_unobs_or_zero_occ_atoms.label_atom_id 
1 1 Y 1 A LYS 1004 ? CG ? A LYS 26 CG 
2 1 Y 1 A LYS 1004 ? CD ? A LYS 26 CD 
3 1 Y 1 A LYS 1004 ? CE ? A LYS 26 CE 
4 1 Y 1 A LYS 1004 ? NZ ? A LYS 26 NZ 
# 
loop_
_software.pdbx_ordinal 
_software.name 
_software.version 
_software.date 
_software.type 
_software.contact_author 
_software.contact_author_email 
_software.classification 
_software.location 
_software.language 
_software.citation_id 
1 REFMAC      5.8.0238 ?               program 'Garib N. Murshudov' garib@ysbl.york.ac.uk    refinement        
http://www.ccp4.ac.uk/dist/html/refmac5.html        Fortran_77 ? 
2 Aimless     0.5.23   02/02/16        program 'Phil Evans'         ?                        'data scaling'    
http://www.mrc-lmb.cam.ac.uk/harry/pre/aimless.html ?          ? 
3 PDB_EXTRACT 3.23     'SEP. 23, 2016' package PDB                  deposit@deposit.rcsb.org 'data extraction' 
http://sw-tools.pdb.org/apps/PDB_EXTRACT/           C++        ? 
4 XDS         .        ?               program ?                    ?                        'data reduction'  ? ?          ? 
5 REFMAC      .        ?               program ?                    ?                        phasing           ? ?          ? 
# 
_cell.entry_id           5QXT 
_cell.length_a           80.196 
_cell.length_b           80.196 
_cell.length_c           139.066 
_cell.angle_alpha        90.000 
_cell.angle_beta         90.000 
_cell.angle_gamma        120.000 
_cell.Z_PDB              12 
_cell.pdbx_unique_axis   ? 
# 
_symmetry.entry_id                         5QXT 
_symmetry.space_group_name_H-M             'P 65 2 2' 
_symmetry.pdbx_full_space_group_name_H-M   ? 
_symmetry.cell_setting                     ? 
_symmetry.Int_Tables_number                179 
# 
_exptl.crystals_number   1 
_exptl.entry_id          5QXT 
_exptl.method            'X-RAY DIFFRACTION' 
# 
_exptl_crystal.id                    1 
_exptl_crystal.pdbx_mosaicity        0.070 
_exptl_crystal.pdbx_mosaicity_esd    ? 
_exptl_crystal.density_Matthews      4.2 
_exptl_crystal.density_diffrn        ? 
_exptl_crystal.density_meas          ? 
_exptl_crystal.density_meas_temp     ? 
_exptl_crystal.density_percent_sol   70.7 
_exptl_crystal.size_max              ? 
_exptl_crystal.size_mid              ? 
_exptl_crystal.size_min              ? 
_exptl_crystal.size_rad              ? 
_exptl_crystal.description           ? 
# 
_exptl_crystal_grow.crystal_id      1 
_exptl_crystal_grow.method          'VAPOR DIFFUSION, SITTING DROP' 
_exptl_crystal_grow.pH              5.5 
_exptl_crystal_grow.temp            277 
_exptl_crystal_grow.pdbx_details    '1.6M Ammonium Sulfate, 0.1M bis-tris pH 5.5' 
_exptl_crystal_grow.temp_details    ? 
_exptl_crystal_grow.pdbx_pH_range   ? 
# 
_diffrn.id                     1 
_diffrn.ambient_temp           100 
_diffrn.crystal_id             1 
_diffrn.ambient_temp_details   ? 
# 
_diffrn_detector.detector               PIXEL 
_diffrn_detector.type                   'DECTRIS PILATUS 6M' 
_diffrn_detector.pdbx_collection_date   2016-04-23 
_diffrn_detector.diffrn_id              1 
_diffrn_detector.details                ? 
# 
_diffrn_radiation.diffrn_id                        1 
_diffrn_radiation.wavelength_id                    1 
_diffrn_radiation.pdbx_diffrn_protocol             'SINGLE WAVELENGTH' 
_diffrn_radiation.pdbx_monochromatic_or_laue_m_l   ? 
_diffrn_radiation.monochromator                    ? 
_diffrn_radiation.pdbx_scattering_type             x-ray 
# 
_diffrn_radiation_wavelength.id           1 
_diffrn_radiation_wavelength.wavelength   0.92819 
_diffrn_radiation_wavelength.wt           1.0 
# 
_diffrn_source.diffrn_id                   1 
_diffrn_source.source                      SYNCHROTRON 
_diffrn_source.type                        'DIAMOND BEAMLINE I04-1' 
_diffrn_source.pdbx_wavelength_list        0.92819 
_diffrn_source.pdbx_synchrotron_site       Diamond 
_diffrn_source.pdbx_synchrotron_beamline   I04-1 
_diffrn_source.pdbx_wavelength             ? 
# 
_reflns.entry_id                     5QXT 
_reflns.pdbx_diffrn_id               1 
_reflns.pdbx_ordinal                 1 
_reflns.observed_criterion_sigma_I   ? 
_reflns.observed_criterion_sigma_F   ? 
_reflns.d_resolution_low             27.810 
_reflns.d_resolution_high            1.550 
_reflns.number_obs                   39242 
_reflns.number_all                   ? 
_reflns.percent_possible_obs         99.900 
_reflns.pdbx_Rmerge_I_obs            0.066 
_reflns.pdbx_Rsym_value              ? 
_reflns.pdbx_netI_over_sigmaI        29.400 
_reflns.B_iso_Wilson_estimate        ? 
_reflns.pdbx_redundancy              19.300 
_reflns.pdbx_Rrim_I_all              0.068 
_reflns.pdbx_Rpim_I_all              0.016 
_reflns.pdbx_CC_half                 1.000 
_reflns.pdbx_netI_over_av_sigmaI     ? 
_reflns.pdbx_number_measured_all     756821 
_reflns.pdbx_scaling_rejects         0 
_reflns.pdbx_chi_squared             ? 
_reflns.Rmerge_F_all                 ? 
_reflns.Rmerge_F_obs                 ? 
_reflns.observed_criterion_F_max     ? 
_reflns.observed_criterion_F_min     ? 
_reflns.observed_criterion_I_max     ? 
_reflns.observed_criterion_I_min     ? 
_reflns.pdbx_d_res_high_opt          ? 
_reflns.pdbx_d_res_low_opt           ? 
_reflns.details                      ? 
# 
loop_
_reflns_shell.pdbx_diffrn_id 
_reflns_shell.pdbx_ordinal 
_reflns_shell.d_res_high 
_reflns_shell.d_res_low 
_reflns_shell.number_measured_obs 
_reflns_shell.number_measured_all 
_reflns_shell.number_unique_obs 
_reflns_shell.pdbx_rejects 
_reflns_shell.Rmerge_I_obs 
_reflns_shell.meanI_over_sigI_obs 
_reflns_shell.pdbx_Rsym_value 
_reflns_shell.pdbx_chi_squared 
_reflns_shell.pdbx_redundancy 
_reflns_shell.percent_possible_obs 
_reflns_shell.pdbx_netI_over_sigmaI_obs 
_reflns_shell.number_possible 
_reflns_shell.number_unique_all 
_reflns_shell.Rmerge_F_all 
_reflns_shell.Rmerge_F_obs 
_reflns_shell.Rmerge_I_all 
_reflns_shell.meanI_over_sigI_all 
_reflns_shell.percent_possible_all 
_reflns_shell.pdbx_Rrim_I_all 
_reflns_shell.pdbx_Rpim_I_all 
_reflns_shell.pdbx_CC_half 
1 1 1.550 1.590  ? 53206 ? ? 0.747 ? ? ? 19.200 ? 4.300  ? 2769 ? ? ? ? 98.300 0.767 0.173 0.912 
1 2 6.920 27.810 ? 9328  ? ? 0.029 ? ? ? 17.200 ? 86.600 ? 543  ? ? ? ? 98.600 0.030 0.007 1.000 
# 
_refine.entry_id                                 5QXT 
_refine.pdbx_refine_id                           'X-RAY DIFFRACTION' 
_refine.ls_d_res_high                            1.5500 
_refine.ls_d_res_low                             27.8100 
_refine.pdbx_ls_sigma_F                          0.000 
_refine.pdbx_data_cutoff_high_absF               ? 
_refine.pdbx_data_cutoff_low_absF                ? 
_refine.ls_percent_reflns_obs                    99.8900 
_refine.ls_number_reflns_obs                     37206 
_refine.ls_number_reflns_all                     ? 
_refine.pdbx_ls_cross_valid_method               THROUGHOUT 
_refine.ls_matrix_type                           ? 
_refine.pdbx_R_Free_selection_details            RANDOM 
_refine.details                                  
'HYDROGENS HAVE BEEN ADDED IN THE RIDING POSITIONS U VALUES      : REFINED INDIVIDUALLY' 
_refine.ls_R_factor_all                          ? 
_refine.ls_R_factor_obs                          0.1658 
_refine.ls_R_factor_R_work                       0.1653 
_refine.ls_wR_factor_R_work                      ? 
_refine.ls_R_factor_R_free                       0.1762 
_refine.ls_wR_factor_R_free                      ? 
_refine.ls_percent_reflns_R_free                 5.0000 
_refine.ls_number_reflns_R_free                  1967 
_refine.ls_number_reflns_R_work                  ? 
_refine.ls_R_factor_R_free_error                 ? 
_refine.B_iso_mean                               24.0800 
_refine.solvent_model_param_bsol                 ? 
_refine.solvent_model_param_ksol                 ? 
_refine.pdbx_isotropic_thermal_model             ? 
_refine.aniso_B[1][1]                            0.1700 
_refine.aniso_B[2][2]                            0.1700 
_refine.aniso_B[3][3]                            -0.5500 
_refine.aniso_B[1][2]                            0.0900 
_refine.aniso_B[1][3]                            -0.0000 
_refine.aniso_B[2][3]                            0.0000 
_refine.correlation_coeff_Fo_to_Fc               0.9670 
_refine.correlation_coeff_Fo_to_Fc_free          0.9630 
_refine.overall_SU_R_Cruickshank_DPI             ? 
_refine.pdbx_overall_SU_R_free_Cruickshank_DPI   ? 
_refine.pdbx_overall_SU_R_Blow_DPI               ? 
_refine.pdbx_overall_SU_R_free_Blow_DPI          ? 
_refine.overall_SU_R_free                        ? 
_refine.pdbx_overall_ESU_R                       0.0660 
_refine.pdbx_overall_ESU_R_Free                  0.0630 
_refine.overall_SU_ML                            0.0390 
_refine.overall_SU_B                             1.0560 
_refine.solvent_model_details                    MASK 
_refine.pdbx_solvent_vdw_probe_radii             1.2000 
_refine.pdbx_solvent_ion_probe_radii             0.8000 
_refine.pdbx_solvent_shrinkage_radii             0.8000 
_refine.ls_number_parameters                     ? 
_refine.ls_number_restraints                     ? 
_refine.pdbx_starting_model                      3DAI 
_refine.pdbx_method_to_determine_struct          'FOURIER SYNTHESIS' 
_refine.pdbx_stereochemistry_target_values       'MAXIMUM LIKELIHOOD' 
_refine.pdbx_stereochem_target_val_spec_case     ? 
_refine.overall_FOM_work_R_set                   ? 
_refine.B_iso_max                                99.350 
_refine.B_iso_min                                10.570 
_refine.pdbx_overall_phase_error                 ? 
_refine.occupancy_max                            ? 
_refine.occupancy_min                            ? 
_refine.pdbx_diffrn_id                           1 
_refine.pdbx_TLS_residual_ADP_flag               ? 
_refine.pdbx_ls_sigma_I                          ? 
_refine.pdbx_data_cutoff_high_rms_absF           ? 
_refine.ls_R_factor_R_free_error_details         ? 
# 
_refine_hist.cycle_id                         final 
_refine_hist.pdbx_refine_id                   'X-RAY DIFFRACTION' 
_refine_hist.d_res_high                       1.5500 
_refine_hist.d_res_low                        27.8100 
_refine_hist.pdbx_number_atoms_ligand         52 
_refine_hist.number_atoms_solvent             216 
_refine_hist.number_atoms_total               1352 
_refine_hist.pdbx_number_residues_total       130 
_refine_hist.pdbx_B_iso_mean_ligand           39.40 
_refine_hist.pdbx_B_iso_mean_solvent          37.56 
_refine_hist.pdbx_number_atoms_protein        1084 
_refine_hist.pdbx_number_atoms_nucleic_acid   0 
# 
loop_
_refine_ls_restr.pdbx_refine_id 
_refine_ls_restr.type 
_refine_ls_restr.number 
_refine_ls_restr.dev_ideal 
_refine_ls_restr.dev_ideal_target 
_refine_ls_restr.weight 
_refine_ls_restr.pdbx_restraint_function 
'X-RAY DIFFRACTION' r_bond_refined_d       2420 0.013  0.016  ? ? 
'X-RAY DIFFRACTION' r_bond_other_d         1523 0.001  0.017  ? ? 
'X-RAY DIFFRACTION' r_angle_refined_deg    2316 1.928  1.728  ? ? 
'X-RAY DIFFRACTION' r_angle_other_deg      3565 1.453  1.646  ? ? 
'X-RAY DIFFRACTION' r_dihedral_angle_1_deg 219  4.525  5.000  ? ? 
'X-RAY DIFFRACTION' r_dihedral_angle_2_deg 106  27.876 21.604 ? ? 
'X-RAY DIFFRACTION' r_dihedral_angle_3_deg 291  13.268 15.000 ? ? 
'X-RAY DIFFRACTION' r_dihedral_angle_4_deg 19   16.248 15.000 ? ? 
'X-RAY DIFFRACTION' r_chiral_restr         213  0.103  0.200  ? ? 
'X-RAY DIFFRACTION' r_gen_planes_refined   2040 0.009  0.020  ? ? 
'X-RAY DIFFRACTION' r_gen_planes_other     383  0.002  0.020  ? ? 
'X-RAY DIFFRACTION' r_mcbond_it            1050 1.718  1.945  ? ? 
'X-RAY DIFFRACTION' r_mcbond_other         987  1.761  1.842  ? ? 
'X-RAY DIFFRACTION' r_mcangle_it           1007 2.951  2.763  ? ? 
# 
_refine_ls_shell.d_res_high                       1.5480 
_refine_ls_shell.d_res_low                        1.5880 
_refine_ls_shell.pdbx_total_number_of_bins_used   20 
_refine_ls_shell.percent_reflns_obs               99.2900 
_refine_ls_shell.number_reflns_R_work             2647 
_refine_ls_shell.R_factor_all                     ? 
_refine_ls_shell.R_factor_R_work                  0.2230 
_refine_ls_shell.R_factor_R_free                  0.2440 
_refine_ls_shell.percent_reflns_R_free            ? 
_refine_ls_shell.number_reflns_R_free             144 
_refine_ls_shell.R_factor_R_free_error            ? 
_refine_ls_shell.number_reflns_all                2791 
_refine_ls_shell.number_reflns_obs                ? 
_refine_ls_shell.pdbx_refine_id                   'X-RAY DIFFRACTION' 
# 
_struct.entry_id                  5QXT 
_struct.title                     'PanDDA analysis group deposition -- Crystal Structure of ATAD2 in complex with JKH47' 
_struct.pdbx_model_details        ? 
_struct.pdbx_CASP_flag            ? 
_struct.pdbx_model_type_details   ? 
# 
_struct_keywords.entry_id        5QXT 
_struct_keywords.text            
'SGC - Diamond I04-1 fragment screening, PanDDA, XChemExplorer, HYDROLASE-HYDROLASE INHIBITOR complex' 
_struct_keywords.pdbx_keywords   'HYDROLASE/HYDROLASE INHIBITOR' 
# 
loop_
_struct_asym.id 
_struct_asym.pdbx_blank_PDB_chainid_flag 
_struct_asym.pdbx_modified 
_struct_asym.entity_id 
_struct_asym.details 
A N N 1 ? 
B N N 2 ? 
C N N 2 ? 
D N N 3 ? 
E N N 3 ? 
F N N 4 ? 
G N N 4 ? 
H N N 4 ? 
I N N 5 ? 
# 
_struct_ref.id                         1 
_struct_ref.db_name                    UNP 
_struct_ref.db_code                    ATAD2_HUMAN 
_struct_ref.pdbx_db_accession          Q6PL18 
_struct_ref.pdbx_db_isoform            ? 
_struct_ref.entity_id                  1 
_struct_ref.pdbx_seq_one_letter_code   
;QEEDTFRELRIFLRNVTHRLAIDKRFRVFTKPVDPDEVPDYVTVIKQPMDLSSVISKIDLHKYLTVKDYLRDIDLICSNA
LEYNPDRDPGDRLIRHRACALRDTAYAIIKEELDEDFEQLCEEIQESR
;
_struct_ref.pdbx_align_begin           981 
# 
_struct_ref_seq.align_id                      1 
_struct_ref_seq.ref_id                        1 
_struct_ref_seq.pdbx_PDB_id_code              5QXT 
_struct_ref_seq.pdbx_strand_id                A 
_struct_ref_seq.seq_align_beg                 3 
_struct_ref_seq.pdbx_seq_align_beg_ins_code   ? 
_struct_ref_seq.seq_align_end                 130 
_struct_ref_seq.pdbx_seq_align_end_ins_code   ? 
_struct_ref_seq.pdbx_db_accession             Q6PL18 
_struct_ref_seq.db_align_beg                  981 
_struct_ref_seq.pdbx_db_align_beg_ins_code    ? 
_struct_ref_seq.db_align_end                  1108 
_struct_ref_seq.pdbx_db_align_end_ins_code    ? 
_struct_ref_seq.pdbx_auth_seq_align_beg       981 
_struct_ref_seq.pdbx_auth_seq_align_end       1108 
# 
loop_
_struct_ref_seq_dif.align_id 
_struct_ref_seq_dif.pdbx_pdb_id_code 
_struct_ref_seq_dif.mon_id 
_struct_ref_seq_dif.pdbx_pdb_strand_id 
_struct_ref_seq_dif.seq_num 
_struct_ref_seq_dif.pdbx_pdb_ins_code 
_struct_ref_seq_dif.pdbx_seq_db_name 
_struct_ref_seq_dif.pdbx_seq_db_accession_code 
_struct_ref_seq_dif.db_mon_id 
_struct_ref_seq_dif.pdbx_seq_db_seq_num 
_struct_ref_seq_dif.details 
_struct_ref_seq_dif.pdbx_auth_seq_num 
_struct_ref_seq_dif.pdbx_ordinal 
1 5QXT SER A 1  ? UNP Q6PL18 ?   ?    'expression tag' 979  1 
1 5QXT MET A 2  ? UNP Q6PL18 ?   ?    'expression tag' 980  2 
1 5QXT ARG A 44 ? UNP Q6PL18 VAL 1022 conflict         1022 3 
1 5QXT GLU A 49 ? UNP Q6PL18 GLN 1027 conflict         1027 4 
# 
_pdbx_struct_assembly.id                   1 
_pdbx_struct_assembly.details              author_and_software_defined_assembly 
_pdbx_struct_assembly.method_details       PISA 
_pdbx_struct_assembly.oligomeric_details   monomeric 
_pdbx_struct_assembly.oligomeric_count     1 
# 
_pdbx_struct_assembly_gen.assembly_id       1 
_pdbx_struct_assembly_gen.oper_expression   1 
_pdbx_struct_assembly_gen.asym_id_list      A,B,C,D,E,F,G,H,I 
# 
_pdbx_struct_oper_list.id                   1 
_pdbx_struct_oper_list.type                 'identity operation' 
_pdbx_struct_oper_list.name                 1_555 
_pdbx_struct_oper_list.symmetry_operation   x,y,z 
_pdbx_struct_oper_list.matrix[1][1]         1.0000000000 
_pdbx_struct_oper_list.matrix[1][2]         0.0000000000 
_pdbx_struct_oper_list.matrix[1][3]         0.0000000000 
_pdbx_struct_oper_list.vector[1]            0.0000000000 
_pdbx_struct_oper_list.matrix[2][1]         0.0000000000 
_pdbx_struct_oper_list.matrix[2][2]         1.0000000000 
_pdbx_struct_oper_list.matrix[2][3]         0.0000000000 
_pdbx_struct_oper_list.vector[2]            0.0000000000 
_pdbx_struct_oper_list.matrix[3][1]         0.0000000000 
_pdbx_struct_oper_list.matrix[3][2]         0.0000000000 
_pdbx_struct_oper_list.matrix[3][3]         1.0000000000 
_pdbx_struct_oper_list.vector[3]            0.0000000000 
# 
loop_
_struct_conf.conf_type_id 
_struct_conf.id 
_struct_conf.pdbx_PDB_helix_id 
_struct_conf.beg_label_comp_id 
_struct_conf.beg_label_asym_id 
_struct_conf.beg_label_seq_id 
_struct_conf.pdbx_beg_PDB_ins_code 
_struct_conf.end_label_comp_id 
_struct_conf.end_label_asym_id 
_struct_conf.end_label_seq_id 
_struct_conf.pdbx_end_PDB_ins_code 
_struct_conf.beg_auth_comp_id 
_struct_conf.beg_auth_asym_id 
_struct_conf.beg_auth_seq_id 
_struct_conf.end_auth_comp_id 
_struct_conf.end_auth_asym_id 
_struct_conf.end_auth_seq_id 
_struct_conf.pdbx_PDB_helix_class 
_struct_conf.details 
_struct_conf.pdbx_PDB_helix_length 
HELX_P HELX_P1 AA1 SER A 1   ? ILE A 24  ? SER A 979  ILE A 1002 1 ? 24 
HELX_P HELX_P2 AA2 ASP A 25  ? THR A 32  ? ASP A 1003 THR A 1010 5 ? 8  
HELX_P HELX_P3 AA3 ASP A 42  ? ILE A 47  ? ASP A 1020 ILE A 1025 1 ? 6  
HELX_P HELX_P4 AA4 ASP A 52  ? LEU A 62  ? ASP A 1030 LEU A 1040 1 ? 11 
HELX_P HELX_P5 AA5 THR A 67  ? ASN A 86  ? THR A 1045 ASN A 1064 1 ? 20 
HELX_P HELX_P6 AA6 ASP A 90  ? LEU A 115 ? ASP A 1068 LEU A 1093 1 ? 26 
HELX_P HELX_P7 AA7 ASP A 116 ? SER A 129 ? ASP A 1094 SER A 1107 1 ? 14 
# 
_struct_conf_type.id          HELX_P 
_struct_conf_type.criteria    ? 
_struct_conf_type.reference   ? 
# 
loop_
_struct_site.id 
_struct_site.pdbx_evidence_code 
_struct_site.pdbx_auth_asym_id 
_struct_site.pdbx_auth_comp_id 
_struct_site.pdbx_auth_seq_id 
_struct_site.pdbx_auth_ins_code 
_struct_site.pdbx_num_residues 
_struct_site.details 
AC1 Software A RJ7 1201 ? 6 'binding site for residue RJ7 A 1201' 
AC2 Software A RJ7 1202 ? 6 'binding site for residue RJ7 A 1202' 
AC3 Software A SO4 1203 ? 8 'binding site for residue SO4 A 1203' 
AC4 Software A SO4 1204 ? 8 'binding site for residue SO4 A 1204' 
AC5 Software A EDO 1205 ? 5 'binding site for residue EDO A 1205' 
AC6 Software A EDO 1206 ? 3 'binding site for residue EDO A 1206' 
AC7 Software A EDO 1207 ? 2 'binding site for residue EDO A 1207' 
# 
loop_
_struct_site_gen.id 
_struct_site_gen.site_id 
_struct_site_gen.pdbx_num_res 
_struct_site_gen.label_comp_id 
_struct_site_gen.label_asym_id 
_struct_site_gen.label_seq_id 
_struct_site_gen.pdbx_auth_ins_code 
_struct_site_gen.auth_comp_id 
_struct_site_gen.auth_asym_id 
_struct_site_gen.auth_seq_id 
_struct_site_gen.label_atom_id 
_struct_site_gen.label_alt_id 
_struct_site_gen.symmetry 
_struct_site_gen.details 
1  AC1 6 ARG A 44  ? ARG A 1022 . ? 12_564 ? 
2  AC1 6 SER A 55  ? SER A 1033 . ? 1_555  ? 
3  AC1 6 SER A 58  ? SER A 1036 . ? 1_555  ? 
4  AC1 6 HOH I .   ? HOH A 1301 . ? 1_555  ? 
5  AC1 6 HOH I .   ? HOH A 1314 . ? 12_564 ? 
6  AC1 6 HOH I .   ? HOH A 1363 . ? 12_564 ? 
7  AC2 6 HIS A 20  ? HIS A 998  . ? 1_555  ? 
8  AC2 6 ALA A 23  ? ALA A 1001 . ? 1_555  ? 
9  AC2 6 SER A 54  ? SER A 1032 . ? 1_555  ? 
10 AC2 6 ILE A 57  ? ILE A 1035 . ? 1_555  ? 
11 AC2 6 EDO G .   ? EDO A 1206 . ? 10_665 ? 
12 AC2 6 EDO H .   ? EDO A 1207 . ? 1_555  ? 
13 AC3 8 ARG A 9   ? ARG A 987  . ? 6_654  ? 
14 AC3 8 ARG A 12  ? ARG A 990  . ? 6_654  ? 
15 AC3 8 ARG A 16  ? ARG A 994  . ? 6_654  ? 
16 AC3 8 ARG A 89  ? ARG A 1067 . ? 1_555  ? 
17 AC3 8 ARG A 94  ? ARG A 1072 . ? 1_555  ? 
18 AC3 8 HOH I .   ? HOH A 1303 . ? 1_555  ? 
19 AC3 8 HOH I .   ? HOH A 1400 . ? 1_555  ? 
20 AC3 8 HOH I .   ? HOH A 1416 . ? 1_555  ? 
21 AC4 8 LYS A 64  ? LYS A 1042 . ? 12_564 ? 
22 AC4 8 LYS A 64  ? LYS A 1042 . ? 1_555  ? 
23 AC4 8 HOH I .   ? HOH A 1335 . ? 1_555  ? 
24 AC4 8 HOH I .   ? HOH A 1335 . ? 12_564 ? 
25 AC4 8 HOH I .   ? HOH A 1336 . ? 1_555  ? 
26 AC4 8 HOH I .   ? HOH A 1336 . ? 12_564 ? 
27 AC4 8 HOH I .   ? HOH A 1370 . ? 1_555  ? 
28 AC4 8 HOH I .   ? HOH A 1370 . ? 12_564 ? 
29 AC5 5 GLU A 10  ? GLU A 988  . ? 1_555  ? 
30 AC5 5 ASP A 116 ? ASP A 1094 . ? 1_555  ? 
31 AC5 5 PHE A 119 ? PHE A 1097 . ? 1_555  ? 
32 AC5 5 HOH I .   ? HOH A 1354 . ? 1_555  ? 
33 AC5 5 HOH I .   ? HOH A 1411 . ? 1_555  ? 
34 AC6 3 GLU A 113 ? GLU A 1091 . ? 1_555  ? 
35 AC6 3 LEU A 115 ? LEU A 1093 . ? 1_555  ? 
36 AC6 3 RJ7 C .   ? RJ7 A 1202 . ? 10_665 ? 
37 AC7 2 ALA A 23  ? ALA A 1001 . ? 1_555  ? 
38 AC7 2 RJ7 C .   ? RJ7 A 1202 . ? 1_555  ? 
# 
loop_
_pdbx_validate_close_contact.id 
_pdbx_validate_close_contact.PDB_model_num 
_pdbx_validate_close_contact.auth_atom_id_1 
_pdbx_validate_close_contact.auth_asym_id_1 
_pdbx_validate_close_contact.auth_comp_id_1 
_pdbx_validate_close_contact.auth_seq_id_1 
_pdbx_validate_close_contact.PDB_ins_code_1 
_pdbx_validate_close_contact.label_alt_id_1 
_pdbx_validate_close_contact.auth_atom_id_2 
_pdbx_validate_close_contact.auth_asym_id_2 
_pdbx_validate_close_contact.auth_comp_id_2 
_pdbx_validate_close_contact.auth_seq_id_2 
_pdbx_validate_close_contact.PDB_ins_code_2 
_pdbx_validate_close_contact.label_alt_id_2 
_pdbx_validate_close_contact.dist 
1 1 O   A HOH 1467 ? ? O A HOH 1491 ? ? 2.10 
2 1 O   A HOH 1448 ? ? O A HOH 1512 ? ? 2.12 
3 1 O   A HOH 1439 ? ? O A HOH 1501 ? ? 2.12 
4 1 OE1 A GLU 983  ? ? O A HOH 1302 ? ? 2.13 
5 1 O   A HOH 1408 ? ? O A HOH 1468 ? ? 2.18 
# 
_pdbx_validate_rmsd_bond.id                        1 
_pdbx_validate_rmsd_bond.PDB_model_num             1 
_pdbx_validate_rmsd_bond.auth_atom_id_1            CD 
_pdbx_validate_rmsd_bond.auth_asym_id_1            A 
_pdbx_validate_rmsd_bond.auth_comp_id_1            GLU 
_pdbx_validate_rmsd_bond.auth_seq_id_1             1102 
_pdbx_validate_rmsd_bond.PDB_ins_code_1            ? 
_pdbx_validate_rmsd_bond.label_alt_id_1            ? 
_pdbx_validate_rmsd_bond.auth_atom_id_2            OE2 
_pdbx_validate_rmsd_bond.auth_asym_id_2            A 
_pdbx_validate_rmsd_bond.auth_comp_id_2            GLU 
_pdbx_validate_rmsd_bond.auth_seq_id_2             1102 
_pdbx_validate_rmsd_bond.PDB_ins_code_2            ? 
_pdbx_validate_rmsd_bond.label_alt_id_2            ? 
_pdbx_validate_rmsd_bond.bond_value                1.325 
_pdbx_validate_rmsd_bond.bond_target_value         1.252 
_pdbx_validate_rmsd_bond.bond_deviation            0.073 
_pdbx_validate_rmsd_bond.bond_standard_deviation   0.011 
_pdbx_validate_rmsd_bond.linker_flag               N 
# 
loop_
_pdbx_validate_rmsd_angle.id 
_pdbx_validate_rmsd_angle.PDB_model_num 
_pdbx_validate_rmsd_angle.auth_atom_id_1 
_pdbx_validate_rmsd_angle.auth_asym_id_1 
_pdbx_validate_rmsd_angle.auth_comp_id_1 
_pdbx_validate_rmsd_angle.auth_seq_id_1 
_pdbx_validate_rmsd_angle.PDB_ins_code_1 
_pdbx_validate_rmsd_angle.label_alt_id_1 
_pdbx_validate_rmsd_angle.auth_atom_id_2 
_pdbx_validate_rmsd_angle.auth_asym_id_2 
_pdbx_validate_rmsd_angle.auth_comp_id_2 
_pdbx_validate_rmsd_angle.auth_seq_id_2 
_pdbx_validate_rmsd_angle.PDB_ins_code_2 
_pdbx_validate_rmsd_angle.label_alt_id_2 
_pdbx_validate_rmsd_angle.auth_atom_id_3 
_pdbx_validate_rmsd_angle.auth_asym_id_3 
_pdbx_validate_rmsd_angle.auth_comp_id_3 
_pdbx_validate_rmsd_angle.auth_seq_id_3 
_pdbx_validate_rmsd_angle.PDB_ins_code_3 
_pdbx_validate_rmsd_angle.label_alt_id_3 
_pdbx_validate_rmsd_angle.angle_value 
_pdbx_validate_rmsd_angle.angle_target_value 
_pdbx_validate_rmsd_angle.angle_deviation 
_pdbx_validate_rmsd_angle.angle_standard_deviation 
_pdbx_validate_rmsd_angle.linker_flag 
1 1 NE A ARG 987  ? B CZ A ARG 987  ? B NH1 A ARG 987  ? B 116.21 120.30 -4.09 0.50 N 
2 1 NE A ARG 994  ? ? CZ A ARG 994  ? ? NH1 A ARG 994  ? ? 124.21 120.30 3.91  0.50 N 
3 1 NE A ARG 994  ? ? CZ A ARG 994  ? ? NH2 A ARG 994  ? ? 117.11 120.30 -3.19 0.50 N 
4 1 NE A ARG 1067 ? ? CZ A ARG 1067 ? ? NH2 A ARG 1067 ? ? 116.10 120.30 -4.20 0.50 N 
# 
loop_
_pdbx_struct_special_symmetry.id 
_pdbx_struct_special_symmetry.PDB_model_num 
_pdbx_struct_special_symmetry.auth_asym_id 
_pdbx_struct_special_symmetry.auth_comp_id 
_pdbx_struct_special_symmetry.auth_seq_id 
_pdbx_struct_special_symmetry.PDB_ins_code 
_pdbx_struct_special_symmetry.label_asym_id 
_pdbx_struct_special_symmetry.label_comp_id 
_pdbx_struct_special_symmetry.label_seq_id 
1 1 A SO4 1204 ? E SO4 . 
2 1 A HOH 1344 ? I HOH . 
# 
_phasing.method   MR 
# 
_pdbx_entry_details.entry_id                 5QXT 
_pdbx_entry_details.has_ligand_of_interest   Y 
_pdbx_entry_details.compound_details         ? 
_pdbx_entry_details.source_details           ? 
_pdbx_entry_details.nonpolymer_details       ? 
_pdbx_entry_details.sequence_details         ? 
# 
loop_
_chem_comp_atom.comp_id 
_chem_comp_atom.atom_id 
_chem_comp_atom.type_symbol 
_chem_comp_atom.pdbx_aromatic_flag 
_chem_comp_atom.pdbx_stereo_config 
_chem_comp_atom.pdbx_ordinal 
ALA N    N N N 1   
ALA CA   C N S 2   
ALA C    C N N 3   
ALA O    O N N 4   
ALA CB   C N N 5   
ALA OXT  O N N 6   
ALA H    H N N 7   
ALA H2   H N N 8   
ALA HA   H N N 9   
ALA HB1  H N N 10  
ALA HB2  H N N 11  
ALA HB3  H N N 12  
ALA HXT  H N N 13  
ARG N    N N N 14  
ARG CA   C N S 15  
ARG C    C N N 16  
ARG O    O N N 17  
ARG CB   C N N 18  
ARG CG   C N N 19  
ARG CD   C N N 20  
ARG NE   N N N 21  
ARG CZ   C N N 22  
ARG NH1  N N N 23  
ARG NH2  N N N 24  
ARG OXT  O N N 25  
ARG H    H N N 26  
ARG H2   H N N 27  
ARG HA   H N N 28  
ARG HB2  H N N 29  
ARG HB3  H N N 30  
ARG HG2  H N N 31  
ARG HG3  H N N 32  
ARG HD2  H N N 33  
ARG HD3  H N N 34  
ARG HE   H N N 35  
ARG HH11 H N N 36  
ARG HH12 H N N 37  
ARG HH21 H N N 38  
ARG HH22 H N N 39  
ARG HXT  H N N 40  
ASN N    N N N 41  
ASN CA   C N S 42  
ASN C    C N N 43  
ASN O    O N N 44  
ASN CB   C N N 45  
ASN CG   C N N 46  
ASN OD1  O N N 47  
ASN ND2  N N N 48  
ASN OXT  O N N 49  
ASN H    H N N 50  
ASN H2   H N N 51  
ASN HA   H N N 52  
ASN HB2  H N N 53  
ASN HB3  H N N 54  
ASN HD21 H N N 55  
ASN HD22 H N N 56  
ASN HXT  H N N 57  
ASP N    N N N 58  
ASP CA   C N S 59  
ASP C    C N N 60  
ASP O    O N N 61  
ASP CB   C N N 62  
ASP CG   C N N 63  
ASP OD1  O N N 64  
ASP OD2  O N N 65  
ASP OXT  O N N 66  
ASP H    H N N 67  
ASP H2   H N N 68  
ASP HA   H N N 69  
ASP HB2  H N N 70  
ASP HB3  H N N 71  
ASP HD2  H N N 72  
ASP HXT  H N N 73  
CYS N    N N N 74  
CYS CA   C N R 75  
CYS C    C N N 76  
CYS O    O N N 77  
CYS CB   C N N 78  
CYS SG   S N N 79  
CYS OXT  O N N 80  
CYS H    H N N 81  
CYS H2   H N N 82  
CYS HA   H N N 83  
CYS HB2  H N N 84  
CYS HB3  H N N 85  
CYS HG   H N N 86  
CYS HXT  H N N 87  
EDO C1   C N N 88  
EDO O1   O N N 89  
EDO C2   C N N 90  
EDO O2   O N N 91  
EDO H11  H N N 92  
EDO H12  H N N 93  
EDO HO1  H N N 94  
EDO H21  H N N 95  
EDO H22  H N N 96  
EDO HO2  H N N 97  
GLN N    N N N 98  
GLN CA   C N S 99  
GLN C    C N N 100 
GLN O    O N N 101 
GLN CB   C N N 102 
GLN CG   C N N 103 
GLN CD   C N N 104 
GLN OE1  O N N 105 
GLN NE2  N N N 106 
GLN OXT  O N N 107 
GLN H    H N N 108 
GLN H2   H N N 109 
GLN HA   H N N 110 
GLN HB2  H N N 111 
GLN HB3  H N N 112 
GLN HG2  H N N 113 
GLN HG3  H N N 114 
GLN HE21 H N N 115 
GLN HE22 H N N 116 
GLN HXT  H N N 117 
GLU N    N N N 118 
GLU CA   C N S 119 
GLU C    C N N 120 
GLU O    O N N 121 
GLU CB   C N N 122 
GLU CG   C N N 123 
GLU CD   C N N 124 
GLU OE1  O N N 125 
GLU OE2  O N N 126 
GLU OXT  O N N 127 
GLU H    H N N 128 
GLU H2   H N N 129 
GLU HA   H N N 130 
GLU HB2  H N N 131 
GLU HB3  H N N 132 
GLU HG2  H N N 133 
GLU HG3  H N N 134 
GLU HE2  H N N 135 
GLU HXT  H N N 136 
GLY N    N N N 137 
GLY CA   C N N 138 
GLY C    C N N 139 
GLY O    O N N 140 
GLY OXT  O N N 141 
GLY H    H N N 142 
GLY H2   H N N 143 
GLY HA2  H N N 144 
GLY HA3  H N N 145 
GLY HXT  H N N 146 
HIS N    N N N 147 
HIS CA   C N S 148 
HIS C    C N N 149 
HIS O    O N N 150 
HIS CB   C N N 151 
HIS CG   C Y N 152 
HIS ND1  N Y N 153 
HIS CD2  C Y N 154 
HIS CE1  C Y N 155 
HIS NE2  N Y N 156 
HIS OXT  O N N 157 
HIS H    H N N 158 
HIS H2   H N N 159 
HIS HA   H N N 160 
HIS HB2  H N N 161 
HIS HB3  H N N 162 
HIS HD1  H N N 163 
HIS HD2  H N N 164 
HIS HE1  H N N 165 
HIS HE2  H N N 166 
HIS HXT  H N N 167 
HOH O    O N N 168 
HOH H1   H N N 169 
HOH H2   H N N 170 
ILE N    N N N 171 
ILE CA   C N S 172 
ILE C    C N N 173 
ILE O    O N N 174 
ILE CB   C N S 175 
ILE CG1  C N N 176 
ILE CG2  C N N 177 
ILE CD1  C N N 178 
ILE OXT  O N N 179 
ILE H    H N N 180 
ILE H2   H N N 181 
ILE HA   H N N 182 
ILE HB   H N N 183 
ILE HG12 H N N 184 
ILE HG13 H N N 185 
ILE HG21 H N N 186 
ILE HG22 H N N 187 
ILE HG23 H N N 188 
ILE HD11 H N N 189 
ILE HD12 H N N 190 
ILE HD13 H N N 191 
ILE HXT  H N N 192 
LEU N    N N N 193 
LEU CA   C N S 194 
LEU C    C N N 195 
LEU O    O N N 196 
LEU CB   C N N 197 
LEU CG   C N N 198 
LEU CD1  C N N 199 
LEU CD2  C N N 200 
LEU OXT  O N N 201 
LEU H    H N N 202 
LEU H2   H N N 203 
LEU HA   H N N 204 
LEU HB2  H N N 205 
LEU HB3  H N N 206 
LEU HG   H N N 207 
LEU HD11 H N N 208 
LEU HD12 H N N 209 
LEU HD13 H N N 210 
LEU HD21 H N N 211 
LEU HD22 H N N 212 
LEU HD23 H N N 213 
LEU HXT  H N N 214 
LYS N    N N N 215 
LYS CA   C N S 216 
LYS C    C N N 217 
LYS O    O N N 218 
LYS CB   C N N 219 
LYS CG   C N N 220 
LYS CD   C N N 221 
LYS CE   C N N 222 
LYS NZ   N N N 223 
LYS OXT  O N N 224 
LYS H    H N N 225 
LYS H2   H N N 226 
LYS HA   H N N 227 
LYS HB2  H N N 228 
LYS HB3  H N N 229 
LYS HG2  H N N 230 
LYS HG3  H N N 231 
LYS HD2  H N N 232 
LYS HD3  H N N 233 
LYS HE2  H N N 234 
LYS HE3  H N N 235 
LYS HZ1  H N N 236 
LYS HZ2  H N N 237 
LYS HZ3  H N N 238 
LYS HXT  H N N 239 
MET N    N N N 240 
MET CA   C N S 241 
MET C    C N N 242 
MET O    O N N 243 
MET CB   C N N 244 
MET CG   C N N 245 
MET SD   S N N 246 
MET CE   C N N 247 
MET OXT  O N N 248 
MET H    H N N 249 
MET H2   H N N 250 
MET HA   H N N 251 
MET HB2  H N N 252 
MET HB3  H N N 253 
MET HG2  H N N 254 
MET HG3  H N N 255 
MET HE1  H N N 256 
MET HE2  H N N 257 
MET HE3  H N N 258 
MET HXT  H N N 259 
PHE N    N N N 260 
PHE CA   C N S 261 
PHE C    C N N 262 
PHE O    O N N 263 
PHE CB   C N N 264 
PHE CG   C Y N 265 
PHE CD1  C Y N 266 
PHE CD2  C Y N 267 
PHE CE1  C Y N 268 
PHE CE2  C Y N 269 
PHE CZ   C Y N 270 
PHE OXT  O N N 271 
PHE H    H N N 272 
PHE H2   H N N 273 
PHE HA   H N N 274 
PHE HB2  H N N 275 
PHE HB3  H N N 276 
PHE HD1  H N N 277 
PHE HD2  H N N 278 
PHE HE1  H N N 279 
PHE HE2  H N N 280 
PHE HZ   H N N 281 
PHE HXT  H N N 282 
PRO N    N N N 283 
PRO CA   C N S 284 
PRO C    C N N 285 
PRO O    O N N 286 
PRO CB   C N N 287 
PRO CG   C N N 288 
PRO CD   C N N 289 
PRO OXT  O N N 290 
PRO H    H N N 291 
PRO HA   H N N 292 
PRO HB2  H N N 293 
PRO HB3  H N N 294 
PRO HG2  H N N 295 
PRO HG3  H N N 296 
PRO HD2  H N N 297 
PRO HD3  H N N 298 
PRO HXT  H N N 299 
RJ7 C10  C Y N 300 
RJ7 C13  C Y N 301 
RJ7 C15  C Y N 302 
RJ7 C01  C N N 303 
RJ7 C02  C N N 304 
RJ7 C04  C N N 305 
RJ7 C06  C N S 306 
RJ7 C08  C N S 307 
RJ7 C11  C Y N 308 
RJ7 C12  C Y N 309 
RJ7 F07  F N N 310 
RJ7 N14  N Y N 311 
RJ7 O03  O N N 312 
RJ7 O05  O N N 313 
RJ7 O09  O N N 314 
RJ7 H1   H N N 315 
RJ7 H2   H N N 316 
RJ7 H3   H N N 317 
RJ7 H4   H N N 318 
RJ7 H5   H N N 319 
RJ7 H6   H N N 320 
RJ7 H7   H N N 321 
RJ7 H8   H N N 322 
RJ7 H9   H N N 323 
RJ7 H10  H N N 324 
RJ7 H11  H N N 325 
RJ7 H12  H N N 326 
SER N    N N N 327 
SER CA   C N S 328 
SER C    C N N 329 
SER O    O N N 330 
SER CB   C N N 331 
SER OG   O N N 332 
SER OXT  O N N 333 
SER H    H N N 334 
SER H2   H N N 335 
SER HA   H N N 336 
SER HB2  H N N 337 
SER HB3  H N N 338 
SER HG   H N N 339 
SER HXT  H N N 340 
SO4 S    S N N 341 
SO4 O1   O N N 342 
SO4 O2   O N N 343 
SO4 O3   O N N 344 
SO4 O4   O N N 345 
THR N    N N N 346 
THR CA   C N S 347 
THR C    C N N 348 
THR O    O N N 349 
THR CB   C N R 350 
THR OG1  O N N 351 
THR CG2  C N N 352 
THR OXT  O N N 353 
THR H    H N N 354 
THR H2   H N N 355 
THR HA   H N N 356 
THR HB   H N N 357 
THR HG1  H N N 358 
THR HG21 H N N 359 
THR HG22 H N N 360 
THR HG23 H N N 361 
THR HXT  H N N 362 
TYR N    N N N 363 
TYR CA   C N S 364 
TYR C    C N N 365 
TYR O    O N N 366 
TYR CB   C N N 367 
TYR CG   C Y N 368 
TYR CD1  C Y N 369 
TYR CD2  C Y N 370 
TYR CE1  C Y N 371 
TYR CE2  C Y N 372 
TYR CZ   C Y N 373 
TYR OH   O N N 374 
TYR OXT  O N N 375 
TYR H    H N N 376 
TYR H2   H N N 377 
TYR HA   H N N 378 
TYR HB2  H N N 379 
TYR HB3  H N N 380 
TYR HD1  H N N 381 
TYR HD2  H N N 382 
TYR HE1  H N N 383 
TYR HE2  H N N 384 
TYR HH   H N N 385 
TYR HXT  H N N 386 
VAL N    N N N 387 
VAL CA   C N S 388 
VAL C    C N N 389 
VAL O    O N N 390 
VAL CB   C N N 391 
VAL CG1  C N N 392 
VAL CG2  C N N 393 
VAL OXT  O N N 394 
VAL H    H N N 395 
VAL H2   H N N 396 
VAL HA   H N N 397 
VAL HB   H N N 398 
VAL HG11 H N N 399 
VAL HG12 H N N 400 
VAL HG13 H N N 401 
VAL HG21 H N N 402 
VAL HG22 H N N 403 
VAL HG23 H N N 404 
VAL HXT  H N N 405 
# 
loop_
_chem_comp_bond.comp_id 
_chem_comp_bond.atom_id_1 
_chem_comp_bond.atom_id_2 
_chem_comp_bond.value_order 
_chem_comp_bond.pdbx_aromatic_flag 
_chem_comp_bond.pdbx_stereo_config 
_chem_comp_bond.pdbx_ordinal 
ALA N   CA   sing N N 1   
ALA N   H    sing N N 2   
ALA N   H2   sing N N 3   
ALA CA  C    sing N N 4   
ALA CA  CB   sing N N 5   
ALA CA  HA   sing N N 6   
ALA C   O    doub N N 7   
ALA C   OXT  sing N N 8   
ALA CB  HB1  sing N N 9   
ALA CB  HB2  sing N N 10  
ALA CB  HB3  sing N N 11  
ALA OXT HXT  sing N N 12  
ARG N   CA   sing N N 13  
ARG N   H    sing N N 14  
ARG N   H2   sing N N 15  
ARG CA  C    sing N N 16  
ARG CA  CB   sing N N 17  
ARG CA  HA   sing N N 18  
ARG C   O    doub N N 19  
ARG C   OXT  sing N N 20  
ARG CB  CG   sing N N 21  
ARG CB  HB2  sing N N 22  
ARG CB  HB3  sing N N 23  
ARG CG  CD   sing N N 24  
ARG CG  HG2  sing N N 25  
ARG CG  HG3  sing N N 26  
ARG CD  NE   sing N N 27  
ARG CD  HD2  sing N N 28  
ARG CD  HD3  sing N N 29  
ARG NE  CZ   sing N N 30  
ARG NE  HE   sing N N 31  
ARG CZ  NH1  sing N N 32  
ARG CZ  NH2  doub N N 33  
ARG NH1 HH11 sing N N 34  
ARG NH1 HH12 sing N N 35  
ARG NH2 HH21 sing N N 36  
ARG NH2 HH22 sing N N 37  
ARG OXT HXT  sing N N 38  
ASN N   CA   sing N N 39  
ASN N   H    sing N N 40  
ASN N   H2   sing N N 41  
ASN CA  C    sing N N 42  
ASN CA  CB   sing N N 43  
ASN CA  HA   sing N N 44  
ASN C   O    doub N N 45  
ASN C   OXT  sing N N 46  
ASN CB  CG   sing N N 47  
ASN CB  HB2  sing N N 48  
ASN CB  HB3  sing N N 49  
ASN CG  OD1  doub N N 50  
ASN CG  ND2  sing N N 51  
ASN ND2 HD21 sing N N 52  
ASN ND2 HD22 sing N N 53  
ASN OXT HXT  sing N N 54  
ASP N   CA   sing N N 55  
ASP N   H    sing N N 56  
ASP N   H2   sing N N 57  
ASP CA  C    sing N N 58  
ASP CA  CB   sing N N 59  
ASP CA  HA   sing N N 60  
ASP C   O    doub N N 61  
ASP C   OXT  sing N N 62  
ASP CB  CG   sing N N 63  
ASP CB  HB2  sing N N 64  
ASP CB  HB3  sing N N 65  
ASP CG  OD1  doub N N 66  
ASP CG  OD2  sing N N 67  
ASP OD2 HD2  sing N N 68  
ASP OXT HXT  sing N N 69  
CYS N   CA   sing N N 70  
CYS N   H    sing N N 71  
CYS N   H2   sing N N 72  
CYS CA  C    sing N N 73  
CYS CA  CB   sing N N 74  
CYS CA  HA   sing N N 75  
CYS C   O    doub N N 76  
CYS C   OXT  sing N N 77  
CYS CB  SG   sing N N 78  
CYS CB  HB2  sing N N 79  
CYS CB  HB3  sing N N 80  
CYS SG  HG   sing N N 81  
CYS OXT HXT  sing N N 82  
EDO C1  O1   sing N N 83  
EDO C1  C2   sing N N 84  
EDO C1  H11  sing N N 85  
EDO C1  H12  sing N N 86  
EDO O1  HO1  sing N N 87  
EDO C2  O2   sing N N 88  
EDO C2  H21  sing N N 89  
EDO C2  H22  sing N N 90  
EDO O2  HO2  sing N N 91  
GLN N   CA   sing N N 92  
GLN N   H    sing N N 93  
GLN N   H2   sing N N 94  
GLN CA  C    sing N N 95  
GLN CA  CB   sing N N 96  
GLN CA  HA   sing N N 97  
GLN C   O    doub N N 98  
GLN C   OXT  sing N N 99  
GLN CB  CG   sing N N 100 
GLN CB  HB2  sing N N 101 
GLN CB  HB3  sing N N 102 
GLN CG  CD   sing N N 103 
GLN CG  HG2  sing N N 104 
GLN CG  HG3  sing N N 105 
GLN CD  OE1  doub N N 106 
GLN CD  NE2  sing N N 107 
GLN NE2 HE21 sing N N 108 
GLN NE2 HE22 sing N N 109 
GLN OXT HXT  sing N N 110 
GLU N   CA   sing N N 111 
GLU N   H    sing N N 112 
GLU N   H2   sing N N 113 
GLU CA  C    sing N N 114 
GLU CA  CB   sing N N 115 
GLU CA  HA   sing N N 116 
GLU C   O    doub N N 117 
GLU C   OXT  sing N N 118 
GLU CB  CG   sing N N 119 
GLU CB  HB2  sing N N 120 
GLU CB  HB3  sing N N 121 
GLU CG  CD   sing N N 122 
GLU CG  HG2  sing N N 123 
GLU CG  HG3  sing N N 124 
GLU CD  OE1  doub N N 125 
GLU CD  OE2  sing N N 126 
GLU OE2 HE2  sing N N 127 
GLU OXT HXT  sing N N 128 
GLY N   CA   sing N N 129 
GLY N   H    sing N N 130 
GLY N   H2   sing N N 131 
GLY CA  C    sing N N 132 
GLY CA  HA2  sing N N 133 
GLY CA  HA3  sing N N 134 
GLY C   O    doub N N 135 
GLY C   OXT  sing N N 136 
GLY OXT HXT  sing N N 137 
HIS N   CA   sing N N 138 
HIS N   H    sing N N 139 
HIS N   H2   sing N N 140 
HIS CA  C    sing N N 141 
HIS CA  CB   sing N N 142 
HIS CA  HA   sing N N 143 
HIS C   O    doub N N 144 
HIS C   OXT  sing N N 145 
HIS CB  CG   sing N N 146 
HIS CB  HB2  sing N N 147 
HIS CB  HB3  sing N N 148 
HIS CG  ND1  sing Y N 149 
HIS CG  CD2  doub Y N 150 
HIS ND1 CE1  doub Y N 151 
HIS ND1 HD1  sing N N 152 
HIS CD2 NE2  sing Y N 153 
HIS CD2 HD2  sing N N 154 
HIS CE1 NE2  sing Y N 155 
HIS CE1 HE1  sing N N 156 
HIS NE2 HE2  sing N N 157 
HIS OXT HXT  sing N N 158 
HOH O   H1   sing N N 159 
HOH O   H2   sing N N 160 
ILE N   CA   sing N N 161 
ILE N   H    sing N N 162 
ILE N   H2   sing N N 163 
ILE CA  C    sing N N 164 
ILE CA  CB   sing N N 165 
ILE CA  HA   sing N N 166 
ILE C   O    doub N N 167 
ILE C   OXT  sing N N 168 
ILE CB  CG1  sing N N 169 
ILE CB  CG2  sing N N 170 
ILE CB  HB   sing N N 171 
ILE CG1 CD1  sing N N 172 
ILE CG1 HG12 sing N N 173 
ILE CG1 HG13 sing N N 174 
ILE CG2 HG21 sing N N 175 
ILE CG2 HG22 sing N N 176 
ILE CG2 HG23 sing N N 177 
ILE CD1 HD11 sing N N 178 
ILE CD1 HD12 sing N N 179 
ILE CD1 HD13 sing N N 180 
ILE OXT HXT  sing N N 181 
LEU N   CA   sing N N 182 
LEU N   H    sing N N 183 
LEU N   H2   sing N N 184 
LEU CA  C    sing N N 185 
LEU CA  CB   sing N N 186 
LEU CA  HA   sing N N 187 
LEU C   O    doub N N 188 
LEU C   OXT  sing N N 189 
LEU CB  CG   sing N N 190 
LEU CB  HB2  sing N N 191 
LEU CB  HB3  sing N N 192 
LEU CG  CD1  sing N N 193 
LEU CG  CD2  sing N N 194 
LEU CG  HG   sing N N 195 
LEU CD1 HD11 sing N N 196 
LEU CD1 HD12 sing N N 197 
LEU CD1 HD13 sing N N 198 
LEU CD2 HD21 sing N N 199 
LEU CD2 HD22 sing N N 200 
LEU CD2 HD23 sing N N 201 
LEU OXT HXT  sing N N 202 
LYS N   CA   sing N N 203 
LYS N   H    sing N N 204 
LYS N   H2   sing N N 205 
LYS CA  C    sing N N 206 
LYS CA  CB   sing N N 207 
LYS CA  HA   sing N N 208 
LYS C   O    doub N N 209 
LYS C   OXT  sing N N 210 
LYS CB  CG   sing N N 211 
LYS CB  HB2  sing N N 212 
LYS CB  HB3  sing N N 213 
LYS CG  CD   sing N N 214 
LYS CG  HG2  sing N N 215 
LYS CG  HG3  sing N N 216 
LYS CD  CE   sing N N 217 
LYS CD  HD2  sing N N 218 
LYS CD  HD3  sing N N 219 
LYS CE  NZ   sing N N 220 
LYS CE  HE2  sing N N 221 
LYS CE  HE3  sing N N 222 
LYS NZ  HZ1  sing N N 223 
LYS NZ  HZ2  sing N N 224 
LYS NZ  HZ3  sing N N 225 
LYS OXT HXT  sing N N 226 
MET N   CA   sing N N 227 
MET N   H    sing N N 228 
MET N   H2   sing N N 229 
MET CA  C    sing N N 230 
MET CA  CB   sing N N 231 
MET CA  HA   sing N N 232 
MET C   O    doub N N 233 
MET C   OXT  sing N N 234 
MET CB  CG   sing N N 235 
MET CB  HB2  sing N N 236 
MET CB  HB3  sing N N 237 
MET CG  SD   sing N N 238 
MET CG  HG2  sing N N 239 
MET CG  HG3  sing N N 240 
MET SD  CE   sing N N 241 
MET CE  HE1  sing N N 242 
MET CE  HE2  sing N N 243 
MET CE  HE3  sing N N 244 
MET OXT HXT  sing N N 245 
PHE N   CA   sing N N 246 
PHE N   H    sing N N 247 
PHE N   H2   sing N N 248 
PHE CA  C    sing N N 249 
PHE CA  CB   sing N N 250 
PHE CA  HA   sing N N 251 
PHE C   O    doub N N 252 
PHE C   OXT  sing N N 253 
PHE CB  CG   sing N N 254 
PHE CB  HB2  sing N N 255 
PHE CB  HB3  sing N N 256 
PHE CG  CD1  doub Y N 257 
PHE CG  CD2  sing Y N 258 
PHE CD1 CE1  sing Y N 259 
PHE CD1 HD1  sing N N 260 
PHE CD2 CE2  doub Y N 261 
PHE CD2 HD2  sing N N 262 
PHE CE1 CZ   doub Y N 263 
PHE CE1 HE1  sing N N 264 
PHE CE2 CZ   sing Y N 265 
PHE CE2 HE2  sing N N 266 
PHE CZ  HZ   sing N N 267 
PHE OXT HXT  sing N N 268 
PRO N   CA   sing N N 269 
PRO N   CD   sing N N 270 
PRO N   H    sing N N 271 
PRO CA  C    sing N N 272 
PRO CA  CB   sing N N 273 
PRO CA  HA   sing N N 274 
PRO C   O    doub N N 275 
PRO C   OXT  sing N N 276 
PRO CB  CG   sing N N 277 
PRO CB  HB2  sing N N 278 
PRO CB  HB3  sing N N 279 
PRO CG  CD   sing N N 280 
PRO CG  HG2  sing N N 281 
PRO CG  HG3  sing N N 282 
PRO CD  HD2  sing N N 283 
PRO CD  HD3  sing N N 284 
PRO OXT HXT  sing N N 285 
RJ7 O05 C04  doub N N 286 
RJ7 C02 C01  sing N N 287 
RJ7 C02 O03  sing N N 288 
RJ7 C04 O03  sing N N 289 
RJ7 C04 C06  sing N N 290 
RJ7 C06 F07  sing N N 291 
RJ7 C06 C08  sing N N 292 
RJ7 O09 C08  sing N N 293 
RJ7 C08 C10  sing N N 294 
RJ7 C11 C10  doub Y N 295 
RJ7 C11 C12  sing Y N 296 
RJ7 C10 C15  sing Y N 297 
RJ7 C12 C13  doub Y N 298 
RJ7 C15 N14  doub Y N 299 
RJ7 C13 N14  sing Y N 300 
RJ7 C13 H1   sing N N 301 
RJ7 C15 H2   sing N N 302 
RJ7 C01 H3   sing N N 303 
RJ7 C01 H4   sing N N 304 
RJ7 C01 H5   sing N N 305 
RJ7 C02 H6   sing N N 306 
RJ7 C02 H7   sing N N 307 
RJ7 C06 H8   sing N N 308 
RJ7 C08 H9   sing N N 309 
RJ7 C11 H10  sing N N 310 
RJ7 C12 H11  sing N N 311 
RJ7 O09 H12  sing N N 312 
SER N   CA   sing N N 313 
SER N   H    sing N N 314 
SER N   H2   sing N N 315 
SER CA  C    sing N N 316 
SER CA  CB   sing N N 317 
SER CA  HA   sing N N 318 
SER C   O    doub N N 319 
SER C   OXT  sing N N 320 
SER CB  OG   sing N N 321 
SER CB  HB2  sing N N 322 
SER CB  HB3  sing N N 323 
SER OG  HG   sing N N 324 
SER OXT HXT  sing N N 325 
SO4 S   O1   doub N N 326 
SO4 S   O2   doub N N 327 
SO4 S   O3   sing N N 328 
SO4 S   O4   sing N N 329 
THR N   CA   sing N N 330 
THR N   H    sing N N 331 
THR N   H2   sing N N 332 
THR CA  C    sing N N 333 
THR CA  CB   sing N N 334 
THR CA  HA   sing N N 335 
THR C   O    doub N N 336 
THR C   OXT  sing N N 337 
THR CB  OG1  sing N N 338 
THR CB  CG2  sing N N 339 
THR CB  HB   sing N N 340 
THR OG1 HG1  sing N N 341 
THR CG2 HG21 sing N N 342 
THR CG2 HG22 sing N N 343 
THR CG2 HG23 sing N N 344 
THR OXT HXT  sing N N 345 
TYR N   CA   sing N N 346 
TYR N   H    sing N N 347 
TYR N   H2   sing N N 348 
TYR CA  C    sing N N 349 
TYR CA  CB   sing N N 350 
TYR CA  HA   sing N N 351 
TYR C   O    doub N N 352 
TYR C   OXT  sing N N 353 
TYR CB  CG   sing N N 354 
TYR CB  HB2  sing N N 355 
TYR CB  HB3  sing N N 356 
TYR CG  CD1  doub Y N 357 
TYR CG  CD2  sing Y N 358 
TYR CD1 CE1  sing Y N 359 
TYR CD1 HD1  sing N N 360 
TYR CD2 CE2  doub Y N 361 
TYR CD2 HD2  sing N N 362 
TYR CE1 CZ   doub Y N 363 
TYR CE1 HE1  sing N N 364 
TYR CE2 CZ   sing Y N 365 
TYR CE2 HE2  sing N N 366 
TYR CZ  OH   sing N N 367 
TYR OH  HH   sing N N 368 
TYR OXT HXT  sing N N 369 
VAL N   CA   sing N N 370 
VAL N   H    sing N N 371 
VAL N   H2   sing N N 372 
VAL CA  C    sing N N 373 
VAL CA  CB   sing N N 374 
VAL CA  HA   sing N N 375 
VAL C   O    doub N N 376 
VAL C   OXT  sing N N 377 
VAL CB  CG1  sing N N 378 
VAL CB  CG2  sing N N 379 
VAL CB  HB   sing N N 380 
VAL CG1 HG11 sing N N 381 
VAL CG1 HG12 sing N N 382 
VAL CG1 HG13 sing N N 383 
VAL CG2 HG21 sing N N 384 
VAL CG2 HG22 sing N N 385 
VAL CG2 HG23 sing N N 386 
VAL OXT HXT  sing N N 387 
# 
_pdbx_deposit_group.group_id            G_1002118 
_pdbx_deposit_group.group_description   
;Bromodomain of human ATAD2 screened against the Leeds 3D Fragment Library by X-ray Crystallography at the XChem
facility of Diamond Light Source beamline I04-1
;
_pdbx_deposit_group.group_title         'PanDDA analysis group deposition - Bromodomain of human ATAD2 fragment screening' 
_pdbx_deposit_group.group_type          'changed state' 
# 
_pdbx_entity_instance_feature.ordinal        1 
_pdbx_entity_instance_feature.comp_id        RJ7 
_pdbx_entity_instance_feature.asym_id        ? 
_pdbx_entity_instance_feature.seq_num        ? 
_pdbx_entity_instance_feature.auth_comp_id   RJ7 
_pdbx_entity_instance_feature.auth_asym_id   ? 
_pdbx_entity_instance_feature.auth_seq_num   ? 
_pdbx_entity_instance_feature.feature_type   'SUBJECT OF INVESTIGATION' 
_pdbx_entity_instance_feature.details        ? 
# 
_atom_sites.entry_id                    5QXT 
_atom_sites.fract_transf_matrix[1][1]   0.00533393 
_atom_sites.fract_transf_matrix[1][2]   0.01319552 
_atom_sites.fract_transf_matrix[1][3]   0.00217462 
_atom_sites.fract_transf_matrix[2][1]   -0.00284026 
_atom_sites.fract_transf_matrix[2][2]   0.01054873 
_atom_sites.fract_transf_matrix[2][3]   -0.00937868 
_atom_sites.fract_transf_matrix[3][1]   -0.00587589 
_atom_sites.fract_transf_matrix[3][2]   0.00175635 
_atom_sites.fract_transf_matrix[3][3]   0.00375494 
_atom_sites.fract_transf_vector[1]      0.447373 
_atom_sites.fract_transf_vector[2]      0.597910 
_atom_sites.fract_transf_vector[3]      -0.026528 
# 
loop_
_atom_type.symbol 
C 
F 
N 
O 
S 
# 
loop_
_atom_site.group_PDB 
_atom_site.id 
_atom_site.type_symbol 
_atom_site.label_atom_id 
_atom_site.label_alt_id 
_atom_site.label_comp_id 
_atom_site.label_asym_id 
_atom_site.label_entity_id 
_atom_site.label_seq_id 
_atom_site.pdbx_PDB_ins_code 
_atom_site.Cartn_x 
_atom_site.Cartn_y 
_atom_site.Cartn_z 
_atom_site.occupancy 
_atom_site.B_iso_or_equiv 
_atom_site.pdbx_formal_charge 
_atom_site.auth_seq_id 
_atom_site.auth_comp_id 
_atom_site.auth_asym_id 
_atom_site.auth_atom_id 
_atom_site.pdbx_PDB_model_num 
ATOM   1    N N   . SER A 1 1   ? -20.468 -10.689 -13.338 1.00 29.32 ? 979  SER A N   1 
ATOM   2    C CA  . SER A 1 1   ? -21.847 -10.431 -12.894 1.00 33.92 ? 979  SER A CA  1 
ATOM   3    C C   . SER A 1 1   ? -21.884 -9.089  -12.143 1.00 40.82 ? 979  SER A C   1 
ATOM   4    O O   . SER A 1 1   ? -20.784 -8.590  -11.760 1.00 29.91 ? 979  SER A O   1 
ATOM   5    C CB  . SER A 1 1   ? -22.355 -11.551 -12.022 1.00 37.47 ? 979  SER A CB  1 
ATOM   6    O OG  . SER A 1 1   ? -21.603 -11.651 -10.792 1.00 33.29 ? 979  SER A OG  1 
ATOM   7    N N   . MET A 1 2   ? -23.075 -8.506  -11.999 1.00 36.14 ? 980  MET A N   1 
ATOM   8    C CA  . MET A 1 2   ? -23.318 -7.301  -11.164 1.00 40.61 ? 980  MET A CA  1 
ATOM   9    C C   . MET A 1 2   ? -22.834 -7.594  -9.744  1.00 33.78 ? 980  MET A C   1 
ATOM   10   O O   . MET A 1 2   ? -22.243 -6.698  -9.101  1.00 28.98 ? 980  MET A O   1 
ATOM   11   C CB  . MET A 1 2   ? -24.814 -6.951  -11.108 1.00 47.43 ? 980  MET A CB  1 
ATOM   12   C CG  . MET A 1 2   ? -25.171 -5.830  -10.118 1.00 58.86 ? 980  MET A CG  1 
ATOM   13   S SD  . MET A 1 2   ? -24.901 -4.176  -10.829 1.00 90.10 ? 980  MET A SD  1 
ATOM   14   C CE  . MET A 1 2   ? -23.112 -4.027  -10.859 1.00 72.96 ? 980  MET A CE  1 
ATOM   15   N N   . GLN A 1 3   ? -23.146 -8.757  -9.214  1.00 28.50 ? 981  GLN A N   1 
ATOM   16   C CA  . GLN A 1 3   ? -22.775 -9.142  -7.835  1.00 31.40 ? 981  GLN A CA  1 
ATOM   17   C C   . GLN A 1 3   ? -21.239 -9.098  -7.700  1.00 24.74 ? 981  GLN A C   1 
ATOM   18   O O   . GLN A 1 3   ? -20.778 -8.613  -6.652  1.00 23.57 ? 981  GLN A O   1 
ATOM   19   C CB  . GLN A 1 3   ? -23.342 -10.505 -7.447  1.00 37.51 ? 981  GLN A CB  1 
ATOM   20   C CG  . GLN A 1 3   ? -24.863 -10.561 -7.632  1.00 51.80 ? 981  GLN A CG  1 
ATOM   21   C CD  . GLN A 1 3   ? -25.212 -11.202 -8.962  1.00 61.51 ? 981  GLN A CD  1 
ATOM   22   O OE1 . GLN A 1 3   ? -25.289 -10.551 -10.024 1.00 60.45 ? 981  GLN A OE1 1 
ATOM   23   N NE2 . GLN A 1 3   ? -25.325 -12.522 -8.922  1.00 68.81 ? 981  GLN A NE2 1 
ATOM   24   N N   . GLU A 1 4   ? -20.485 -9.637  -8.639  1.00 22.15 ? 982  GLU A N   1 
ATOM   25   C CA  . GLU A 1 4   ? -18.989 -9.576  -8.633  1.00 19.92 ? 982  GLU A CA  1 
ATOM   26   C C   . GLU A 1 4   ? -18.558 -8.108  -8.722  1.00 18.66 ? 982  GLU A C   1 
ATOM   27   O O   . GLU A 1 4   ? -17.568 -7.736  -7.969  1.00 17.00 ? 982  GLU A O   1 
ATOM   28   C CB  . GLU A 1 4   ? -18.378 -10.437 -9.751  1.00 20.95 ? 982  GLU A CB  1 
ATOM   29   C CG  . GLU A 1 4   ? -18.608 -11.934 -9.478  1.00 23.75 ? 982  GLU A CG  1 
ATOM   30   C CD  . GLU A 1 4   ? -18.251 -12.833 -10.655 1.00 27.13 ? 982  GLU A CD  1 
ATOM   31   O OE1 . GLU A 1 4   ? -18.164 -12.263 -11.778 1.00 29.12 ? 982  GLU A OE1 1 
ATOM   32   O OE2 . GLU A 1 4   ? -17.908 -14.055 -10.436 1.00 24.80 ? 982  GLU A OE2 1 
ATOM   33   N N   . GLU A 1 5   ? -19.133 -7.250  -9.573  1.00 18.85 ? 983  GLU A N   1 
ATOM   34   C CA  . GLU A 1 5   ? -18.749 -5.818  -9.593  1.00 20.68 ? 983  GLU A CA  1 
ATOM   35   C C   . GLU A 1 5   ? -19.061 -5.168  -8.217  1.00 19.15 ? 983  GLU A C   1 
ATOM   36   O O   . GLU A 1 5   ? -18.232 -4.346  -7.793  1.00 18.54 ? 983  GLU A O   1 
ATOM   37   C CB  . GLU A 1 5   ? -19.399 -5.052  -10.771 1.00 27.05 ? 983  GLU A CB  1 
ATOM   38   C CG  . GLU A 1 5   ? -18.870 -5.580  -12.127 1.00 31.28 ? 983  GLU A CG  1 
ATOM   39   C CD  . GLU A 1 5   ? -17.338 -5.751  -12.232 1.00 46.46 ? 983  GLU A CD  1 
ATOM   40   O OE1 . GLU A 1 5   ? -16.626 -4.739  -11.948 1.00 56.38 ? 983  GLU A OE1 1 
ATOM   41   O OE2 . GLU A 1 5   ? -16.794 -6.909  -12.537 1.00 51.83 ? 983  GLU A OE2 1 
ATOM   42   N N   . ASP A 1 6   ? -20.140 -5.529  -7.539  1.00 18.03 ? 984  ASP A N   1 
ATOM   43   C CA  . ASP A 1 6   ? -20.454 -4.988  -6.200  1.00 18.58 ? 984  ASP A CA  1 
ATOM   44   C C   . ASP A 1 6   ? -19.343 -5.448  -5.198  1.00 17.00 ? 984  ASP A C   1 
ATOM   45   O O   . ASP A 1 6   ? -18.986 -4.652  -4.264  1.00 16.38 ? 984  ASP A O   1 
ATOM   46   C CB  . ASP A 1 6   ? -21.849 -5.396  -5.733  1.00 23.42 ? 984  ASP A CB  1 
ATOM   47   C CG  . ASP A 1 6   ? -23.007 -4.638  -6.415  1.00 25.86 ? 984  ASP A CG  1 
ATOM   48   O OD1 . ASP A 1 6   ? -22.757 -3.664  -7.168  1.00 30.93 ? 984  ASP A OD1 1 
ATOM   49   O OD2 . ASP A 1 6   ? -24.096 -5.080  -6.219  1.00 39.06 ? 984  ASP A OD2 1 
ATOM   50   N N   . THR A 1 7   ? -18.840 -6.669  -5.309  1.00 15.66 ? 985  THR A N   1 
ATOM   51   C CA  . THR A 1 7   ? -17.757 -7.202  -4.435  1.00 13.48 ? 985  THR A CA  1 
ATOM   52   C C   . THR A 1 7   ? -16.509 -6.302  -4.615  1.00 14.27 ? 985  THR A C   1 
ATOM   53   O O   . THR A 1 7   ? -15.923 -5.807  -3.593  1.00 13.13 ? 985  THR A O   1 
ATOM   54   C CB  . THR A 1 7   ? -17.408 -8.677  -4.673  1.00 14.88 ? 985  THR A CB  1 
ATOM   55   O OG1 . THR A 1 7   ? -18.623 -9.453  -4.441  1.00 17.03 ? 985  THR A OG1 1 
ATOM   56   C CG2 . THR A 1 7   ? -16.271 -9.183  -3.823  1.00 15.68 ? 985  THR A CG2 1 
ATOM   57   N N   . PHE A 1 8   ? -16.071 -6.046  -5.863  1.00 15.08 ? 986  PHE A N   1 
ATOM   58   C CA  . PHE A 1 8   ? -14.889 -5.202  -6.081  1.00 13.99 ? 986  PHE A CA  1 
ATOM   59   C C   . PHE A 1 8   ? -15.123 -3.756  -5.615  1.00 14.22 ? 986  PHE A C   1 
ATOM   60   O O   . PHE A 1 8   ? -14.163 -3.113  -5.144  1.00 13.85 ? 986  PHE A O   1 
ATOM   61   C CB  . PHE A 1 8   ? -14.367 -5.300  -7.520  1.00 14.64 ? 986  PHE A CB  1 
ATOM   62   C CG  . PHE A 1 8   ? -13.835 -6.643  -7.924  1.00 15.54 ? 986  PHE A CG  1 
ATOM   63   C CD1 . PHE A 1 8   ? -12.916 -7.358  -7.190  1.00 15.43 ? 986  PHE A CD1 1 
ATOM   64   C CD2 . PHE A 1 8   ? -14.256 -7.238  -9.105  1.00 17.15 ? 986  PHE A CD2 1 
ATOM   65   C CE1 . PHE A 1 8   ? -12.424 -8.604  -7.522  1.00 17.91 ? 986  PHE A CE1 1 
ATOM   66   C CE2 . PHE A 1 8   ? -13.691 -8.458  -9.490  1.00 17.79 ? 986  PHE A CE2 1 
ATOM   67   C CZ  . PHE A 1 8   ? -12.783 -9.136  -8.734  1.00 18.64 ? 986  PHE A CZ  1 
ATOM   68   N N   A ARG A 1 9   ? -16.349 -3.234  -5.738  0.23 13.76 ? 987  ARG A N   1 
ATOM   69   N N   B ARG A 1 9   ? -16.347 -3.237  -5.748  0.23 13.36 ? 987  ARG A N   1 
ATOM   70   N N   C ARG A 1 9   ? -16.348 -3.225  -5.689  0.04 12.86 ? 987  ARG A N   1 
ATOM   71   C CA  A ARG A 1 9   ? -16.666 -1.864  -5.260  0.23 14.64 ? 987  ARG A CA  1 
ATOM   72   C CA  B ARG A 1 9   ? -16.657 -1.874  -5.259  0.23 13.94 ? 987  ARG A CA  1 
ATOM   73   C CA  C ARG A 1 9   ? -16.611 -1.825  -5.248  0.04 12.29 ? 987  ARG A CA  1 
ATOM   74   C C   A ARG A 1 9   ? -16.490 -1.805  -3.732  0.23 13.87 ? 987  ARG A C   1 
ATOM   75   C C   B ARG A 1 9   ? -16.458 -1.823  -3.736  0.23 13.49 ? 987  ARG A C   1 
ATOM   76   C C   C ARG A 1 9   ? -16.630 -1.736  -3.714  0.04 12.31 ? 987  ARG A C   1 
ATOM   77   O O   A ARG A 1 9   ? -15.905 -0.821  -3.232  0.23 13.60 ? 987  ARG A O   1 
ATOM   78   O O   B ARG A 1 9   ? -15.829 -0.862  -3.248  0.23 13.26 ? 987  ARG A O   1 
ATOM   79   O O   C ARG A 1 9   ? -16.382 -0.631  -3.189  0.04 11.86 ? 987  ARG A O   1 
ATOM   80   C CB  A ARG A 1 9   ? -18.064 -1.429  -5.696  0.23 16.89 ? 987  ARG A CB  1 
ATOM   81   C CB  B ARG A 1 9   ? -18.068 -1.442  -5.642  0.23 15.51 ? 987  ARG A CB  1 
ATOM   82   C CB  C ARG A 1 9   ? -17.914 -1.265  -5.819  0.04 11.79 ? 987  ARG A CB  1 
ATOM   83   C CG  A ARG A 1 9   ? -18.240 0.081   -5.721  0.23 18.82 ? 987  ARG A CG  1 
ATOM   84   C CG  B ARG A 1 9   ? -18.367 -0.016  -5.220  0.23 16.57 ? 987  ARG A CG  1 
ATOM   85   C CG  C ARG A 1 9   ? -18.056 0.235   -5.602  0.04 11.33 ? 987  ARG A CG  1 
ATOM   86   C CD  A ARG A 1 9   ? -19.482 0.537   -6.482  0.23 20.56 ? 987  ARG A CD  1 
ATOM   87   C CD  B ARG A 1 9   ? -19.604 0.534   -5.898  0.23 18.00 ? 987  ARG A CD  1 
ATOM   88   C CD  C ARG A 1 9   ? -19.379 0.726   -6.142  0.04 10.91 ? 987  ARG A CD  1 
ATOM   89   N NE  A ARG A 1 9   ? -19.637 -0.053  -7.807  0.23 24.12 ? 987  ARG A NE  1 
ATOM   90   N NE  B ARG A 1 9   ? -19.802 1.911   -5.502  0.23 19.39 ? 987  ARG A NE  1 
ATOM   91   N NE  C ARG A 1 9   ? -19.607 2.163   -6.234  0.04 10.59 ? 987  ARG A NE  1 
ATOM   92   C CZ  A ARG A 1 9   ? -20.530 -0.999  -8.144  0.23 23.48 ? 987  ARG A CZ  1 
ATOM   93   C CZ  B ARG A 1 9   ? -20.623 2.332   -4.538  0.23 16.66 ? 987  ARG A CZ  1 
ATOM   94   C CZ  C ARG A 1 9   ? -19.631 3.028   -5.225  0.04 10.09 ? 987  ARG A CZ  1 
ATOM   95   N NH1 A ARG A 1 9   ? -21.385 -1.481  -7.266  0.23 24.03 ? 987  ARG A NH1 1 
ATOM   96   N NH1 B ARG A 1 9   ? -20.646 3.631   -4.320  0.23 20.54 ? 987  ARG A NH1 1 
ATOM   97   N NH1 C ARG A 1 9   ? -19.926 4.288   -5.481  0.04 9.80  ? 987  ARG A NH1 1 
ATOM   98   N NH2 A ARG A 1 9   ? -20.551 -1.460  -9.373  0.23 22.98 ? 987  ARG A NH2 1 
ATOM   99   N NH2 B ARG A 1 9   ? -21.300 1.505   -3.740  0.23 16.44 ? 987  ARG A NH2 1 
ATOM   100  N NH2 C ARG A 1 9   ? -19.292 2.673   -3.997  0.04 9.70  ? 987  ARG A NH2 1 
ATOM   101  N N   . GLU A 1 10  ? -16.961 -2.830  -3.021  1.00 12.82 ? 988  GLU A N   1 
ATOM   102  C CA  . GLU A 1 10  ? -16.800 -2.899  -1.537  1.00 11.48 ? 988  GLU A CA  1 
ATOM   103  C C   . GLU A 1 10  ? -15.296 -2.997  -1.225  1.00 11.19 ? 988  GLU A C   1 
ATOM   104  O O   . GLU A 1 10  ? -14.825 -2.282  -0.257  1.00 11.29 ? 988  GLU A O   1 
ATOM   105  C CB  . GLU A 1 10  ? -17.570 -4.085  -0.927  1.00 11.33 ? 988  GLU A CB  1 
ATOM   106  C CG  . GLU A 1 10  ? -17.359 -4.237  0.572   1.00 13.01 ? 988  GLU A CG  1 
ATOM   107  C CD  . GLU A 1 10  ? -18.343 -5.030  1.373   1.00 16.73 ? 988  GLU A CD  1 
ATOM   108  O OE1 . GLU A 1 10  ? -18.065 -5.229  2.623   1.00 18.01 ? 988  GLU A OE1 1 
ATOM   109  O OE2 . GLU A 1 10  ? -19.341 -5.514  0.733   1.00 17.66 ? 988  GLU A OE2 1 
ATOM   110  N N   . LEU A 1 11  ? -14.524 -3.775  -1.967  1.00 11.31 ? 989  LEU A N   1 
ATOM   111  C CA  . LEU A 1 11  ? -13.044 -3.820  -1.754  1.00 11.06 ? 989  LEU A CA  1 
ATOM   112  C C   . LEU A 1 11  ? -12.437 -2.416  -1.897  1.00 11.55 ? 989  LEU A C   1 
ATOM   113  O O   . LEU A 1 11  ? -11.651 -1.952  -1.003  1.00 11.86 ? 989  LEU A O   1 
ATOM   114  C CB  . LEU A 1 11  ? -12.388 -4.774  -2.741  1.00 12.72 ? 989  LEU A CB  1 
ATOM   115  C CG  . LEU A 1 11  ? -10.860 -4.780  -2.727  1.00 14.18 ? 989  LEU A CG  1 
ATOM   116  C CD1 . LEU A 1 11  ? -10.330 -5.335  -1.423  1.00 15.73 ? 989  LEU A CD1 1 
ATOM   117  C CD2 . LEU A 1 11  ? -10.311 -5.537  -3.949  1.00 18.98 ? 989  LEU A CD2 1 
ATOM   118  N N   . ARG A 1 12  ? -12.811 -1.677  -2.952  1.00 11.55 ? 990  ARG A N   1 
ATOM   119  C CA  . ARG A 1 12  ? -12.230 -0.312  -3.130  1.00 10.97 ? 990  ARG A CA  1 
ATOM   120  C C   . ARG A 1 12  ? -12.602 0.636   -1.966  1.00 11.55 ? 990  ARG A C   1 
ATOM   121  O O   . ARG A 1 12  ? -11.723 1.454   -1.520  1.00 10.93 ? 990  ARG A O   1 
ATOM   122  C CB  . ARG A 1 12  ? -12.675 0.291   -4.478  1.00 11.35 ? 990  ARG A CB  1 
ATOM   123  C CG  . ARG A 1 12  ? -12.111 -0.438  -5.673  1.00 12.61 ? 990  ARG A CG  1 
ATOM   124  C CD  . ARG A 1 12  ? -12.372 0.243   -7.031  1.00 13.22 ? 990  ARG A CD  1 
ATOM   125  N NE  . ARG A 1 12  ? -13.783 0.438   -7.354  1.00 13.76 ? 990  ARG A NE  1 
ATOM   126  C CZ  . ARG A 1 12  ? -14.502 -0.434  -8.079  1.00 14.31 ? 990  ARG A CZ  1 
ATOM   127  N NH1 . ARG A 1 12  ? -15.780 -0.147  -8.349  1.00 17.28 ? 990  ARG A NH1 1 
ATOM   128  N NH2 . ARG A 1 12  ? -13.987 -1.545  -8.480  1.00 15.52 ? 990  ARG A NH2 1 
ATOM   129  N N   . ILE A 1 13  ? -13.847 0.610   -1.488  1.00 11.51 ? 991  ILE A N   1 
ATOM   130  C CA  . ILE A 1 13  ? -14.295 1.433   -0.345  1.00 10.83 ? 991  ILE A CA  1 
ATOM   131  C C   . ILE A 1 13  ? -13.413 1.090   0.896   1.00 10.58 ? 991  ILE A C   1 
ATOM   132  O O   . ILE A 1 13  ? -12.867 2.030   1.559   1.00 11.69 ? 991  ILE A O   1 
ATOM   133  C CB  . ILE A 1 13  ? -15.800 1.250   -0.092  1.00 13.51 ? 991  ILE A CB  1 
ATOM   134  C CG1 . ILE A 1 13  ? -16.555 1.864   -1.286  1.00 17.07 ? 991  ILE A CG1 1 
ATOM   135  C CG2 . ILE A 1 13  ? -16.192 1.918   1.212   1.00 14.77 ? 991  ILE A CG2 1 
ATOM   136  C CD1 . ILE A 1 13  ? -17.994 1.391   -1.375  1.00 19.87 ? 991  ILE A CD1 1 
ATOM   137  N N   . PHE A 1 14  ? -13.211 -0.193  1.161   1.00 11.20 ? 992  PHE A N   1 
ATOM   138  C CA  . PHE A 1 14  ? -12.349 -0.658  2.282   1.00 11.60 ? 992  PHE A CA  1 
ATOM   139  C C   . PHE A 1 14  ? -10.936 -0.130  2.124   1.00 10.87 ? 992  PHE A C   1 
ATOM   140  O O   . PHE A 1 14  ? -10.352 0.451   3.110   1.00 11.78 ? 992  PHE A O   1 
ATOM   141  C CB  . PHE A 1 14  ? -12.408 -2.187  2.421   1.00 11.96 ? 992  PHE A CB  1 
ATOM   142  C CG  . PHE A 1 14  ? -11.482 -2.763  3.468   1.00 13.24 ? 992  PHE A CG  1 
ATOM   143  C CD1 . PHE A 1 14  ? -11.777 -2.615  4.785   1.00 16.10 ? 992  PHE A CD1 1 
ATOM   144  C CD2 . PHE A 1 14  ? -10.352 -3.427  3.055   1.00 15.09 ? 992  PHE A CD2 1 
ATOM   145  C CE1 . PHE A 1 14  ? -10.906 -3.138  5.758   1.00 16.93 ? 992  PHE A CE1 1 
ATOM   146  C CE2 . PHE A 1 14  ? -9.492  -3.947  4.022   1.00 17.15 ? 992  PHE A CE2 1 
ATOM   147  C CZ  . PHE A 1 14  ? -9.794  -3.788  5.346   1.00 15.56 ? 992  PHE A CZ  1 
ATOM   148  N N   . LEU A 1 15  ? -10.352 -0.288  0.936   1.00 10.57 ? 993  LEU A N   1 
ATOM   149  C CA  . LEU A 1 15  ? -8.944  0.140   0.721   1.00 10.62 ? 993  LEU A CA  1 
ATOM   150  C C   . LEU A 1 15  ? -8.801  1.627   0.809   1.00 11.27 ? 993  LEU A C   1 
ATOM   151  O O   . LEU A 1 15  ? -7.762  2.113   1.364   1.00 11.31 ? 993  LEU A O   1 
ATOM   152  C CB  . LEU A 1 15  ? -8.445  -0.374  -0.629  1.00 11.78 ? 993  LEU A CB  1 
ATOM   153  C CG  . LEU A 1 15  ? -8.366  -1.896  -0.796  1.00 12.43 ? 993  LEU A CG  1 
ATOM   154  C CD1 . LEU A 1 15  ? -7.852  -2.258  -2.214  1.00 13.67 ? 993  LEU A CD1 1 
ATOM   155  C CD2 . LEU A 1 15  ? -7.505  -2.507  0.312   1.00 13.97 ? 993  LEU A CD2 1 
ATOM   156  N N   . ARG A 1 16  ? -9.749  2.436   0.329   1.00 11.12 ? 994  ARG A N   1 
ATOM   157  C CA  . ARG A 1 16  ? -9.639  3.899   0.464   1.00 10.90 ? 994  ARG A CA  1 
ATOM   158  C C   . ARG A 1 16  ? -9.633  4.291   1.942   1.00 12.40 ? 994  ARG A C   1 
ATOM   159  O O   . ARG A 1 16  ? -8.897  5.228   2.342   1.00 13.30 ? 994  ARG A O   1 
ATOM   160  C CB  . ARG A 1 16  ? -10.759 4.671   -0.268  1.00 13.88 ? 994  ARG A CB  1 
ATOM   161  C CG  . ARG A 1 16  ? -10.806 4.550   -1.769  1.00 14.21 ? 994  ARG A CG  1 
ATOM   162  C CD  . ARG A 1 16  ? -11.777 5.646   -2.353  1.00 15.09 ? 994  ARG A CD  1 
ATOM   163  N NE  . ARG A 1 16  ? -12.025 5.260   -3.720  1.00 16.16 ? 994  ARG A NE  1 
ATOM   164  C CZ  . ARG A 1 16  ? -12.881 4.382   -4.146  1.00 16.59 ? 994  ARG A CZ  1 
ATOM   165  N NH1 . ARG A 1 16  ? -13.890 3.925   -3.433  1.00 14.86 ? 994  ARG A NH1 1 
ATOM   166  N NH2 . ARG A 1 16  ? -12.822 4.052   -5.433  1.00 19.67 ? 994  ARG A NH2 1 
ATOM   167  N N   . ASN A 1 17  ? -10.464 3.647   2.758   1.00 11.81 ? 995  ASN A N   1 
ATOM   168  C CA  . ASN A 1 17  ? -10.579 3.965   4.204   1.00 12.24 ? 995  ASN A CA  1 
ATOM   169  C C   . ASN A 1 17  ? -9.264  3.613   4.932   1.00 11.73 ? 995  ASN A C   1 
ATOM   170  O O   . ASN A 1 17  ? -8.766  4.519   5.681   1.00 11.92 ? 995  ASN A O   1 
ATOM   171  C CB  . ASN A 1 17  ? -11.787 3.261   4.810   1.00 12.97 ? 995  ASN A CB  1 
ATOM   172  C CG  . ASN A 1 17  ? -11.851 3.581   6.277   1.00 17.25 ? 995  ASN A CG  1 
ATOM   173  O OD1 . ASN A 1 17  ? -11.373 2.788   7.009   1.00 16.61 ? 995  ASN A OD1 1 
ATOM   174  N ND2 . ASN A 1 17  ? -12.355 4.752   6.643   1.00 19.92 ? 995  ASN A ND2 1 
ATOM   175  N N   . VAL A 1 18  ? -8.692  2.461   4.676   1.00 11.32 ? 996  VAL A N   1 
ATOM   176  C CA  . VAL A 1 18  ? -7.404  2.087   5.329   1.00 11.04 ? 996  VAL A CA  1 
ATOM   177  C C   . VAL A 1 18  ? -6.351  3.126   4.903   1.00 11.55 ? 996  VAL A C   1 
ATOM   178  O O   . VAL A 1 18  ? -5.565  3.643   5.726   1.00 11.19 ? 996  VAL A O   1 
ATOM   179  C CB  . VAL A 1 18  ? -6.973  0.671   4.939   1.00 11.62 ? 996  VAL A CB  1 
ATOM   180  C CG1 . VAL A 1 18  ? -5.572  0.358   5.469   1.00 12.18 ? 996  VAL A CG1 1 
ATOM   181  C CG2 . VAL A 1 18  ? -7.986  -0.380  5.417   1.00 13.59 ? 996  VAL A CG2 1 
ATOM   182  N N   . THR A 1 19  ? -6.266  3.443   3.600   1.00 10.88 ? 997  THR A N   1 
ATOM   183  C CA  . THR A 1 19  ? -5.196  4.335   3.055   1.00 10.71 ? 997  THR A CA  1 
ATOM   184  C C   . THR A 1 19  ? -5.361  5.726   3.678   1.00 11.74 ? 997  THR A C   1 
ATOM   185  O O   . THR A 1 19  ? -4.311  6.360   4.018   1.00 12.27 ? 997  THR A O   1 
ATOM   186  C CB  . THR A 1 19  ? -5.242  4.372   1.510   1.00 10.86 ? 997  THR A CB  1 
ATOM   187  O OG1 . THR A 1 19  ? -5.167  3.035   1.000   1.00 11.62 ? 997  THR A OG1 1 
ATOM   188  C CG2 . THR A 1 19  ? -4.072  5.127   0.905   1.00 13.04 ? 997  THR A CG2 1 
ATOM   189  N N   . HIS A 1 20  ? -6.577  6.271   3.773   1.00 11.00 ? 998  HIS A N   1 
ATOM   190  C CA  . HIS A 1 20  ? -6.802  7.599   4.418   1.00 11.94 ? 998  HIS A CA  1 
ATOM   191  C C   . HIS A 1 20  ? -6.325  7.580   5.858   1.00 12.32 ? 998  HIS A C   1 
ATOM   192  O O   . HIS A 1 20  ? -5.680  8.555   6.301   1.00 13.73 ? 998  HIS A O   1 
ATOM   193  C CB  . HIS A 1 20  ? -8.311  7.914   4.371   1.00 14.98 ? 998  HIS A CB  1 
ATOM   194  C CG  . HIS A 1 20  ? -8.656  9.199   5.014   1.00 19.08 ? 998  HIS A CG  1 
ATOM   195  N ND1 . HIS A 1 20  ? -9.377  9.338   6.196   1.00 25.27 ? 998  HIS A ND1 1 
ATOM   196  C CD2 . HIS A 1 20  ? -8.382  10.461  4.594   1.00 18.10 ? 998  HIS A CD2 1 
ATOM   197  C CE1 . HIS A 1 20  ? -9.515  10.628  6.472   1.00 20.02 ? 998  HIS A CE1 1 
ATOM   198  N NE2 . HIS A 1 20  ? -8.873  11.346  5.513   1.00 24.44 ? 998  HIS A NE2 1 
ATOM   199  N N   . ARG A 1 21  ? -6.599  6.513   6.607   1.00 12.50 ? 999  ARG A N   1 
ATOM   200  C CA  . ARG A 1 21  ? -6.187  6.456   8.031   1.00 13.27 ? 999  ARG A CA  1 
ATOM   201  C C   . ARG A 1 21  ? -4.640  6.489   8.114   1.00 14.36 ? 999  ARG A C   1 
ATOM   202  O O   . ARG A 1 21  ? -4.083  7.058   9.093   1.00 15.34 ? 999  ARG A O   1 
ATOM   203  C CB  . ARG A 1 21  ? -6.807  5.276   8.747   1.00 13.52 ? 999  ARG A CB  1 
ATOM   204  C CG  . ARG A 1 21  ? -8.325  5.477   8.940   1.00 15.41 ? 999  ARG A CG  1 
ATOM   205  C CD  . ARG A 1 21  ? -9.175  4.191   9.022   1.00 15.68 ? 999  ARG A CD  1 
ATOM   206  N NE  . ARG A 1 21  ? -8.815  3.444   10.159  1.00 17.24 ? 999  ARG A NE  1 
ATOM   207  C CZ  . ARG A 1 21  ? -9.223  2.190   10.358  1.00 13.79 ? 999  ARG A CZ  1 
ATOM   208  N NH1 . ARG A 1 21  ? -8.860  1.559   11.439  1.00 14.95 ? 999  ARG A NH1 1 
ATOM   209  N NH2 . ARG A 1 21  ? -10.016 1.590   9.471   1.00 15.05 ? 999  ARG A NH2 1 
ATOM   210  N N   . LEU A 1 22  ? -3.931  5.801   7.223   1.00 12.87 ? 1000 LEU A N   1 
ATOM   211  C CA  . LEU A 1 22  ? -2.437  5.855   7.200   1.00 11.98 ? 1000 LEU A CA  1 
ATOM   212  C C   . LEU A 1 22  ? -2.014  7.268   6.835   1.00 13.61 ? 1000 LEU A C   1 
ATOM   213  O O   . LEU A 1 22  ? -1.069  7.816   7.478   1.00 14.11 ? 1000 LEU A O   1 
ATOM   214  C CB  . LEU A 1 22  ? -1.896  4.825   6.218   1.00 12.36 ? 1000 LEU A CB  1 
ATOM   215  C CG  . LEU A 1 22  ? -2.217  3.360   6.519   1.00 12.42 ? 1000 LEU A CG  1 
ATOM   216  C CD1 . LEU A 1 22  ? -1.776  2.443   5.379   1.00 13.90 ? 1000 LEU A CD1 1 
ATOM   217  C CD2 . LEU A 1 22  ? -1.627  2.882   7.855   1.00 13.46 ? 1000 LEU A CD2 1 
ATOM   218  N N   . ALA A 1 23  ? -2.616  7.911   5.855   1.00 12.66 ? 1001 ALA A N   1 
ATOM   219  C CA  . ALA A 1 23  ? -2.150  9.199   5.284   1.00 12.94 ? 1001 ALA A CA  1 
ATOM   220  C C   . ALA A 1 23  ? -2.332  10.370  6.263   1.00 15.31 ? 1001 ALA A C   1 
ATOM   221  O O   . ALA A 1 23  ? -1.541  11.357  6.104   1.00 17.52 ? 1001 ALA A O   1 
ATOM   222  C CB  . ALA A 1 23  ? -2.842  9.442   3.982   1.00 15.13 ? 1001 ALA A CB  1 
ATOM   223  N N   . ILE A 1 24  ? -3.262  10.274  7.198   1.00 15.44 ? 1002 ILE A N   1 
ATOM   224  C CA  . ILE A 1 24  ? -3.469  11.387  8.177   1.00 16.43 ? 1002 ILE A CA  1 
ATOM   225  C C   . ILE A 1 24  ? -2.553  11.224  9.380   1.00 18.50 ? 1002 ILE A C   1 
ATOM   226  O O   . ILE A 1 24  ? -2.593  12.141  10.264  1.00 20.94 ? 1002 ILE A O   1 
ATOM   227  C CB  . ILE A 1 24  ? -4.963  11.578  8.555   1.00 18.08 ? 1002 ILE A CB  1 
ATOM   228  C CG1 . ILE A 1 24  ? -5.533  10.395  9.325   1.00 19.82 ? 1002 ILE A CG1 1 
ATOM   229  C CG2 . ILE A 1 24  ? -5.780  11.916  7.317   1.00 19.47 ? 1002 ILE A CG2 1 
ATOM   230  C CD1 . ILE A 1 24  ? -7.043  10.573  9.768   1.00 23.85 ? 1002 ILE A CD1 1 
ATOM   231  N N   . ASP A 1 25  ? -1.892  10.092  9.599   1.00 16.68 ? 1003 ASP A N   1 
ATOM   232  C CA  . ASP A 1 25  ? -0.997  9.857   10.764  1.00 16.22 ? 1003 ASP A CA  1 
ATOM   233  C C   . ASP A 1 25  ? 0.270   10.685  10.550  1.00 19.09 ? 1003 ASP A C   1 
ATOM   234  O O   . ASP A 1 25  ? 0.981   10.499  9.541   1.00 17.48 ? 1003 ASP A O   1 
ATOM   235  C CB  . ASP A 1 25  ? -0.688  8.377   10.929  1.00 17.53 ? 1003 ASP A CB  1 
ATOM   236  C CG  . ASP A 1 25  ? 0.017   7.959   12.207  1.00 19.85 ? 1003 ASP A CG  1 
ATOM   237  O OD1 . ASP A 1 25  ? 1.101   8.535   12.497  1.00 21.04 ? 1003 ASP A OD1 1 
ATOM   238  O OD2 . ASP A 1 25  ? -0.448  6.995   12.836  1.00 22.51 ? 1003 ASP A OD2 1 
ATOM   239  N N   . LYS A 1 26  ? 0.624   11.576  11.506  1.00 19.12 ? 1004 LYS A N   1 
ATOM   240  C CA  . LYS A 1 26  ? 1.800   12.465  11.321  1.00 21.96 ? 1004 LYS A CA  1 
ATOM   241  C C   . LYS A 1 26  ? 3.113   11.683  11.092  1.00 17.74 ? 1004 LYS A C   1 
ATOM   242  O O   . LYS A 1 26  ? 4.008   12.241  10.416  1.00 19.82 ? 1004 LYS A O   1 
ATOM   243  C CB  . LYS A 1 26  ? 1.948   13.388  12.557  1.00 25.14 ? 1004 LYS A CB  1 
ATOM   244  N N   . ARG A 1 27  ? 3.255   10.478  11.618  1.00 17.45 ? 1005 ARG A N   1 
ATOM   245  C CA  . ARG A 1 27  ? 4.485   9.654   11.458  1.00 17.80 ? 1005 ARG A CA  1 
ATOM   246  C C   . ARG A 1 27  ? 4.730   9.345   9.972   1.00 16.61 ? 1005 ARG A C   1 
ATOM   247  O O   . ARG A 1 27  ? 5.881   9.141   9.568   1.00 17.41 ? 1005 ARG A O   1 
ATOM   248  C CB  . ARG A 1 27  ? 4.460   8.334   12.189  1.00 16.96 ? 1005 ARG A CB  1 
ATOM   249  C CG  . ARG A 1 27  ? 4.392   8.407   13.728  1.00 18.68 ? 1005 ARG A CG  1 
ATOM   250  C CD  . ARG A 1 27  ? 4.188   7.051   14.333  1.00 19.56 ? 1005 ARG A CD  1 
ATOM   251  N NE  . ARG A 1 27  ? 2.801   6.549   14.073  1.00 18.68 ? 1005 ARG A NE  1 
ATOM   252  C CZ  . ARG A 1 27  ? 2.373   5.337   14.338  1.00 18.46 ? 1005 ARG A CZ  1 
ATOM   253  N NH1 . ARG A 1 27  ? 3.151   4.385   14.824  1.00 20.19 ? 1005 ARG A NH1 1 
ATOM   254  N NH2 . ARG A 1 27  ? 1.123   5.032   14.060  1.00 20.82 ? 1005 ARG A NH2 1 
ATOM   255  N N   . PHE A 1 28  ? 3.665   9.318   9.171   1.00 15.73 ? 1006 PHE A N   1 
ATOM   256  C CA  . PHE A 1 28  ? 3.756   8.770   7.795   1.00 15.64 ? 1006 PHE A CA  1 
ATOM   257  C C   . PHE A 1 28  ? 3.709   9.858   6.758   1.00 16.36 ? 1006 PHE A C   1 
ATOM   258  O O   . PHE A 1 28  ? 3.609   9.568   5.529   1.00 16.23 ? 1006 PHE A O   1 
ATOM   259  C CB  . PHE A 1 28  ? 2.642   7.747   7.596   1.00 13.86 ? 1006 PHE A CB  1 
ATOM   260  C CG  . PHE A 1 28  ? 2.606   6.655   8.628   1.00 13.99 ? 1006 PHE A CG  1 
ATOM   261  C CD1 . PHE A 1 28  ? 3.770   6.118   9.235   1.00 13.95 ? 1006 PHE A CD1 1 
ATOM   262  C CD2 . PHE A 1 28  ? 1.409   6.042   9.000   1.00 13.49 ? 1006 PHE A CD2 1 
ATOM   263  C CE1 . PHE A 1 28  ? 3.722   5.130   10.191  1.00 15.12 ? 1006 PHE A CE1 1 
ATOM   264  C CE2 . PHE A 1 28  ? 1.362   5.069   9.981   1.00 14.25 ? 1006 PHE A CE2 1 
ATOM   265  C CZ  . PHE A 1 28  ? 2.514   4.570   10.575  1.00 15.35 ? 1006 PHE A CZ  1 
ATOM   266  N N   . ARG A 1 29  ? 3.851   11.133  7.128   1.00 16.26 ? 1007 ARG A N   1 
ATOM   267  C CA  . ARG A 1 29  ? 3.850   12.233  6.177   1.00 16.50 ? 1007 ARG A CA  1 
ATOM   268  C C   . ARG A 1 29  ? 4.835   12.027  5.024   1.00 16.62 ? 1007 ARG A C   1 
ATOM   269  O O   . ARG A 1 29  ? 4.481   12.385  3.868   1.00 17.24 ? 1007 ARG A O   1 
ATOM   270  C CB  . ARG A 1 29  ? 4.133   13.550  6.932   1.00 21.00 ? 1007 ARG A CB  1 
ATOM   271  C CG  . ARG A 1 29  ? 3.946   14.762  6.063   1.00 26.10 ? 1007 ARG A CG  1 
ATOM   272  C CD  . ARG A 1 29  ? 4.232   16.024  6.886   1.00 39.91 ? 1007 ARG A CD  1 
ATOM   273  N NE  . ARG A 1 29  ? 3.987   17.217  6.076   1.00 53.03 ? 1007 ARG A NE  1 
ATOM   274  C CZ  . ARG A 1 29  ? 4.776   17.666  5.089   1.00 73.51 ? 1007 ARG A CZ  1 
ATOM   275  N NH1 . ARG A 1 29  ? 4.450   18.771  4.436   1.00 80.47 ? 1007 ARG A NH1 1 
ATOM   276  N NH2 . ARG A 1 29  ? 5.874   17.011  4.740   1.00 82.63 ? 1007 ARG A NH2 1 
ATOM   277  N N   . VAL A 1 30  ? 6.053   11.551  5.295   1.00 17.14 ? 1008 VAL A N   1 
ATOM   278  C CA  . VAL A 1 30  ? 7.121   11.380  4.274   1.00 18.89 ? 1008 VAL A CA  1 
ATOM   279  C C   . VAL A 1 30  ? 6.671   10.389  3.176   1.00 18.82 ? 1008 VAL A C   1 
ATOM   280  O O   . VAL A 1 30  ? 7.192   10.450  2.056   1.00 21.09 ? 1008 VAL A O   1 
ATOM   281  C CB  . VAL A 1 30  ? 8.421   10.932  4.957   1.00 22.09 ? 1008 VAL A CB  1 
ATOM   282  C CG1 . VAL A 1 30  ? 8.345   9.604   5.686   1.00 25.92 ? 1008 VAL A CG1 1 
ATOM   283  C CG2 . VAL A 1 30  ? 9.630   10.975  4.055   1.00 29.76 ? 1008 VAL A CG2 1 
ATOM   284  N N   . PHE A 1 31  ? 5.663   9.552   3.469   1.00 15.88 ? 1009 PHE A N   1 
ATOM   285  C CA  . PHE A 1 31  ? 5.190   8.524   2.504   1.00 14.96 ? 1009 PHE A CA  1 
ATOM   286  C C   . PHE A 1 31  ? 3.921   8.984   1.754   1.00 15.60 ? 1009 PHE A C   1 
ATOM   287  O O   . PHE A 1 31  ? 3.383   8.144   0.984   1.00 15.41 ? 1009 PHE A O   1 
ATOM   288  C CB  . PHE A 1 31  ? 4.949   7.195   3.224   1.00 13.93 ? 1009 PHE A CB  1 
ATOM   289  C CG  . PHE A 1 31  ? 6.105   6.708   4.085   1.00 13.82 ? 1009 PHE A CG  1 
ATOM   290  C CD1 . PHE A 1 31  ? 7.338   6.427   3.520   1.00 15.28 ? 1009 PHE A CD1 1 
ATOM   291  C CD2 . PHE A 1 31  ? 5.963   6.500   5.443   1.00 17.34 ? 1009 PHE A CD2 1 
ATOM   292  C CE1 . PHE A 1 31  ? 8.431   6.072   4.300   1.00 15.04 ? 1009 PHE A CE1 1 
ATOM   293  C CE2 . PHE A 1 31  ? 7.052   6.121   6.240   1.00 19.17 ? 1009 PHE A CE2 1 
ATOM   294  C CZ  . PHE A 1 31  ? 8.279   5.867   5.670   1.00 16.82 ? 1009 PHE A CZ  1 
ATOM   295  N N   . THR A 1 32  ? 3.445   10.204  1.923   1.00 16.28 ? 1010 THR A N   1 
ATOM   296  C CA  . THR A 1 32  ? 2.135   10.665  1.374   1.00 16.23 ? 1010 THR A CA  1 
ATOM   297  C C   . THR A 1 32  ? 2.221   11.119  -0.081  1.00 19.74 ? 1010 THR A C   1 
ATOM   298  O O   . THR A 1 32  ? 1.167   11.070  -0.718  1.00 21.98 ? 1010 THR A O   1 
ATOM   299  C CB  . THR A 1 32  ? 1.442   11.704  2.245   1.00 18.89 ? 1010 THR A CB  1 
ATOM   300  O OG1 . THR A 1 32  ? 2.234   12.898  2.357   1.00 17.92 ? 1010 THR A OG1 1 
ATOM   301  C CG2 . THR A 1 32  ? 1.105   11.155  3.601   1.00 18.49 ? 1010 THR A CG2 1 
ATOM   302  N N   . LYS A 1 33  ? 3.393   11.504  -0.571  1.00 19.44 ? 1011 LYS A N   1 
ATOM   303  C CA  . LYS A 1 33  ? 3.544   12.023  -1.961  1.00 20.48 ? 1011 LYS A CA  1 
ATOM   304  C C   . LYS A 1 33  ? 4.827   11.456  -2.549  1.00 17.96 ? 1011 LYS A C   1 
ATOM   305  O O   . LYS A 1 33  ? 5.761   11.042  -1.835  1.00 19.68 ? 1011 LYS A O   1 
ATOM   306  C CB  . LYS A 1 33  ? 3.652   13.556  -1.918  1.00 25.62 ? 1011 LYS A CB  1 
ATOM   307  C CG  . LYS A 1 33  ? 2.419   14.271  -1.370  1.00 33.23 ? 1011 LYS A CG  1 
ATOM   308  C CD  . LYS A 1 33  ? 2.410   15.798  -1.606  1.00 46.71 ? 1011 LYS A CD  1 
ATOM   309  C CE  . LYS A 1 33  ? 3.570   16.545  -0.978  1.00 56.44 ? 1011 LYS A CE  1 
ATOM   310  N NZ  . LYS A 1 33  ? 3.589   17.971  -1.409  1.00 69.72 ? 1011 LYS A NZ  1 
ATOM   311  N N   . PRO A 1 34  ? 4.918   11.468  -3.906  1.00 20.17 ? 1012 PRO A N   1 
ATOM   312  C CA  . PRO A 1 34  ? 6.132   11.013  -4.555  1.00 21.72 ? 1012 PRO A CA  1 
ATOM   313  C C   . PRO A 1 34  ? 7.320   11.898  -4.128  1.00 26.23 ? 1012 PRO A C   1 
ATOM   314  O O   . PRO A 1 34  ? 7.122   13.035  -3.778  1.00 27.43 ? 1012 PRO A O   1 
ATOM   315  C CB  . PRO A 1 34  ? 5.852   11.120  -6.060  1.00 24.59 ? 1012 PRO A CB  1 
ATOM   316  C CG  . PRO A 1 34  ? 4.388   11.330  -6.179  1.00 24.92 ? 1012 PRO A CG  1 
ATOM   317  C CD  . PRO A 1 34  ? 3.856   11.849  -4.843  1.00 22.40 ? 1012 PRO A CD  1 
ATOM   318  N N   . VAL A 1 35  ? 8.522   11.350  -4.172  1.00 28.35 ? 1013 VAL A N   1 
ATOM   319  C CA  . VAL A 1 35  ? 9.784   12.128  -3.935  1.00 31.47 ? 1013 VAL A CA  1 
ATOM   320  C C   . VAL A 1 35  ? 9.942   13.190  -5.036  1.00 39.05 ? 1013 VAL A C   1 
ATOM   321  O O   . VAL A 1 35  ? 9.771   12.887  -6.246  1.00 39.45 ? 1013 VAL A O   1 
ATOM   322  C CB  . VAL A 1 35  ? 10.999  11.187  -3.863  1.00 29.34 ? 1013 VAL A CB  1 
ATOM   323  C CG1 . VAL A 1 35  ? 12.305  11.983  -3.759  1.00 32.53 ? 1013 VAL A CG1 1 
ATOM   324  C CG2 . VAL A 1 35  ? 10.907  10.230  -2.719  1.00 27.37 ? 1013 VAL A CG2 1 
ATOM   325  N N   . ASP A 1 36  ? 10.283  14.419  -4.643  1.00 43.19 ? 1014 ASP A N   1 
ATOM   326  C CA  . ASP A 1 36  ? 10.442  15.551  -5.594  1.00 49.60 ? 1014 ASP A CA  1 
ATOM   327  C C   . ASP A 1 36  ? 11.799  15.389  -6.280  1.00 46.96 ? 1014 ASP A C   1 
ATOM   328  O O   . ASP A 1 36  ? 12.819  15.367  -5.604  1.00 48.44 ? 1014 ASP A O   1 
ATOM   329  C CB  . ASP A 1 36  ? 10.242  16.882  -4.865  1.00 52.82 ? 1014 ASP A CB  1 
ATOM   330  C CG  . ASP A 1 36  ? 10.408  18.099  -5.764  1.00 64.08 ? 1014 ASP A CG  1 
ATOM   331  O OD1 . ASP A 1 36  ? 10.549  17.924  -7.009  1.00 61.05 ? 1014 ASP A OD1 1 
ATOM   332  O OD2 . ASP A 1 36  ? 10.400  19.208  -5.211  1.00 70.89 ? 1014 ASP A OD2 1 
ATOM   333  N N   . PRO A 1 37  ? 11.852  15.158  -7.615  1.00 53.06 ? 1015 PRO A N   1 
ATOM   334  C CA  . PRO A 1 37  ? 13.123  14.905  -8.301  1.00 61.39 ? 1015 PRO A CA  1 
ATOM   335  C C   . PRO A 1 37  ? 14.106  16.083  -8.176  1.00 64.98 ? 1015 PRO A C   1 
ATOM   336  O O   . PRO A 1 37  ? 15.308  15.861  -8.207  1.00 63.66 ? 1015 PRO A O   1 
ATOM   337  C CB  . PRO A 1 37  ? 12.756  14.719  -9.779  1.00 59.80 ? 1015 PRO A CB  1 
ATOM   338  C CG  . PRO A 1 37  ? 11.259  14.477  -9.782  1.00 61.70 ? 1015 PRO A CG  1 
ATOM   339  C CD  . PRO A 1 37  ? 10.713  15.162  -8.543  1.00 56.71 ? 1015 PRO A CD  1 
ATOM   340  N N   . ASP A 1 38  ? 13.575  17.299  -8.020  1.00 70.68 ? 1016 ASP A N   1 
ATOM   341  C CA  . ASP A 1 38  ? 14.379  18.523  -7.760  1.00 75.51 ? 1016 ASP A CA  1 
ATOM   342  C C   . ASP A 1 38  ? 15.142  18.336  -6.453  1.00 76.27 ? 1016 ASP A C   1 
ATOM   343  O O   . ASP A 1 38  ? 16.387  18.353  -6.483  1.00 84.76 ? 1016 ASP A O   1 
ATOM   344  C CB  . ASP A 1 38  ? 13.502  19.772  -7.726  1.00 77.79 ? 1016 ASP A CB  1 
ATOM   345  C CG  . ASP A 1 38  ? 12.940  20.099  -9.093  1.00 80.06 ? 1016 ASP A CG  1 
ATOM   346  O OD1 . ASP A 1 38  ? 13.372  19.451  -10.087 1.00 69.45 ? 1016 ASP A OD1 1 
ATOM   347  O OD2 . ASP A 1 38  ? 12.074  20.982  -9.152  1.00 90.75 ? 1016 ASP A OD2 1 
ATOM   348  N N   . GLU A 1 39  ? 14.427  18.104  -5.359  1.00 67.64 ? 1017 GLU A N   1 
ATOM   349  C CA  . GLU A 1 39  ? 15.064  17.948  -4.032  1.00 65.73 ? 1017 GLU A CA  1 
ATOM   350  C C   . GLU A 1 39  ? 15.958  16.702  -3.991  1.00 60.76 ? 1017 GLU A C   1 
ATOM   351  O O   . GLU A 1 39  ? 16.921  16.725  -3.196  1.00 58.78 ? 1017 GLU A O   1 
ATOM   352  C CB  . GLU A 1 39  ? 14.013  17.870  -2.932  1.00 73.93 ? 1017 GLU A CB  1 
ATOM   353  C CG  . GLU A 1 39  ? 13.226  19.146  -2.754  1.00 81.94 ? 1017 GLU A CG  1 
ATOM   354  C CD  . GLU A 1 39  ? 12.178  18.988  -1.673  1.00 92.51 ? 1017 GLU A CD  1 
ATOM   355  O OE1 . GLU A 1 39  ? 10.993  19.270  -1.948  1.00 95.62 ? 1017 GLU A OE1 1 
ATOM   356  O OE2 . GLU A 1 39  ? 12.553  18.543  -0.567  1.00 99.35 ? 1017 GLU A OE2 1 
ATOM   357  N N   . VAL A 1 40  ? 15.653  15.635  -4.746  1.00 51.74 ? 1018 VAL A N   1 
ATOM   358  C CA  . VAL A 1 40  ? 16.402  14.347  -4.610  1.00 46.10 ? 1018 VAL A CA  1 
ATOM   359  C C   . VAL A 1 40  ? 16.619  13.738  -5.993  1.00 51.49 ? 1018 VAL A C   1 
ATOM   360  O O   . VAL A 1 40  ? 15.930  12.801  -6.372  1.00 36.06 ? 1018 VAL A O   1 
ATOM   361  C CB  . VAL A 1 40  ? 15.663  13.368  -3.672  1.00 47.04 ? 1018 VAL A CB  1 
ATOM   362  C CG1 . VAL A 1 40  ? 16.550  12.210  -3.265  1.00 43.41 ? 1018 VAL A CG1 1 
ATOM   363  C CG2 . VAL A 1 40  ? 15.100  14.046  -2.430  1.00 48.89 ? 1018 VAL A CG2 1 
ATOM   364  N N   . PRO A 1 41  ? 17.581  14.231  -6.814  1.00 53.13 ? 1019 PRO A N   1 
ATOM   365  C CA  . PRO A 1 41  ? 17.696  13.782  -8.214  1.00 47.61 ? 1019 PRO A CA  1 
ATOM   366  C C   . PRO A 1 41  ? 18.172  12.327  -8.371  1.00 40.93 ? 1019 PRO A C   1 
ATOM   367  O O   . PRO A 1 41  ? 17.870  11.627  -9.333  1.00 51.47 ? 1019 PRO A O   1 
ATOM   368  C CB  . PRO A 1 41  ? 18.727  14.773  -8.793  1.00 55.66 ? 1019 PRO A CB  1 
ATOM   369  C CG  . PRO A 1 41  ? 19.578  15.168  -7.591  1.00 56.49 ? 1019 PRO A CG  1 
ATOM   370  C CD  . PRO A 1 41  ? 18.603  15.223  -6.431  1.00 58.97 ? 1019 PRO A CD  1 
ATOM   371  N N   . ASP A 1 42  ? 18.907  11.888  -7.379  1.00 36.44 ? 1020 ASP A N   1 
ATOM   372  C CA  . ASP A 1 42  ? 19.477  10.543  -7.179  1.00 38.26 ? 1020 ASP A CA  1 
ATOM   373  C C   . ASP A 1 42  ? 18.347  9.491   -6.972  1.00 32.53 ? 1020 ASP A C   1 
ATOM   374  O O   . ASP A 1 42  ? 18.603  8.303   -7.176  1.00 34.09 ? 1020 ASP A O   1 
ATOM   375  C CB  . ASP A 1 42  ? 20.359  10.697  -5.944  1.00 44.73 ? 1020 ASP A CB  1 
ATOM   376  C CG  . ASP A 1 42  ? 21.023  9.433   -5.488  1.00 50.34 ? 1020 ASP A CG  1 
ATOM   377  O OD1 . ASP A 1 42  ? 21.763  8.853   -6.300  1.00 63.75 ? 1020 ASP A OD1 1 
ATOM   378  O OD2 . ASP A 1 42  ? 20.785  9.048   -4.332  1.00 51.60 ? 1020 ASP A OD2 1 
ATOM   379  N N   . TYR A 1 43  ? 17.150  9.898   -6.532  1.00 32.36 ? 1021 TYR A N   1 
ATOM   380  C CA  . TYR A 1 43  ? 16.172  8.899   -6.002  1.00 27.84 ? 1021 TYR A CA  1 
ATOM   381  C C   . TYR A 1 43  ? 15.797  7.886   -7.101  1.00 27.34 ? 1021 TYR A C   1 
ATOM   382  O O   . TYR A 1 43  ? 15.849  6.662   -6.823  1.00 27.98 ? 1021 TYR A O   1 
ATOM   383  C CB  . TYR A 1 43  ? 14.916  9.562   -5.411  1.00 25.08 ? 1021 TYR A CB  1 
ATOM   384  C CG  . TYR A 1 43  ? 14.031  8.593   -4.619  1.00 22.24 ? 1021 TYR A CG  1 
ATOM   385  C CD1 . TYR A 1 43  ? 14.405  8.128   -3.373  1.00 21.76 ? 1021 TYR A CD1 1 
ATOM   386  C CD2 . TYR A 1 43  ? 12.878  8.063   -5.186  1.00 24.88 ? 1021 TYR A CD2 1 
ATOM   387  C CE1 . TYR A 1 43  ? 13.619  7.219   -2.644  1.00 22.25 ? 1021 TYR A CE1 1 
ATOM   388  C CE2 . TYR A 1 43  ? 12.097  7.142   -4.474  1.00 22.44 ? 1021 TYR A CE2 1 
ATOM   389  C CZ  . TYR A 1 43  ? 12.490  6.692   -3.238  1.00 21.72 ? 1021 TYR A CZ  1 
ATOM   390  O OH  . TYR A 1 43  ? 11.717  5.788   -2.537  1.00 20.61 ? 1021 TYR A OH  1 
ATOM   391  N N   . ARG A 1 44  ? 15.380  8.405   -8.255  1.00 31.08 ? 1022 ARG A N   1 
ATOM   392  C CA  . ARG A 1 44  ? 14.785  7.602   -9.360  1.00 33.66 ? 1022 ARG A CA  1 
ATOM   393  C C   . ARG A 1 44  ? 15.857  6.776   -10.069 1.00 37.68 ? 1022 ARG A C   1 
ATOM   394  O O   . ARG A 1 44  ? 15.446  5.876   -10.793 1.00 41.58 ? 1022 ARG A O   1 
ATOM   395  C CB  . ARG A 1 44  ? 13.943  8.478   -10.284 1.00 39.34 ? 1022 ARG A CB  1 
ATOM   396  C CG  . ARG A 1 44  ? 12.496  8.535   -9.833  1.00 45.77 ? 1022 ARG A CG  1 
ATOM   397  C CD  . ARG A 1 44  ? 11.650  9.620   -10.461 1.00 54.33 ? 1022 ARG A CD  1 
ATOM   398  N NE  . ARG A 1 44  ? 10.474  9.771   -9.613  1.00 62.69 ? 1022 ARG A NE  1 
ATOM   399  C CZ  . ARG A 1 44  ? 10.433  10.408  -8.432  1.00 69.38 ? 1022 ARG A CZ  1 
ATOM   400  N NH1 . ARG A 1 44  ? 11.505  11.023  -7.928  1.00 53.85 ? 1022 ARG A NH1 1 
ATOM   401  N NH2 . ARG A 1 44  ? 9.282   10.443  -7.771  1.00 67.83 ? 1022 ARG A NH2 1 
ATOM   402  N N   . THR A 1 45  ? 17.144  6.971   -9.787  1.00 37.48 ? 1023 THR A N   1 
ATOM   403  C CA  . THR A 1 45  ? 18.223  6.109   -10.321 1.00 40.59 ? 1023 THR A CA  1 
ATOM   404  C C   . THR A 1 45  ? 18.517  4.955   -9.362  1.00 42.21 ? 1023 THR A C   1 
ATOM   405  O O   . THR A 1 45  ? 18.929  3.863   -9.834  1.00 42.54 ? 1023 THR A O   1 
ATOM   406  C CB  . THR A 1 45  ? 19.450  6.948   -10.706 1.00 43.53 ? 1023 THR A CB  1 
ATOM   407  O OG1 . THR A 1 45  ? 20.199  7.332   -9.554  1.00 53.63 ? 1023 THR A OG1 1 
ATOM   408  C CG2 . THR A 1 45  ? 19.050  8.171   -11.495 1.00 45.90 ? 1023 THR A CG2 1 
ATOM   409  N N   . VAL A 1 46  ? 18.269  5.116   -8.065  1.00 28.51 ? 1024 VAL A N   1 
ATOM   410  C CA  . VAL A 1 46  ? 18.498  4.014   -7.104  1.00 23.37 ? 1024 VAL A CA  1 
ATOM   411  C C   . VAL A 1 46  ? 17.208  3.135   -7.008  1.00 23.27 ? 1024 VAL A C   1 
ATOM   412  O O   . VAL A 1 46  ? 17.289  1.899   -6.889  1.00 24.92 ? 1024 VAL A O   1 
ATOM   413  C CB  . VAL A 1 46  ? 18.843  4.581   -5.711  1.00 28.01 ? 1024 VAL A CB  1 
ATOM   414  C CG1 . VAL A 1 46  ? 18.993  3.496   -4.661  1.00 28.94 ? 1024 VAL A CG1 1 
ATOM   415  C CG2 . VAL A 1 46  ? 20.087  5.476   -5.782  1.00 35.09 ? 1024 VAL A CG2 1 
ATOM   416  N N   . ILE A 1 47  ? 16.080  3.798   -6.819  1.00 21.83 ? 1025 ILE A N   1 
ATOM   417  C CA  . ILE A 1 47  ? 14.775  3.124   -6.576  1.00 19.59 ? 1025 ILE A CA  1 
ATOM   418  C C   . ILE A 1 47  ? 14.039  2.962   -7.942  1.00 15.75 ? 1025 ILE A C   1 
ATOM   419  O O   . ILE A 1 47  ? 13.593  3.929   -8.529  1.00 20.02 ? 1025 ILE A O   1 
ATOM   420  C CB  . ILE A 1 47  ? 13.942  3.885   -5.514  1.00 19.00 ? 1025 ILE A CB  1 
ATOM   421  C CG1 . ILE A 1 47  ? 14.661  3.912   -4.152  1.00 18.69 ? 1025 ILE A CG1 1 
ATOM   422  C CG2 . ILE A 1 47  ? 12.546  3.295   -5.386  1.00 18.03 ? 1025 ILE A CG2 1 
ATOM   423  C CD1 . ILE A 1 47  ? 14.945  2.635   -3.541  1.00 19.49 ? 1025 ILE A CD1 1 
ATOM   424  N N   . LYS A 1 48  ? 13.913  1.719   -8.299  1.00 19.66 ? 1026 LYS A N   1 
ATOM   425  C CA  . LYS A 1 48  ? 13.416  1.380   -9.662  1.00 19.97 ? 1026 LYS A CA  1 
ATOM   426  C C   . LYS A 1 48  ? 11.893  1.377   -9.768  1.00 19.74 ? 1026 LYS A C   1 
ATOM   427  O O   . LYS A 1 48  ? 11.400  1.720   -10.853 1.00 19.93 ? 1026 LYS A O   1 
ATOM   428  C CB  . LYS A 1 48  ? 13.894  -0.004  -10.024 1.00 20.94 ? 1026 LYS A CB  1 
ATOM   429  C CG  . LYS A 1 48  ? 15.406  -0.162  -10.096 1.00 24.55 ? 1026 LYS A CG  1 
ATOM   430  C CD  . LYS A 1 48  ? 16.038  0.818   -11.019 1.00 27.67 ? 1026 LYS A CD  1 
ATOM   431  C CE  . LYS A 1 48  ? 17.558  0.843   -10.993 1.00 31.61 ? 1026 LYS A CE  1 
ATOM   432  N NZ  . LYS A 1 48  ? 18.058  2.004   -11.772 1.00 30.61 ? 1026 LYS A NZ  1 
ATOM   433  N N   . GLU A 1 49  ? 11.140  1.198   -8.671  1.00 17.61 ? 1027 GLU A N   1 
ATOM   434  C CA  . GLU A 1 49  ? 9.646   1.282   -8.695  1.00 15.96 ? 1027 GLU A CA  1 
ATOM   435  C C   . GLU A 1 49  ? 9.211   2.142   -7.484  1.00 15.35 ? 1027 GLU A C   1 
ATOM   436  O O   . GLU A 1 49  ? 8.801   1.591   -6.448  1.00 16.17 ? 1027 GLU A O   1 
ATOM   437  C CB  . GLU A 1 49  ? 8.981   -0.078  -8.699  1.00 16.40 ? 1027 GLU A CB  1 
ATOM   438  C CG  . GLU A 1 49  ? 7.520   0.041   -9.108  1.00 17.26 ? 1027 GLU A CG  1 
ATOM   439  C CD  . GLU A 1 49  ? 6.688   -1.210  -9.294  1.00 17.58 ? 1027 GLU A CD  1 
ATOM   440  O OE1 . GLU A 1 49  ? 7.226   -2.301  -9.139  1.00 19.29 ? 1027 GLU A OE1 1 
ATOM   441  O OE2 . GLU A 1 49  ? 5.456   -1.034  -9.640  1.00 20.20 ? 1027 GLU A OE2 1 
ATOM   442  N N   . PRO A 1 50  ? 9.282   3.471   -7.606  1.00 13.98 ? 1028 PRO A N   1 
ATOM   443  C CA  . PRO A 1 50  ? 8.805   4.356   -6.537  1.00 14.88 ? 1028 PRO A CA  1 
ATOM   444  C C   . PRO A 1 50  ? 7.320   4.087   -6.217  1.00 15.27 ? 1028 PRO A C   1 
ATOM   445  O O   . PRO A 1 50  ? 6.474   3.754   -7.131  1.00 15.75 ? 1028 PRO A O   1 
ATOM   446  C CB  . PRO A 1 50  ? 8.992   5.780   -7.032  1.00 17.64 ? 1028 PRO A CB  1 
ATOM   447  C CG  . PRO A 1 50  ? 10.041  5.666   -8.139  1.00 20.08 ? 1028 PRO A CG  1 
ATOM   448  C CD  . PRO A 1 50  ? 9.851   4.288   -8.710  1.00 16.65 ? 1028 PRO A CD  1 
ATOM   449  N N   . MET A 1 51  ? 6.930   4.288   -4.921  1.00 14.45 ? 1029 MET A N   1 
ATOM   450  C CA  . MET A 1 51  ? 5.500   4.126   -4.534  1.00 13.42 ? 1029 MET A CA  1 
ATOM   451  C C   . MET A 1 51  ? 5.240   5.030   -3.302  1.00 12.58 ? 1029 MET A C   1 
ATOM   452  O O   . MET A 1 51  ? 6.178   5.273   -2.504  1.00 14.75 ? 1029 MET A O   1 
ATOM   453  C CB  . MET A 1 51  ? 5.189   2.669   -4.237  1.00 14.11 ? 1029 MET A CB  1 
ATOM   454  C CG  . MET A 1 51  ? 3.696   2.323   -4.091  1.00 13.98 ? 1029 MET A CG  1 
ATOM   455  S SD  . MET A 1 51  ? 2.554   2.871   -5.370  1.00 16.04 ? 1029 MET A SD  1 
ATOM   456  C CE  . MET A 1 51  ? 3.247   2.004   -6.805  1.00 17.38 ? 1029 MET A CE  1 
ATOM   457  N N   . ASP A 1 52  ? 4.012   5.542   -3.219  1.00 12.90 ? 1030 ASP A N   1 
ATOM   458  C CA  . ASP A 1 52  ? 3.605   6.460   -2.122  1.00 12.86 ? 1030 ASP A CA  1 
ATOM   459  C C   . ASP A 1 52  ? 2.096   6.389   -1.949  1.00 13.55 ? 1030 ASP A C   1 
ATOM   460  O O   . ASP A 1 52  ? 1.368   5.792   -2.830  1.00 13.72 ? 1030 ASP A O   1 
ATOM   461  C CB  . ASP A 1 52  ? 4.009   7.909   -2.453  1.00 14.51 ? 1030 ASP A CB  1 
ATOM   462  C CG  . ASP A 1 52  ? 3.229   8.445   -3.639  1.00 16.70 ? 1030 ASP A CG  1 
ATOM   463  O OD1 . ASP A 1 52  ? 3.615   8.139   -4.846  1.00 20.90 ? 1030 ASP A OD1 1 
ATOM   464  O OD2 . ASP A 1 52  ? 2.175   9.001   -3.409  1.00 19.34 ? 1030 ASP A OD2 1 
ATOM   465  N N   . LEU A 1 53  ? 1.547   6.940   -0.864  1.00 13.82 ? 1031 LEU A N   1 
ATOM   466  C CA  . LEU A 1 53  ? 0.113   6.757   -0.545  1.00 13.65 ? 1031 LEU A CA  1 
ATOM   467  C C   . LEU A 1 53  ? -0.846  7.503   -1.515  1.00 14.18 ? 1031 LEU A C   1 
ATOM   468  O O   . LEU A 1 53  ? -1.966  7.056   -1.727  1.00 14.38 ? 1031 LEU A O   1 
ATOM   469  C CB  . LEU A 1 53  ? -0.154  7.105   0.932   1.00 13.06 ? 1031 LEU A CB  1 
ATOM   470  C CG  . LEU A 1 53  ? 0.560   6.241   1.966   1.00 13.37 ? 1031 LEU A CG  1 
ATOM   471  C CD1 . LEU A 1 53  ? 0.393   6.829   3.367   1.00 15.80 ? 1031 LEU A CD1 1 
ATOM   472  C CD2 . LEU A 1 53  ? 0.071   4.809   1.957   1.00 14.23 ? 1031 LEU A CD2 1 
ATOM   473  N N   . SER A 1 54  ? -0.414  8.630   -2.091  0.48 15.27 ? 1032 SER A N   1 
ATOM   474  C CA  . SER A 1 54  ? -1.196  9.350   -3.135  0.48 16.00 ? 1032 SER A CA  1 
ATOM   475  C C   . SER A 1 54  ? -1.315  8.472   -4.387  0.48 15.14 ? 1032 SER A C   1 
ATOM   476  O O   . SER A 1 54  ? -2.423  8.373   -4.948  0.48 15.74 ? 1032 SER A O   1 
ATOM   477  C CB  . SER A 1 54  ? -0.590  10.697  -3.473  0.48 17.75 ? 1032 SER A CB  1 
ATOM   478  O OG  . SER A 1 54  ? -0.807  11.622  -2.422  0.48 19.94 ? 1032 SER A OG  1 
ATOM   479  N N   . SER A 1 55  ? -0.217  7.847   -4.802  1.00 14.45 ? 1033 SER A N   1 
ATOM   480  C CA  . SER A 1 55  ? -0.222  6.900   -5.945  1.00 14.31 ? 1033 SER A CA  1 
ATOM   481  C C   . SER A 1 55  ? -1.137  5.735   -5.630  1.00 13.08 ? 1033 SER A C   1 
ATOM   482  O O   . SER A 1 55  ? -1.850  5.235   -6.528  1.00 13.06 ? 1033 SER A O   1 
ATOM   483  C CB  . SER A 1 55  ? 1.113   6.454   -6.374  1.00 14.98 ? 1033 SER A CB  1 
ATOM   484  O OG  . SER A 1 55  ? 1.863   7.633   -6.775  1.00 19.86 ? 1033 SER A OG  1 
ATOM   485  N N   . VAL A 1 56  ? -1.096  5.196   -4.409  1.00 12.44 ? 1034 VAL A N   1 
ATOM   486  C CA  . VAL A 1 56  ? -2.017  4.071   -4.015  1.00 13.07 ? 1034 VAL A CA  1 
ATOM   487  C C   . VAL A 1 56  ? -3.494  4.471   -4.174  1.00 12.73 ? 1034 VAL A C   1 
ATOM   488  O O   . VAL A 1 56  ? -4.288  3.674   -4.718  1.00 12.26 ? 1034 VAL A O   1 
ATOM   489  C CB  . VAL A 1 56  ? -1.628  3.547   -2.597  1.00 12.58 ? 1034 VAL A CB  1 
ATOM   490  C CG1 . VAL A 1 56  ? -2.701  2.590   -2.037  1.00 13.81 ? 1034 VAL A CG1 1 
ATOM   491  C CG2 . VAL A 1 56  ? -0.327  2.848   -2.583  1.00 12.68 ? 1034 VAL A CG2 1 
ATOM   492  N N   . ILE A 1 57  ? -3.892  5.661   -3.712  0.48 13.26 ? 1035 ILE A N   1 
ATOM   493  C CA  . ILE A 1 57  ? -5.291  6.155   -3.904  0.48 13.97 ? 1035 ILE A CA  1 
ATOM   494  C C   . ILE A 1 57  ? -5.609  6.177   -5.408  0.48 14.14 ? 1035 ILE A C   1 
ATOM   495  O O   . ILE A 1 57  ? -6.685  5.690   -5.807  0.48 14.44 ? 1035 ILE A O   1 
ATOM   496  C CB  . ILE A 1 57  ? -5.510  7.534   -3.253  0.48 15.68 ? 1035 ILE A CB  1 
ATOM   497  C CG1 . ILE A 1 57  ? -5.475  7.448   -1.724  0.48 16.43 ? 1035 ILE A CG1 1 
ATOM   498  C CG2 . ILE A 1 57  ? -6.803  8.158   -3.764  0.48 16.57 ? 1035 ILE A CG2 1 
ATOM   499  C CD1 . ILE A 1 57  ? -6.626  6.684   -1.105  0.48 17.02 ? 1035 ILE A CD1 1 
ATOM   500  N N   . SER A 1 58  ? -4.705  6.735   -6.218  1.00 13.98 ? 1036 SER A N   1 
ATOM   501  C CA  . SER A 1 58  ? -4.925  6.768   -7.686  1.00 14.01 ? 1036 SER A CA  1 
ATOM   502  C C   . SER A 1 58  ? -5.130  5.345   -8.236  1.00 13.95 ? 1036 SER A C   1 
ATOM   503  O O   . SER A 1 58  ? -6.023  5.125   -9.108  1.00 14.12 ? 1036 SER A O   1 
ATOM   504  C CB  . SER A 1 58  ? -3.764  7.484   -8.399  1.00 14.55 ? 1036 SER A CB  1 
ATOM   505  O OG  . SER A 1 58  ? -3.754  8.889   -8.109  1.00 19.39 ? 1036 SER A OG  1 
ATOM   506  N N   . LYS A 1 59  ? -4.331  4.367   -7.820  1.00 12.98 ? 1037 LYS A N   1 
ATOM   507  C CA  . LYS A 1 59  ? -4.407  2.961   -8.301  1.00 11.98 ? 1037 LYS A CA  1 
ATOM   508  C C   . LYS A 1 59  ? -5.756  2.319   -7.883  1.00 12.72 ? 1037 LYS A C   1 
ATOM   509  O O   . LYS A 1 59  ? -6.358  1.555   -8.645  1.00 12.99 ? 1037 LYS A O   1 
ATOM   510  C CB  . LYS A 1 59  ? -3.175  2.194   -7.840  1.00 12.34 ? 1037 LYS A CB  1 
ATOM   511  C CG  . LYS A 1 59  ? -1.892  2.586   -8.585  1.00 12.60 ? 1037 LYS A CG  1 
ATOM   512  C CD  . LYS A 1 59  ? -0.719  1.691   -8.268  1.00 13.44 ? 1037 LYS A CD  1 
ATOM   513  C CE  . LYS A 1 59  ? -0.865  0.266   -8.693  1.00 15.20 ? 1037 LYS A CE  1 
ATOM   514  N NZ  . LYS A 1 59  ? 0.359   -0.577  -8.620  1.00 16.88 ? 1037 LYS A NZ  1 
ATOM   515  N N   . ILE A 1 60  ? -6.229  2.601   -6.672  1.00 13.27 ? 1038 ILE A N   1 
ATOM   516  C CA  . ILE A 1 60  ? -7.541  2.068   -6.210  1.00 13.21 ? 1038 ILE A CA  1 
ATOM   517  C C   . ILE A 1 60  ? -8.614  2.539   -7.205  1.00 12.47 ? 1038 ILE A C   1 
ATOM   518  O O   . ILE A 1 60  ? -9.432  1.714   -7.707  1.00 13.34 ? 1038 ILE A O   1 
ATOM   519  C CB  . ILE A 1 60  ? -7.900  2.518   -4.771  1.00 12.49 ? 1038 ILE A CB  1 
ATOM   520  C CG1 . ILE A 1 60  ? -6.950  1.911   -3.730  1.00 13.47 ? 1038 ILE A CG1 1 
ATOM   521  C CG2 . ILE A 1 60  ? -9.362  2.095   -4.480  1.00 14.61 ? 1038 ILE A CG2 1 
ATOM   522  C CD1 . ILE A 1 60  ? -7.026  2.581   -2.362  1.00 15.02 ? 1038 ILE A CD1 1 
ATOM   523  N N   . ASP A 1 61  ? -8.602  3.823   -7.539  1.00 12.74 ? 1039 ASP A N   1 
ATOM   524  C CA  . ASP A 1 61  ? -9.631  4.451   -8.390  1.00 14.99 ? 1039 ASP A CA  1 
ATOM   525  C C   . ASP A 1 61  ? -9.493  3.957   -9.848  1.00 16.76 ? 1039 ASP A C   1 
ATOM   526  O O   . ASP A 1 61  ? -10.544 3.967   -10.555 1.00 19.21 ? 1039 ASP A O   1 
ATOM   527  C CB  . ASP A 1 61  ? -9.554  5.964   -8.266  1.00 16.44 ? 1039 ASP A CB  1 
ATOM   528  C CG  . ASP A 1 61  ? -10.006 6.558   -6.933  1.00 20.32 ? 1039 ASP A CG  1 
ATOM   529  O OD1 . ASP A 1 61  ? -10.650 5.792   -6.153  1.00 21.19 ? 1039 ASP A OD1 1 
ATOM   530  O OD2 . ASP A 1 61  ? -9.708  7.758   -6.624  1.00 21.06 ? 1039 ASP A OD2 1 
ATOM   531  N N   . LEU A 1 62  ? -8.304  3.556   -10.286 1.00 14.51 ? 1040 LEU A N   1 
ATOM   532  C CA  . LEU A 1 62  ? -8.091  2.977   -11.638 1.00 15.11 ? 1040 LEU A CA  1 
ATOM   533  C C   . LEU A 1 62  ? -8.421  1.496   -11.670 1.00 16.02 ? 1040 LEU A C   1 
ATOM   534  O O   . LEU A 1 62  ? -8.231  0.772   -12.686 1.00 18.03 ? 1040 LEU A O   1 
ATOM   535  C CB  . LEU A 1 62  ? -6.625  3.207   -12.035 1.00 14.29 ? 1040 LEU A CB  1 
ATOM   536  C CG  . LEU A 1 62  ? -6.248  4.624   -12.419 1.00 16.38 ? 1040 LEU A CG  1 
ATOM   537  C CD1 . LEU A 1 62  ? -4.729  4.770   -12.472 1.00 17.29 ? 1040 LEU A CD1 1 
ATOM   538  C CD2 . LEU A 1 62  ? -6.863  5.078   -13.772 1.00 18.31 ? 1040 LEU A CD2 1 
ATOM   539  N N   . HIS A 1 63  ? -8.907  0.878   -10.565 1.00 15.38 ? 1041 HIS A N   1 
ATOM   540  C CA  . HIS A 1 63  ? -9.274  -0.548  -10.491 1.00 14.31 ? 1041 HIS A CA  1 
ATOM   541  C C   . HIS A 1 63  ? -8.067  -1.456  -10.663 1.00 15.07 ? 1041 HIS A C   1 
ATOM   542  O O   . HIS A 1 63  ? -8.164  -2.602  -11.165 1.00 18.39 ? 1041 HIS A O   1 
ATOM   543  C CB  . HIS A 1 63  ? -10.464 -0.927  -11.439 1.00 15.98 ? 1041 HIS A CB  1 
ATOM   544  C CG  . HIS A 1 63  ? -11.692 -0.144  -11.245 1.00 16.62 ? 1041 HIS A CG  1 
ATOM   545  N ND1 . HIS A 1 63  ? -12.899 -0.556  -11.824 1.00 23.00 ? 1041 HIS A ND1 1 
ATOM   546  C CD2 . HIS A 1 63  ? -11.967 0.979   -10.565 1.00 18.19 ? 1041 HIS A CD2 1 
ATOM   547  C CE1 . HIS A 1 63  ? -13.781 0.372   -11.512 1.00 18.18 ? 1041 HIS A CE1 1 
ATOM   548  N NE2 . HIS A 1 63  ? -13.320 1.303   -10.728 1.00 23.18 ? 1041 HIS A NE2 1 
ATOM   549  N N   . LYS A 1 64  ? -6.888  -1.047  -10.165 1.00 13.89 ? 1042 LYS A N   1 
ATOM   550  C CA  . LYS A 1 64  ? -5.655  -1.836  -10.202 1.00 14.72 ? 1042 LYS A CA  1 
ATOM   551  C C   . LYS A 1 64  ? -5.627  -2.999  -9.202  1.00 15.01 ? 1042 LYS A C   1 
ATOM   552  O O   . LYS A 1 64  ? -4.852  -3.940  -9.413  1.00 16.96 ? 1042 LYS A O   1 
ATOM   553  C CB  . LYS A 1 64  ? -4.427  -0.949  -10.059 1.00 15.24 ? 1042 LYS A CB  1 
ATOM   554  C CG  . LYS A 1 64  ? -4.181  0.177   -11.042 1.00 18.45 ? 1042 LYS A CG  1 
ATOM   555  C CD  . LYS A 1 64  ? -3.474  -0.234  -12.250 1.00 20.50 ? 1042 LYS A CD  1 
ATOM   556  C CE  . LYS A 1 64  ? -3.110  0.953   -13.137 1.00 19.83 ? 1042 LYS A CE  1 
ATOM   557  N NZ  . LYS A 1 64  ? -2.358  0.423   -14.305 1.00 23.08 ? 1042 LYS A NZ  1 
ATOM   558  N N   . TYR A 1 65  ? -6.345  -2.848  -8.065  1.00 13.94 ? 1043 TYR A N   1 
ATOM   559  C CA  . TYR A 1 65  ? -6.354  -3.854  -6.997  1.00 14.06 ? 1043 TYR A CA  1 
ATOM   560  C C   . TYR A 1 65  ? -7.679  -4.634  -7.034  1.00 14.78 ? 1043 TYR A C   1 
ATOM   561  O O   . TYR A 1 65  ? -8.783  -4.033  -6.902  1.00 17.85 ? 1043 TYR A O   1 
ATOM   562  C CB  . TYR A 1 65  ? -6.122  -3.200  -5.628  1.00 14.52 ? 1043 TYR A CB  1 
ATOM   563  C CG  . TYR A 1 65  ? -4.928  -2.268  -5.499  1.00 12.98 ? 1043 TYR A CG  1 
ATOM   564  C CD1 . TYR A 1 65  ? -3.648  -2.728  -5.682  1.00 13.60 ? 1043 TYR A CD1 1 
ATOM   565  C CD2 . TYR A 1 65  ? -5.112  -0.940  -5.157  1.00 12.75 ? 1043 TYR A CD2 1 
ATOM   566  C CE1 . TYR A 1 65  ? -2.543  -1.887  -5.571  1.00 14.18 ? 1043 TYR A CE1 1 
ATOM   567  C CE2 . TYR A 1 65  ? -4.021  -0.069  -5.040  1.00 12.83 ? 1043 TYR A CE2 1 
ATOM   568  C CZ  . TYR A 1 65  ? -2.750  -0.554  -5.224  1.00 13.10 ? 1043 TYR A CZ  1 
ATOM   569  O OH  . TYR A 1 65  ? -1.685  0.345   -5.082  1.00 13.75 ? 1043 TYR A OH  1 
ATOM   570  N N   A LEU A 1 66  ? -7.567  -5.948  -7.237  0.14 15.56 ? 1044 LEU A N   1 
ATOM   571  N N   B LEU A 1 66  ? -7.573  -5.951  -7.229  0.23 15.19 ? 1044 LEU A N   1 
ATOM   572  N N   C LEU A 1 66  ? -7.567  -5.948  -7.237  0.14 15.56 ? 1044 LEU A N   1 
ATOM   573  C CA  A LEU A 1 66  ? -8.716  -6.896  -7.208  0.14 15.60 ? 1044 LEU A CA  1 
ATOM   574  C CA  B LEU A 1 66  ? -8.739  -6.887  -7.178  0.23 14.89 ? 1044 LEU A CA  1 
ATOM   575  C CA  C LEU A 1 66  ? -8.716  -6.896  -7.208  0.14 15.60 ? 1044 LEU A CA  1 
ATOM   576  C C   A LEU A 1 66  ? -8.695  -7.697  -5.907  0.14 15.68 ? 1044 LEU A C   1 
ATOM   577  C C   B LEU A 1 66  ? -8.672  -7.742  -5.920  0.23 15.65 ? 1044 LEU A C   1 
ATOM   578  C C   C LEU A 1 66  ? -8.695  -7.697  -5.907  0.14 15.68 ? 1044 LEU A C   1 
ATOM   579  O O   A LEU A 1 66  ? -9.721  -8.359  -5.621  0.14 15.82 ? 1044 LEU A O   1 
ATOM   580  O O   B LEU A 1 66  ? -9.639  -8.506  -5.673  0.23 15.94 ? 1044 LEU A O   1 
ATOM   581  O O   C LEU A 1 66  ? -9.721  -8.359  -5.621  0.14 15.82 ? 1044 LEU A O   1 
ATOM   582  C CB  A LEU A 1 66  ? -8.644  -7.821  -8.430  0.14 16.79 ? 1044 LEU A CB  1 
ATOM   583  C CB  B LEU A 1 66  ? -8.742  -7.784  -8.423  0.23 15.87 ? 1044 LEU A CB  1 
ATOM   584  C CB  C LEU A 1 66  ? -8.644  -7.821  -8.430  0.14 16.79 ? 1044 LEU A CB  1 
ATOM   585  C CG  A LEU A 1 66  ? -8.714  -7.123  -9.789  0.14 18.17 ? 1044 LEU A CG  1 
ATOM   586  C CG  B LEU A 1 66  ? -9.423  -7.188  -9.654  0.23 17.16 ? 1044 LEU A CG  1 
ATOM   587  C CG  C LEU A 1 66  ? -8.714  -7.123  -9.789  0.14 18.17 ? 1044 LEU A CG  1 
ATOM   588  C CD1 A LEU A 1 66  ? -8.869  -8.142  -10.908 0.14 19.53 ? 1044 LEU A CD1 1 
ATOM   589  C CD1 B LEU A 1 66  ? -8.567  -6.106  -10.277 0.23 17.82 ? 1044 LEU A CD1 1 
ATOM   590  C CD1 C LEU A 1 66  ? -8.869  -8.142  -10.908 0.14 19.53 ? 1044 LEU A CD1 1 
ATOM   591  C CD2 A LEU A 1 66  ? -9.849  -6.108  -9.828  0.14 18.39 ? 1044 LEU A CD2 1 
ATOM   592  C CD2 B LEU A 1 66  ? -9.722  -8.268  -10.678 0.23 18.11 ? 1044 LEU A CD2 1 
ATOM   593  C CD2 C LEU A 1 66  ? -9.849  -6.108  -9.828  0.14 18.39 ? 1044 LEU A CD2 1 
ATOM   594  N N   . THR A 1 67  ? -7.609  -7.612  -5.121  1.00 14.45 ? 1045 THR A N   1 
ATOM   595  C CA  . THR A 1 67  ? -7.488  -8.353  -3.841  1.00 13.71 ? 1045 THR A CA  1 
ATOM   596  C C   . THR A 1 67  ? -6.748  -7.504  -2.796  1.00 15.01 ? 1045 THR A C   1 
ATOM   597  O O   . THR A 1 67  ? -5.970  -6.594  -3.204  1.00 14.50 ? 1045 THR A O   1 
ATOM   598  C CB  . THR A 1 67  ? -6.765  -9.682  -3.938  1.00 15.71 ? 1045 THR A CB  1 
ATOM   599  O OG1 . THR A 1 67  ? -5.374  -9.514  -4.227  1.00 16.43 ? 1045 THR A OG1 1 
ATOM   600  C CG2 . THR A 1 67  ? -7.375  -10.583 -4.999  1.00 16.19 ? 1045 THR A CG2 1 
ATOM   601  N N   . VAL A 1 68  ? -6.928  -7.792  -1.521  1.00 14.11 ? 1046 VAL A N   1 
ATOM   602  C CA  . VAL A 1 68  ? -6.125  -7.100  -0.457  1.00 14.20 ? 1046 VAL A CA  1 
ATOM   603  C C   . VAL A 1 68  ? -4.682  -7.542  -0.610  1.00 15.04 ? 1046 VAL A C   1 
ATOM   604  O O   . VAL A 1 68  ? -3.771  -6.728  -0.299  1.00 14.83 ? 1046 VAL A O   1 
ATOM   605  C CB  . VAL A 1 68  ? -6.705  -7.269  0.957   1.00 15.32 ? 1046 VAL A CB  1 
ATOM   606  C CG1 . VAL A 1 68  ? -5.923  -6.435  1.965   1.00 17.43 ? 1046 VAL A CG1 1 
ATOM   607  C CG2 . VAL A 1 68  ? -8.163  -6.801  1.002   1.00 18.45 ? 1046 VAL A CG2 1 
ATOM   608  N N   . LYS A 1 69  ? -4.367  -8.775  -1.008  1.00 15.47 ? 1047 LYS A N   1 
ATOM   609  C CA  . LYS A 1 69  ? -2.961  -9.202  -1.264  1.00 17.04 ? 1047 LYS A CA  1 
ATOM   610  C C   . LYS A 1 69  ? -2.237  -8.258  -2.261  1.00 16.70 ? 1047 LYS A C   1 
ATOM   611  O O   . LYS A 1 69  ? -1.079  -7.851  -2.005  1.00 18.25 ? 1047 LYS A O   1 
ATOM   612  C CB  . LYS A 1 69  ? -3.008  -10.681 -1.708  1.00 22.13 ? 1047 LYS A CB  1 
ATOM   613  C CG  . LYS A 1 69  ? -1.653  -11.297 -1.951  1.00 33.63 ? 1047 LYS A CG  1 
ATOM   614  C CD  . LYS A 1 69  ? -1.697  -12.844 -2.015  1.00 43.44 ? 1047 LYS A CD  1 
ATOM   615  C CE  . LYS A 1 69  ? -1.605  -13.520 -0.658  1.00 54.95 ? 1047 LYS A CE  1 
ATOM   616  N NZ  . LYS A 1 69  ? -2.931  -13.769 -0.039  1.00 61.60 ? 1047 LYS A NZ  1 
ATOM   617  N N   A ASP A 1 70  ? -2.873  -7.828  -3.339  0.24 15.41 ? 1048 ASP A N   1 
ATOM   618  N N   B ASP A 1 70  ? -2.910  -7.938  -3.381  0.13 16.27 ? 1048 ASP A N   1 
ATOM   619  N N   C ASP A 1 70  ? -2.910  -7.938  -3.381  0.13 16.27 ? 1048 ASP A N   1 
ATOM   620  C CA  A ASP A 1 70  ? -2.189  -6.971  -4.340  0.24 15.90 ? 1048 ASP A CA  1 
ATOM   621  C CA  B ASP A 1 70  ? -2.460  -6.965  -4.420  0.13 16.51 ? 1048 ASP A CA  1 
ATOM   622  C CA  C ASP A 1 70  ? -2.460  -6.965  -4.420  0.13 16.51 ? 1048 ASP A CA  1 
ATOM   623  C C   A ASP A 1 70  ? -2.033  -5.529  -3.783  0.24 14.29 ? 1048 ASP A C   1 
ATOM   624  C C   B ASP A 1 70  ? -2.042  -5.658  -3.718  0.13 15.13 ? 1048 ASP A C   1 
ATOM   625  C C   C ASP A 1 70  ? -2.042  -5.658  -3.718  0.13 15.13 ? 1048 ASP A C   1 
ATOM   626  O O   A ASP A 1 70  ? -1.046  -4.794  -4.153  0.24 13.01 ? 1048 ASP A O   1 
ATOM   627  O O   B ASP A 1 70  ? -0.892  -5.206  -3.911  0.13 15.48 ? 1048 ASP A O   1 
ATOM   628  O O   C ASP A 1 70  ? -0.892  -5.206  -3.911  0.13 15.48 ? 1048 ASP A O   1 
ATOM   629  C CB  A ASP A 1 70  ? -2.940  -7.099  -5.665  0.24 17.10 ? 1048 ASP A CB  1 
ATOM   630  C CB  B ASP A 1 70  ? -3.551  -6.634  -5.460  0.13 17.52 ? 1048 ASP A CB  1 
ATOM   631  C CB  C ASP A 1 70  ? -3.551  -6.634  -5.460  0.13 17.52 ? 1048 ASP A CB  1 
ATOM   632  C CG  A ASP A 1 70  ? -2.717  -8.406  -6.424  0.24 18.70 ? 1048 ASP A CG  1 
ATOM   633  C CG  B ASP A 1 70  ? -3.852  -7.661  -6.554  0.13 18.58 ? 1048 ASP A CG  1 
ATOM   634  C CG  C ASP A 1 70  ? -3.852  -7.661  -6.554  0.13 18.58 ? 1048 ASP A CG  1 
ATOM   635  O OD1 A ASP A 1 70  ? -1.923  -9.266  -5.962  0.24 21.12 ? 1048 ASP A OD1 1 
ATOM   636  O OD1 B ASP A 1 70  ? -3.166  -8.711  -6.582  0.13 20.54 ? 1048 ASP A OD1 1 
ATOM   637  O OD1 C ASP A 1 70  ? -3.166  -8.711  -6.582  0.13 20.54 ? 1048 ASP A OD1 1 
ATOM   638  O OD2 A ASP A 1 70  ? -3.359  -8.561  -7.475  0.24 18.42 ? 1048 ASP A OD2 1 
ATOM   639  O OD2 B ASP A 1 70  ? -4.781  -7.388  -7.403  0.13 19.42 ? 1048 ASP A OD2 1 
ATOM   640  O OD2 C ASP A 1 70  ? -4.781  -7.388  -7.403  0.13 19.42 ? 1048 ASP A OD2 1 
ATOM   641  N N   . TYR A 1 71  ? -2.960  -5.080  -2.934  1.00 13.79 ? 1049 TYR A N   1 
ATOM   642  C CA  . TYR A 1 71  ? -2.781  -3.779  -2.217  1.00 12.55 ? 1049 TYR A CA  1 
ATOM   643  C C   . TYR A 1 71  ? -1.566  -3.879  -1.272  1.00 13.10 ? 1049 TYR A C   1 
ATOM   644  O O   . TYR A 1 71  ? -0.700  -2.922  -1.266  1.00 12.76 ? 1049 TYR A O   1 
ATOM   645  C CB  . TYR A 1 71  ? -4.064  -3.465  -1.445  1.00 12.66 ? 1049 TYR A CB  1 
ATOM   646  C CG  . TYR A 1 71  ? -3.973  -2.305  -0.495  1.00 11.66 ? 1049 TYR A CG  1 
ATOM   647  C CD1 . TYR A 1 71  ? -4.184  -0.987  -0.877  1.00 11.29 ? 1049 TYR A CD1 1 
ATOM   648  C CD2 . TYR A 1 71  ? -3.727  -2.539  0.879   1.00 13.21 ? 1049 TYR A CD2 1 
ATOM   649  C CE1 . TYR A 1 71  ? -4.170  0.070   0.035   1.00 10.67 ? 1049 TYR A CE1 1 
ATOM   650  C CE2 . TYR A 1 71  ? -3.703  -1.495  1.780   1.00 12.35 ? 1049 TYR A CE2 1 
ATOM   651  C CZ  . TYR A 1 71  ? -3.910  -0.177  1.389   1.00 11.51 ? 1049 TYR A CZ  1 
ATOM   652  O OH  . TYR A 1 71  ? -3.900  0.886   2.273   1.00 12.82 ? 1049 TYR A OH  1 
ATOM   653  N N   . LEU A 1 72  ? -1.512  -4.932  -0.473  1.00 13.68 ? 1050 LEU A N   1 
ATOM   654  C CA  . LEU A 1 72  ? -0.390  -5.104  0.509   1.00 13.66 ? 1050 LEU A CA  1 
ATOM   655  C C   . LEU A 1 72  ? 0.937   -5.225  -0.236  1.00 13.46 ? 1050 LEU A C   1 
ATOM   656  O O   . LEU A 1 72  ? 1.998   -4.781  0.376   1.00 15.19 ? 1050 LEU A O   1 
ATOM   657  C CB  . LEU A 1 72  ? -0.653  -6.233  1.481   1.00 14.36 ? 1050 LEU A CB  1 
ATOM   658  C CG  . LEU A 1 72  ? -1.715  -5.945  2.515   1.00 15.38 ? 1050 LEU A CG  1 
ATOM   659  C CD1 . LEU A 1 72  ? -2.043  -7.282  3.208   1.00 18.17 ? 1050 LEU A CD1 1 
ATOM   660  C CD2 . LEU A 1 72  ? -1.336  -4.861  3.515   1.00 18.18 ? 1050 LEU A CD2 1 
ATOM   661  N N   . ARG A 1 73  ? 1.027   -5.699  -1.473  1.00 13.50 ? 1051 ARG A N   1 
ATOM   662  C CA  . ARG A 1 73  ? 2.315   -5.704  -2.205  1.00 15.43 ? 1051 ARG A CA  1 
ATOM   663  C C   . ARG A 1 73  ? 2.786   -4.249  -2.394  1.00 14.36 ? 1051 ARG A C   1 
ATOM   664  O O   . ARG A 1 73  ? 4.052   -4.022  -2.298  1.00 14.02 ? 1051 ARG A O   1 
ATOM   665  C CB  . ARG A 1 73  ? 2.210   -6.386  -3.578  1.00 20.03 ? 1051 ARG A CB  1 
ATOM   666  C CG  . ARG A 1 73  ? 2.030   -7.889  -3.515  1.00 28.66 ? 1051 ARG A CG  1 
ATOM   667  C CD  . ARG A 1 73  ? 1.968   -8.471  -4.956  1.00 35.74 ? 1051 ARG A CD  1 
ATOM   668  N NE  . ARG A 1 73  ? 1.021   -9.577  -5.091  1.00 49.88 ? 1051 ARG A NE  1 
ATOM   669  C CZ  . ARG A 1 73  ? 1.204   -10.795 -4.569  1.00 65.88 ? 1051 ARG A CZ  1 
ATOM   670  N NH1 . ARG A 1 73  ? 2.281   -11.062 -3.843  1.00 72.19 ? 1051 ARG A NH1 1 
ATOM   671  N NH2 . ARG A 1 73  ? 0.297   -11.742 -4.767  1.00 71.06 ? 1051 ARG A NH2 1 
ATOM   672  N N   . ASP A 1 74  ? 1.920   -3.269  -2.615  1.00 13.65 ? 1052 ASP A N   1 
ATOM   673  C CA  . ASP A 1 74  ? 2.316   -1.860  -2.795  1.00 12.89 ? 1052 ASP A CA  1 
ATOM   674  C C   . ASP A 1 74  ? 2.687   -1.246  -1.404  1.00 12.22 ? 1052 ASP A C   1 
ATOM   675  O O   . ASP A 1 74  ? 3.613   -0.401  -1.341  1.00 12.52 ? 1052 ASP A O   1 
ATOM   676  C CB  . ASP A 1 74  ? 1.309   -1.053  -3.584  1.00 12.32 ? 1052 ASP A CB  1 
ATOM   677  C CG  . ASP A 1 74  ? 1.522   -1.173  -5.111  1.00 14.95 ? 1052 ASP A CG  1 
ATOM   678  O OD1 . ASP A 1 74  ? 2.638   -1.624  -5.507  1.00 16.89 ? 1052 ASP A OD1 1 
ATOM   679  O OD2 . ASP A 1 74  ? 0.637   -0.714  -5.851  1.00 14.56 ? 1052 ASP A OD2 1 
ATOM   680  N N   . ILE A 1 75  ? 1.978   -1.568  -0.326  1.00 12.20 ? 1053 ILE A N   1 
ATOM   681  C CA  . ILE A 1 75  ? 2.375   -1.097  1.049   1.00 11.85 ? 1053 ILE A CA  1 
ATOM   682  C C   . ILE A 1 75  ? 3.768   -1.668  1.343   1.00 13.18 ? 1053 ILE A C   1 
ATOM   683  O O   . ILE A 1 75  ? 4.679   -0.901  1.800   1.00 13.32 ? 1053 ILE A O   1 
ATOM   684  C CB  . ILE A 1 75  ? 1.372   -1.534  2.114   1.00 13.84 ? 1053 ILE A CB  1 
ATOM   685  C CG1 . ILE A 1 75  ? -0.027  -0.955  1.851   1.00 14.23 ? 1053 ILE A CG1 1 
ATOM   686  C CG2 . ILE A 1 75  ? 1.932   -1.200  3.494   1.00 16.32 ? 1053 ILE A CG2 1 
ATOM   687  C CD1 . ILE A 1 75  ? -0.079  0.558   1.791   1.00 16.65 ? 1053 ILE A CD1 1 
ATOM   688  N N   . ASP A 1 76  ? 4.036   -2.929  1.045   1.00 12.95 ? 1054 ASP A N   1 
ATOM   689  C CA  . ASP A 1 76  ? 5.365   -3.561  1.262   1.00 13.49 ? 1054 ASP A CA  1 
ATOM   690  C C   . ASP A 1 76  ? 6.418   -2.817  0.424   1.00 14.44 ? 1054 ASP A C   1 
ATOM   691  O O   . ASP A 1 76  ? 7.573   -2.701  0.914   1.00 14.64 ? 1054 ASP A O   1 
ATOM   692  C CB  . ASP A 1 76  ? 5.313   -5.060  0.985   1.00 15.32 ? 1054 ASP A CB  1 
ATOM   693  C CG  . ASP A 1 76  ? 4.551   -5.882  2.023   1.00 18.46 ? 1054 ASP A CG  1 
ATOM   694  O OD1 . ASP A 1 76  ? 4.634   -5.524  3.136   1.00 24.90 ? 1054 ASP A OD1 1 
ATOM   695  O OD2 . ASP A 1 76  ? 4.240   -6.973  1.660   1.00 30.51 ? 1054 ASP A OD2 1 
ATOM   696  N N   . LEU A 1 77  ? 6.102   -2.402  -0.796  1.00 12.51 ? 1055 LEU A N   1 
ATOM   697  C CA  . LEU A 1 77  ? 7.052   -1.678  -1.684  1.00 13.33 ? 1055 LEU A CA  1 
ATOM   698  C C   . LEU A 1 77  ? 7.375   -0.279  -1.111  1.00 14.82 ? 1055 LEU A C   1 
ATOM   699  O O   . LEU A 1 77  ? 8.559   0.162   -1.117  1.00 14.33 ? 1055 LEU A O   1 
ATOM   700  C CB  . LEU A 1 77  ? 6.450   -1.614  -3.106  1.00 14.04 ? 1055 LEU A CB  1 
ATOM   701  C CG  . LEU A 1 77  ? 7.264   -0.911  -4.185  1.00 15.74 ? 1055 LEU A CG  1 
ATOM   702  C CD1 . LEU A 1 77  ? 8.601   -1.600  -4.432  1.00 16.54 ? 1055 LEU A CD1 1 
ATOM   703  C CD2 . LEU A 1 77  ? 6.438   -0.865  -5.531  1.00 15.66 ? 1055 LEU A CD2 1 
ATOM   704  N N   . ILE A 1 78  ? 6.389   0.448   -0.584  1.00 13.10 ? 1056 ILE A N   1 
ATOM   705  C CA  . ILE A 1 78  ? 6.694   1.735   0.110   1.00 12.73 ? 1056 ILE A CA  1 
ATOM   706  C C   . ILE A 1 78  ? 7.736   1.469   1.198   1.00 13.46 ? 1056 ILE A C   1 
ATOM   707  O O   . ILE A 1 78  ? 8.757   2.285   1.292   1.00 14.02 ? 1056 ILE A O   1 
ATOM   708  C CB  . ILE A 1 78  ? 5.429   2.375   0.686   1.00 13.27 ? 1056 ILE A CB  1 
ATOM   709  C CG1 . ILE A 1 78  ? 4.444   2.807   -0.407  1.00 13.36 ? 1056 ILE A CG1 1 
ATOM   710  C CG2 . ILE A 1 78  ? 5.768   3.582   1.560   1.00 15.79 ? 1056 ILE A CG2 1 
ATOM   711  C CD1 . ILE A 1 78  ? 3.083   3.279   0.073   1.00 13.89 ? 1056 ILE A CD1 1 
ATOM   712  N N   . CYS A 1 79  ? 7.548   0.465   2.025   1.00 12.55 ? 1057 CYS A N   1 
ATOM   713  C CA  . CYS A 1 79  ? 8.426   0.121   3.181   1.00 13.92 ? 1057 CYS A CA  1 
ATOM   714  C C   . CYS A 1 79  ? 9.794   -0.311  2.649   1.00 16.30 ? 1057 CYS A C   1 
ATOM   715  O O   . CYS A 1 79  ? 10.855  0.268   3.069   1.00 15.60 ? 1057 CYS A O   1 
ATOM   716  C CB  . CYS A 1 79  ? 7.786   -0.911  4.059   1.00 14.60 ? 1057 CYS A CB  1 
ATOM   717  S SG  . CYS A 1 79  ? 8.833   -1.363  5.483   1.00 17.46 ? 1057 CYS A SG  1 
ATOM   718  N N   . SER A 1 80  ? 9.870   -1.246  1.695   1.00 14.25 ? 1058 SER A N   1 
ATOM   719  C CA  . SER A 1 80  ? 11.182  -1.785  1.231   1.00 14.96 ? 1058 SER A CA  1 
ATOM   720  C C   . SER A 1 80  ? 11.953  -0.676  0.528   1.00 15.56 ? 1058 SER A C   1 
ATOM   721  O O   . SER A 1 80  ? 13.219  -0.610  0.706   1.00 15.69 ? 1058 SER A O   1 
ATOM   722  C CB  . SER A 1 80  ? 10.977  -3.067  0.407   1.00 17.59 ? 1058 SER A CB  1 
ATOM   723  O OG  . SER A 1 80  ? 10.334  -2.797  -0.792  1.00 21.23 ? 1058 SER A OG  1 
ATOM   724  N N   . ASN A 1 81  ? 11.358  0.219   -0.221  1.00 13.99 ? 1059 ASN A N   1 
ATOM   725  C CA  . ASN A 1 81  ? 12.003  1.355   -0.921  1.00 13.22 ? 1059 ASN A CA  1 
ATOM   726  C C   . ASN A 1 81  ? 12.717  2.220   0.173   1.00 16.47 ? 1059 ASN A C   1 
ATOM   727  O O   . ASN A 1 81  ? 13.858  2.665   -0.004  1.00 15.64 ? 1059 ASN A O   1 
ATOM   728  C CB  . ASN A 1 81  ? 11.085  2.178   -1.814  1.00 13.44 ? 1059 ASN A CB  1 
ATOM   729  C CG  . ASN A 1 81  ? 10.655  1.477   -3.120  1.00 12.69 ? 1059 ASN A CG  1 
ATOM   730  O OD1 . ASN A 1 81  ? 11.283  0.484   -3.500  1.00 15.83 ? 1059 ASN A OD1 1 
ATOM   731  N ND2 . ASN A 1 81  ? 9.643   2.098   -3.757  1.00 14.92 ? 1059 ASN A ND2 1 
ATOM   732  N N   . ALA A 1 82  ? 12.006  2.547   1.256   1.00 15.24 ? 1060 ALA A N   1 
ATOM   733  C CA  . ALA A 1 82  ? 12.585  3.410   2.327   1.00 15.23 ? 1060 ALA A CA  1 
ATOM   734  C C   . ALA A 1 82  ? 13.754  2.668   2.969   1.00 16.36 ? 1060 ALA A C   1 
ATOM   735  O O   . ALA A 1 82  ? 14.780  3.384   3.302   1.00 17.36 ? 1060 ALA A O   1 
ATOM   736  C CB  . ALA A 1 82  ? 11.477  3.764   3.334   1.00 15.07 ? 1060 ALA A CB  1 
ATOM   737  N N   . LEU A 1 83  ? 13.685  1.413   3.287   1.00 16.19 ? 1061 LEU A N   1 
ATOM   738  C CA  . LEU A 1 83  ? 14.761  0.603   3.923   1.00 16.31 ? 1061 LEU A CA  1 
ATOM   739  C C   . LEU A 1 83  ? 15.994  0.588   3.001   1.00 20.61 ? 1061 LEU A C   1 
ATOM   740  O O   . LEU A 1 83  ? 17.139  0.702   3.524   1.00 21.02 ? 1061 LEU A O   1 
ATOM   741  C CB  . LEU A 1 83  ? 14.353  -0.802  4.297   1.00 17.93 ? 1061 LEU A CB  1 
ATOM   742  C CG  . LEU A 1 83  ? 13.074  -0.967  5.124   1.00 21.96 ? 1061 LEU A CG  1 
ATOM   743  C CD1 . LEU A 1 83  ? 12.911  -2.413  5.532   1.00 22.43 ? 1061 LEU A CD1 1 
ATOM   744  C CD2 . LEU A 1 83  ? 12.997  0.005   6.291   1.00 22.92 ? 1061 LEU A CD2 1 
ATOM   745  N N   A GLU A 1 84  ? 15.769  0.451   1.682   0.14 19.49 ? 1062 GLU A N   1 
ATOM   746  N N   B GLU A 1 84  ? 15.812  0.492   1.682   0.23 17.47 ? 1062 GLU A N   1 
ATOM   747  N N   C GLU A 1 84  ? 15.769  0.451   1.682   0.14 19.49 ? 1062 GLU A N   1 
ATOM   748  C CA  A GLU A 1 84  ? 16.822  0.393   0.618   0.14 21.03 ? 1062 GLU A CA  1 
ATOM   749  C CA  B GLU A 1 84  ? 16.968  0.373   0.743   0.23 18.18 ? 1062 GLU A CA  1 
ATOM   750  C CA  C GLU A 1 84  ? 16.822  0.393   0.618   0.14 21.03 ? 1062 GLU A CA  1 
ATOM   751  C C   A GLU A 1 84  ? 17.551  1.734   0.512   0.14 19.95 ? 1062 GLU A C   1 
ATOM   752  C C   B GLU A 1 84  ? 17.580  1.756   0.436   0.23 18.64 ? 1062 GLU A C   1 
ATOM   753  C C   C GLU A 1 84  ? 17.551  1.734   0.512   0.14 19.95 ? 1062 GLU A C   1 
ATOM   754  O O   A GLU A 1 84  ? 18.812  1.709   0.556   0.14 21.06 ? 1062 GLU A O   1 
ATOM   755  O O   B GLU A 1 84  ? 18.830  1.833   0.280   0.23 19.17 ? 1062 GLU A O   1 
ATOM   756  O O   C GLU A 1 84  ? 18.812  1.709   0.556   0.14 21.06 ? 1062 GLU A O   1 
ATOM   757  C CB  A GLU A 1 84  ? 16.230  0.040   -0.760  0.14 22.64 ? 1062 GLU A CB  1 
ATOM   758  C CB  B GLU A 1 84  ? 16.538  -0.419  -0.508  0.23 18.46 ? 1062 GLU A CB  1 
ATOM   759  C CB  C GLU A 1 84  ? 16.230  0.040   -0.760  0.14 22.64 ? 1062 GLU A CB  1 
ATOM   760  C CG  A GLU A 1 84  ? 17.272  -0.185  -1.863  0.14 24.61 ? 1062 GLU A CG  1 
ATOM   761  C CG  B GLU A 1 84  ? 16.075  -1.830  -0.194  0.23 20.03 ? 1062 GLU A CG  1 
ATOM   762  C CG  C GLU A 1 84  ? 17.272  -0.185  -1.863  0.14 24.61 ? 1062 GLU A CG  1 
ATOM   763  C CD  A GLU A 1 84  ? 16.756  -0.566  -3.253  0.14 27.31 ? 1062 GLU A CD  1 
ATOM   764  C CD  B GLU A 1 84  ? 15.215  -2.549  -1.236  0.23 21.73 ? 1062 GLU A CD  1 
ATOM   765  C CD  C GLU A 1 84  ? 16.756  -0.566  -3.253  0.14 27.31 ? 1062 GLU A CD  1 
ATOM   766  O OE1 A GLU A 1 84  ? 17.534  -0.468  -4.219  0.14 29.95 ? 1062 GLU A OE1 1 
ATOM   767  O OE1 B GLU A 1 84  ? 15.022  -2.005  -2.343  0.23 22.53 ? 1062 GLU A OE1 1 
ATOM   768  O OE1 C GLU A 1 84  ? 17.534  -0.468  -4.219  0.14 29.95 ? 1062 GLU A OE1 1 
ATOM   769  O OE2 A GLU A 1 84  ? 15.595  -0.973  -3.374  0.14 28.44 ? 1062 GLU A OE2 1 
ATOM   770  O OE2 B GLU A 1 84  ? 14.728  -3.671  -0.937  0.23 24.55 ? 1062 GLU A OE2 1 
ATOM   771  O OE2 C GLU A 1 84  ? 15.595  -0.973  -3.374  0.14 28.44 ? 1062 GLU A OE2 1 
ATOM   772  N N   . TYR A 1 85  ? 16.805  2.832   0.342   1.00 17.83 ? 1063 TYR A N   1 
ATOM   773  C CA  . TYR A 1 85  ? 17.347  4.165   0.049   1.00 18.31 ? 1063 TYR A CA  1 
ATOM   774  C C   . TYR A 1 85  ? 18.054  4.731   1.310   1.00 20.74 ? 1063 TYR A C   1 
ATOM   775  O O   . TYR A 1 85  ? 18.872  5.645   1.107   1.00 20.68 ? 1063 TYR A O   1 
ATOM   776  C CB  . TYR A 1 85  ? 16.323  5.160   -0.472  1.00 18.92 ? 1063 TYR A CB  1 
ATOM   777  C CG  . TYR A 1 85  ? 16.926  6.403   -1.060  1.00 21.52 ? 1063 TYR A CG  1 
ATOM   778  C CD1 . TYR A 1 85  ? 17.578  6.328   -2.282  1.00 23.11 ? 1063 TYR A CD1 1 
ATOM   779  C CD2 . TYR A 1 85  ? 16.867  7.626   -0.429  1.00 22.93 ? 1063 TYR A CD2 1 
ATOM   780  C CE1 . TYR A 1 85  ? 18.149  7.466   -2.846  1.00 25.02 ? 1063 TYR A CE1 1 
ATOM   781  C CE2 . TYR A 1 85  ? 17.478  8.760   -0.959  1.00 26.35 ? 1063 TYR A CE2 1 
ATOM   782  C CZ  . TYR A 1 85  ? 18.126  8.668   -2.167  1.00 29.59 ? 1063 TYR A CZ  1 
ATOM   783  O OH  . TYR A 1 85  ? 18.684  9.812   -2.705  1.00 35.97 ? 1063 TYR A OH  1 
ATOM   784  N N   . ASN A 1 86  ? 17.612  4.316   2.493   1.00 17.60 ? 1064 ASN A N   1 
ATOM   785  C CA  . ASN A 1 86  ? 18.087  4.982   3.771   1.00 17.62 ? 1064 ASN A CA  1 
ATOM   786  C C   . ASN A 1 86  ? 18.694  3.937   4.696   1.00 16.31 ? 1064 ASN A C   1 
ATOM   787  O O   . ASN A 1 86  ? 18.122  3.609   5.775   1.00 17.81 ? 1064 ASN A O   1 
ATOM   788  C CB  . ASN A 1 86  ? 16.925  5.779   4.409   1.00 17.23 ? 1064 ASN A CB  1 
ATOM   789  C CG  . ASN A 1 86  ? 16.274  6.809   3.541   1.00 18.84 ? 1064 ASN A CG  1 
ATOM   790  O OD1 . ASN A 1 86  ? 16.755  7.920   3.352   1.00 24.21 ? 1064 ASN A OD1 1 
ATOM   791  N ND2 . ASN A 1 86  ? 15.131  6.454   2.936   1.00 19.03 ? 1064 ASN A ND2 1 
ATOM   792  N N   . PRO A 1 87  ? 19.803  3.224   4.367   1.00 18.59 ? 1065 PRO A N   1 
ATOM   793  C CA  . PRO A 1 87  ? 20.289  2.077   5.121   1.00 18.11 ? 1065 PRO A CA  1 
ATOM   794  C C   . PRO A 1 87  ? 21.337  2.314   6.248   1.00 17.81 ? 1065 PRO A C   1 
ATOM   795  O O   . PRO A 1 87  ? 21.740  1.329   6.875   1.00 21.62 ? 1065 PRO A O   1 
ATOM   796  C CB  . PRO A 1 87  ? 20.972  1.221   4.039   1.00 21.75 ? 1065 PRO A CB  1 
ATOM   797  C CG  . PRO A 1 87  ? 21.496  2.263   3.108   1.00 19.29 ? 1065 PRO A CG  1 
ATOM   798  C CD  . PRO A 1 87  ? 20.580  3.453   3.110   1.00 20.29 ? 1065 PRO A CD  1 
ATOM   799  N N   . ASP A 1 88  ? 21.678  3.581   6.427   1.00 19.63 ? 1066 ASP A N   1 
ATOM   800  C CA  . ASP A 1 88  ? 22.871  3.951   7.263   1.00 20.61 ? 1066 ASP A CA  1 
ATOM   801  C C   . ASP A 1 88  ? 22.521  4.034   8.757   1.00 22.27 ? 1066 ASP A C   1 
ATOM   802  O O   . ASP A 1 88  ? 21.313  4.001   9.154   1.00 18.87 ? 1066 ASP A O   1 
ATOM   803  C CB  . ASP A 1 88  ? 23.416  5.277   6.746   1.00 21.06 ? 1066 ASP A CB  1 
ATOM   804  C CG  . ASP A 1 88  ? 24.039  5.219   5.339   1.00 27.62 ? 1066 ASP A CG  1 
ATOM   805  O OD1 . ASP A 1 88  ? 24.222  4.097   4.808   1.00 28.22 ? 1066 ASP A OD1 1 
ATOM   806  O OD2 . ASP A 1 88  ? 24.276  6.320   4.785   1.00 32.52 ? 1066 ASP A OD2 1 
ATOM   807  N N   . ARG A 1 89  ? 23.548  4.173   9.623   1.00 19.57 ? 1067 ARG A N   1 
ATOM   808  C CA  . ARG A 1 89  ? 23.368  4.167   11.120  1.00 18.63 ? 1067 ARG A CA  1 
ATOM   809  C C   . ARG A 1 89  ? 22.958  5.560   11.627  1.00 17.61 ? 1067 ARG A C   1 
ATOM   810  O O   . ARG A 1 89  ? 22.557  5.593   12.819  1.00 19.55 ? 1067 ARG A O   1 
ATOM   811  C CB  . ARG A 1 89  ? 24.591  3.613   11.898  1.00 20.66 ? 1067 ARG A CB  1 
ATOM   812  C CG  . ARG A 1 89  ? 25.859  4.479   12.003  1.00 25.92 ? 1067 ARG A CG  1 
ATOM   813  C CD  . ARG A 1 89  ? 26.011  5.445   13.209  1.00 20.17 ? 1067 ARG A CD  1 
ATOM   814  N NE  . ARG A 1 89  ? 25.499  4.887   14.444  1.00 23.93 ? 1067 ARG A NE  1 
ATOM   815  C CZ  . ARG A 1 89  ? 24.977  5.664   15.449  1.00 20.36 ? 1067 ARG A CZ  1 
ATOM   816  N NH1 . ARG A 1 89  ? 24.588  5.078   16.608  1.00 18.64 ? 1067 ARG A NH1 1 
ATOM   817  N NH2 . ARG A 1 89  ? 24.923  6.964   15.212  1.00 19.58 ? 1067 ARG A NH2 1 
ATOM   818  N N   . ASP A 1 90  ? 23.021  6.581   10.846  1.00 18.53 ? 1068 ASP A N   1 
ATOM   819  C CA  . ASP A 1 90  ? 22.733  7.924   11.347  1.00 21.22 ? 1068 ASP A CA  1 
ATOM   820  C C   . ASP A 1 90  ? 21.254  8.111   11.670  1.00 21.02 ? 1068 ASP A C   1 
ATOM   821  O O   . ASP A 1 90  ? 20.393  7.375   11.186  1.00 19.21 ? 1068 ASP A O   1 
ATOM   822  C CB  . ASP A 1 90  ? 23.139  9.007   10.413  1.00 24.16 ? 1068 ASP A CB  1 
ATOM   823  C CG  . ASP A 1 90  ? 22.399  8.975   9.128   1.00 28.36 ? 1068 ASP A CG  1 
ATOM   824  O OD1 . ASP A 1 90  ? 22.897  8.258   8.239   1.00 41.04 ? 1068 ASP A OD1 1 
ATOM   825  O OD2 . ASP A 1 90  ? 21.321  9.627   9.052   1.00 35.60 ? 1068 ASP A OD2 1 
ATOM   826  N N   . PRO A 1 91  ? 20.957  9.033   12.585  1.00 17.64 ? 1069 PRO A N   1 
ATOM   827  C CA  . PRO A 1 91  ? 19.620  9.196   13.108  1.00 17.29 ? 1069 PRO A CA  1 
ATOM   828  C C   . PRO A 1 91  ? 18.577  9.464   12.009  1.00 17.06 ? 1069 PRO A C   1 
ATOM   829  O O   . PRO A 1 91  ? 17.414  9.034   12.218  1.00 15.77 ? 1069 PRO A O   1 
ATOM   830  C CB  . PRO A 1 91  ? 19.710  10.297  14.152  1.00 19.66 ? 1069 PRO A CB  1 
ATOM   831  C CG  . PRO A 1 91  ? 21.163  10.376  14.484  1.00 22.62 ? 1069 PRO A CG  1 
ATOM   832  C CD  . PRO A 1 91  ? 21.953  9.863   13.322  1.00 18.83 ? 1069 PRO A CD  1 
ATOM   833  N N   . GLY A 1 92  ? 18.872  10.222  10.961  1.00 17.47 ? 1070 GLY A N   1 
ATOM   834  C CA  . GLY A 1 92  ? 17.841  10.551  9.948   1.00 16.55 ? 1070 GLY A CA  1 
ATOM   835  C C   . GLY A 1 92  ? 17.453  9.274   9.216   1.00 17.89 ? 1070 GLY A C   1 
ATOM   836  O O   . GLY A 1 92  ? 16.200  8.994   9.033   1.00 16.35 ? 1070 GLY A O   1 
ATOM   837  N N   . ASP A 1 93  ? 18.407  8.412   8.912   1.00 18.42 ? 1071 ASP A N   1 
ATOM   838  C CA  . ASP A 1 93  ? 18.094  7.116   8.230   1.00 17.55 ? 1071 ASP A CA  1 
ATOM   839  C C   . ASP A 1 93  ? 17.359  6.196   9.186   1.00 16.42 ? 1071 ASP A C   1 
ATOM   840  O O   . ASP A 1 93  ? 16.293  5.535   8.828   1.00 16.78 ? 1071 ASP A O   1 
ATOM   841  C CB  . ASP A 1 93  ? 19.318  6.422   7.646   1.00 18.05 ? 1071 ASP A CB  1 
ATOM   842  C CG  . ASP A 1 93  ? 19.854  7.048   6.357   1.00 18.92 ? 1071 ASP A CG  1 
ATOM   843  O OD1 . ASP A 1 93  ? 19.488  8.195   6.037   1.00 21.85 ? 1071 ASP A OD1 1 
ATOM   844  O OD2 . ASP A 1 93  ? 20.552  6.279   5.602   1.00 20.19 ? 1071 ASP A OD2 1 
ATOM   845  N N   . ARG A 1 94  ? 17.731  6.105   10.472  1.00 15.02 ? 1072 ARG A N   1 
ATOM   846  C CA  . ARG A 1 94  ? 17.081  5.201   11.421  1.00 16.47 ? 1072 ARG A CA  1 
ATOM   847  C C   . ARG A 1 94  ? 15.617  5.683   11.656  1.00 14.74 ? 1072 ARG A C   1 
ATOM   848  O O   . ARG A 1 94  ? 14.774  4.767   11.863  1.00 16.33 ? 1072 ARG A O   1 
ATOM   849  C CB  . ARG A 1 94  ? 17.877  5.066   12.729  1.00 17.56 ? 1072 ARG A CB  1 
ATOM   850  C CG  . ARG A 1 94  ? 19.096  4.175   12.551  1.00 20.92 ? 1072 ARG A CG  1 
ATOM   851  C CD  . ARG A 1 94  ? 19.932  3.938   13.799  1.00 27.83 ? 1072 ARG A CD  1 
ATOM   852  N NE  . ARG A 1 94  ? 20.954  2.869   13.646  1.00 30.84 ? 1072 ARG A NE  1 
ATOM   853  C CZ  . ARG A 1 94  ? 21.968  2.663   14.516  1.00 44.37 ? 1072 ARG A CZ  1 
ATOM   854  N NH1 . ARG A 1 94  ? 22.131  3.475   15.550  1.00 52.06 ? 1072 ARG A NH1 1 
ATOM   855  N NH2 . ARG A 1 94  ? 22.810  1.646   14.362  1.00 40.86 ? 1072 ARG A NH2 1 
ATOM   856  N N   . LEU A 1 95  ? 15.377  6.958   11.703  1.00 14.01 ? 1073 LEU A N   1 
ATOM   857  C CA  . LEU A 1 95  ? 14.022  7.513   11.931  1.00 13.81 ? 1073 LEU A CA  1 
ATOM   858  C C   . LEU A 1 95  ? 13.104  7.110   10.759  1.00 15.37 ? 1073 LEU A C   1 
ATOM   859  O O   . LEU A 1 95  ? 11.982  6.582   11.016  1.00 15.01 ? 1073 LEU A O   1 
ATOM   860  C CB  . LEU A 1 95  ? 14.000  9.004   12.143  1.00 14.16 ? 1073 LEU A CB  1 
ATOM   861  C CG  . LEU A 1 95  ? 12.648  9.656   12.353  1.00 14.29 ? 1073 LEU A CG  1 
ATOM   862  C CD1 . LEU A 1 95  ? 11.918  9.118   13.560  1.00 14.87 ? 1073 LEU A CD1 1 
ATOM   863  C CD2 . LEU A 1 95  ? 12.810  11.143  12.411  1.00 16.54 ? 1073 LEU A CD2 1 
ATOM   864  N N   A ILE A 1 96  ? 13.557  7.300   9.516   0.15 15.71 ? 1074 ILE A N   1 
ATOM   865  N N   B ILE A 1 96  ? 13.544  7.278   9.513   0.21 14.73 ? 1074 ILE A N   1 
ATOM   866  N N   C ILE A 1 96  ? 13.557  7.300   9.516   0.15 15.71 ? 1074 ILE A N   1 
ATOM   867  C CA  A ILE A 1 96  ? 12.757  6.926   8.304   0.15 16.03 ? 1074 ILE A CA  1 
ATOM   868  C CA  B ILE A 1 96  ? 12.647  6.915   8.370   0.21 14.23 ? 1074 ILE A CA  1 
ATOM   869  C CA  C ILE A 1 96  ? 12.757  6.926   8.304   0.15 16.03 ? 1074 ILE A CA  1 
ATOM   870  C C   A ILE A 1 96  ? 12.476  5.418   8.316   0.15 16.19 ? 1074 ILE A C   1 
ATOM   871  C C   B ILE A 1 96  ? 12.454  5.389   8.328   0.21 15.25 ? 1074 ILE A C   1 
ATOM   872  C C   C ILE A 1 96  ? 12.476  5.418   8.316   0.15 16.19 ? 1074 ILE A C   1 
ATOM   873  O O   A ILE A 1 96  ? 11.311  5.025   8.011   0.15 16.27 ? 1074 ILE A O   1 
ATOM   874  O O   B ILE A 1 96  ? 11.306  4.918   8.026   0.21 14.55 ? 1074 ILE A O   1 
ATOM   875  O O   C ILE A 1 96  ? 11.311  5.025   8.011   0.15 16.27 ? 1074 ILE A O   1 
ATOM   876  C CB  A ILE A 1 96  ? 13.452  7.367   7.001   0.15 16.58 ? 1074 ILE A CB  1 
ATOM   877  C CB  B ILE A 1 96  ? 13.136  7.499   7.032   0.21 13.62 ? 1074 ILE A CB  1 
ATOM   878  C CB  C ILE A 1 96  ? 13.452  7.367   7.001   0.15 16.58 ? 1074 ILE A CB  1 
ATOM   879  C CG1 A ILE A 1 96  ? 13.506  8.890   6.884   0.15 17.48 ? 1074 ILE A CG1 1 
ATOM   880  C CG1 B ILE A 1 96  ? 11.976  7.490   6.031   0.21 13.12 ? 1074 ILE A CG1 1 
ATOM   881  C CG1 C ILE A 1 96  ? 13.506  8.890   6.884   0.15 17.48 ? 1074 ILE A CG1 1 
ATOM   882  C CG2 A ILE A 1 96  ? 12.757  6.739   5.797   0.15 16.55 ? 1074 ILE A CG2 1 
ATOM   883  C CG2 B ILE A 1 96  ? 14.353  6.744   6.504   0.21 13.74 ? 1074 ILE A CG2 1 
ATOM   884  C CG2 C ILE A 1 96  ? 12.757  6.739   5.797   0.15 16.55 ? 1074 ILE A CG2 1 
ATOM   885  C CD1 A ILE A 1 96  ? 14.490  9.407   5.858   0.15 18.86 ? 1074 ILE A CD1 1 
ATOM   886  C CD1 B ILE A 1 96  ? 12.281  8.201   4.776   0.21 14.39 ? 1074 ILE A CD1 1 
ATOM   887  C CD1 C ILE A 1 96  ? 14.490  9.407   5.858   0.15 18.86 ? 1074 ILE A CD1 1 
ATOM   888  N N   . ARG A 1 97  ? 13.485  4.589   8.614   1.00 15.23 ? 1075 ARG A N   1 
ATOM   889  C CA  . ARG A 1 97  ? 13.317  3.106   8.650   1.00 15.07 ? 1075 ARG A CA  1 
ATOM   890  C C   . ARG A 1 97  ? 12.259  2.766   9.714   1.00 15.37 ? 1075 ARG A C   1 
ATOM   891  O O   . ARG A 1 97  ? 11.426  1.853   9.512   1.00 15.23 ? 1075 ARG A O   1 
ATOM   892  C CB  . ARG A 1 97  ? 14.588  2.285   8.824   1.00 16.99 ? 1075 ARG A CB  1 
ATOM   893  C CG  . ARG A 1 97  ? 15.552  2.474   7.667   1.00 17.79 ? 1075 ARG A CG  1 
ATOM   894  C CD  . ARG A 1 97  ? 16.541  1.355   7.559   1.00 20.63 ? 1075 ARG A CD  1 
ATOM   895  N NE  . ARG A 1 97  ? 17.311  1.074   8.759   1.00 21.95 ? 1075 ARG A NE  1 
ATOM   896  C CZ  . ARG A 1 97  ? 18.422  1.771   9.128   1.00 21.06 ? 1075 ARG A CZ  1 
ATOM   897  N NH1 . ARG A 1 97  ? 18.848  2.778   8.404   1.00 18.90 ? 1075 ARG A NH1 1 
ATOM   898  N NH2 . ARG A 1 97  ? 19.078  1.439   10.227  1.00 27.59 ? 1075 ARG A NH2 1 
ATOM   899  N N   . HIS A 1 98  ? 12.343  3.354   10.946  1.00 14.22 ? 1076 HIS A N   1 
ATOM   900  C CA  . HIS A 1 98  ? 11.375  3.002   12.008  1.00 15.26 ? 1076 HIS A CA  1 
ATOM   901  C C   . HIS A 1 98  ? 9.942   3.391   11.530  1.00 14.14 ? 1076 HIS A C   1 
ATOM   902  O O   . HIS A 1 98  ? 9.013   2.567   11.795  1.00 14.86 ? 1076 HIS A O   1 
ATOM   903  C CB  . HIS A 1 98  ? 11.781  3.725   13.308  1.00 14.37 ? 1076 HIS A CB  1 
ATOM   904  C CG  . HIS A 1 98  ? 11.051  3.254   14.531  1.00 15.43 ? 1076 HIS A CG  1 
ATOM   905  N ND1 . HIS A 1 98  ? 9.875   3.853   14.976  1.00 17.04 ? 1076 HIS A ND1 1 
ATOM   906  C CD2 . HIS A 1 98  ? 11.281  2.207   15.355  1.00 16.80 ? 1076 HIS A CD2 1 
ATOM   907  C CE1 . HIS A 1 98  ? 9.472   3.177   16.065  1.00 17.12 ? 1076 HIS A CE1 1 
ATOM   908  N NE2 . HIS A 1 98  ? 10.298  2.165   16.331  1.00 16.81 ? 1076 HIS A NE2 1 
ATOM   909  N N   . ARG A 1 99  ? 9.790   4.527   10.914  1.00 13.29 ? 1077 ARG A N   1 
ATOM   910  C CA  . ARG A 1 99  ? 8.466   5.002   10.382  1.00 13.16 ? 1077 ARG A CA  1 
ATOM   911  C C   . ARG A 1 99  ? 8.008   4.035   9.281   1.00 15.05 ? 1077 ARG A C   1 
ATOM   912  O O   . ARG A 1 99  ? 6.770   3.726   9.252   1.00 14.26 ? 1077 ARG A O   1 
ATOM   913  C CB  . ARG A 1 99  ? 8.510   6.444   9.934   1.00 14.53 ? 1077 ARG A CB  1 
ATOM   914  C CG  . ARG A 1 99  ? 8.709   7.454   11.091  1.00 15.27 ? 1077 ARG A CG  1 
ATOM   915  C CD  . ARG A 1 99  ? 9.048   8.816   10.597  1.00 15.27 ? 1077 ARG A CD  1 
ATOM   916  N NE  . ARG A 1 99  ? 8.865   9.827   11.656  1.00 15.55 ? 1077 ARG A NE  1 
ATOM   917  C CZ  . ARG A 1 99  ? 9.113   11.101  11.508  1.00 17.01 ? 1077 ARG A CZ  1 
ATOM   918  N NH1 . ARG A 1 99  ? 9.679   11.562  10.419  1.00 18.50 ? 1077 ARG A NH1 1 
ATOM   919  N NH2 . ARG A 1 99  ? 8.881   11.947  12.514  1.00 20.61 ? 1077 ARG A NH2 1 
ATOM   920  N N   . ALA A 1 100 ? 8.889   3.597   8.383   1.00 13.91 ? 1078 ALA A N   1 
ATOM   921  C CA  . ALA A 1 100 ? 8.484   2.662   7.283   1.00 15.07 ? 1078 ALA A CA  1 
ATOM   922  C C   . ALA A 1 100 ? 7.980   1.377   7.864   1.00 15.53 ? 1078 ALA A C   1 
ATOM   923  O O   . ALA A 1 100 ? 6.946   0.810   7.368   1.00 15.71 ? 1078 ALA A O   1 
ATOM   924  C CB  . ALA A 1 100 ? 9.686   2.406   6.379   1.00 16.08 ? 1078 ALA A CB  1 
ATOM   925  N N   . CYS A 1 101 ? 8.658   0.782   8.846   1.00 14.34 ? 1079 CYS A N   1 
ATOM   926  C CA  . CYS A 1 101 ? 8.262   -0.455  9.503   1.00 14.84 ? 1079 CYS A CA  1 
ATOM   927  C C   . CYS A 1 101 ? 6.926   -0.228  10.224  1.00 14.63 ? 1079 CYS A C   1 
ATOM   928  O O   . CYS A 1 101 ? 6.048   -1.137  10.201  1.00 16.42 ? 1079 CYS A O   1 
ATOM   929  C CB  . CYS A 1 101 ? 9.323   -0.936  10.460  1.00 17.79 ? 1079 CYS A CB  1 
ATOM   930  S SG  . CYS A 1 101 ? 10.781  -1.603  9.572   1.00 21.78 ? 1079 CYS A SG  1 
ATOM   931  N N   . ALA A 1 102 ? 6.708   0.935   10.805  1.00 14.63 ? 1080 ALA A N   1 
ATOM   932  C CA  . ALA A 1 102 ? 5.443   1.245   11.532  1.00 14.91 ? 1080 ALA A CA  1 
ATOM   933  C C   . ALA A 1 102 ? 4.296   1.349   10.514  1.00 14.40 ? 1080 ALA A C   1 
ATOM   934  O O   . ALA A 1 102 ? 3.170   0.859   10.836  1.00 15.61 ? 1080 ALA A O   1 
ATOM   935  C CB  . ALA A 1 102 ? 5.550   2.484   12.376  1.00 15.02 ? 1080 ALA A CB  1 
ATOM   936  N N   . LEU A 1 103 ? 4.545   1.946   9.351   1.00 14.20 ? 1081 LEU A N   1 
ATOM   937  C CA  . LEU A 1 103 ? 3.488   2.034   8.265   1.00 13.52 ? 1081 LEU A CA  1 
ATOM   938  C C   . LEU A 1 103 ? 3.088   0.602   7.896   1.00 14.72 ? 1081 LEU A C   1 
ATOM   939  O O   . LEU A 1 103 ? 1.834   0.281   7.860   1.00 13.71 ? 1081 LEU A O   1 
ATOM   940  C CB  . LEU A 1 103 ? 4.057   2.770   7.047   1.00 13.43 ? 1081 LEU A CB  1 
ATOM   941  C CG  . LEU A 1 103 ? 3.120   2.787   5.843   1.00 17.14 ? 1081 LEU A CG  1 
ATOM   942  C CD1 . LEU A 1 103 ? 2.045   3.730   6.100   1.00 19.98 ? 1081 LEU A CD1 1 
ATOM   943  C CD2 . LEU A 1 103 ? 3.908   3.150   4.577   1.00 21.32 ? 1081 LEU A CD2 1 
ATOM   944  N N   . ARG A 1 104 ? 4.025   -0.267  7.590   1.00 14.26 ? 1082 ARG A N   1 
ATOM   945  C CA  . ARG A 1 104 ? 3.757   -1.669  7.198   1.00 13.80 ? 1082 ARG A CA  1 
ATOM   946  C C   . ARG A 1 104 ? 3.001   -2.382  8.308   1.00 14.14 ? 1082 ARG A C   1 
ATOM   947  O O   . ARG A 1 104 ? 1.919   -3.004  8.038   1.00 15.29 ? 1082 ARG A O   1 
ATOM   948  C CB  . ARG A 1 104 ? 5.081   -2.335  6.803   1.00 16.30 ? 1082 ARG A CB  1 
ATOM   949  C CG  . ARG A 1 104 ? 4.985   -3.823  6.468   1.00 20.43 ? 1082 ARG A CG  1 
ATOM   950  C CD  . ARG A 1 104 ? 6.412   -4.461  6.661   1.00 28.65 ? 1082 ARG A CD  1 
ATOM   951  N NE  . ARG A 1 104 ? 6.799   -4.409  8.131   1.00 33.41 ? 1082 ARG A NE  1 
ATOM   952  C CZ  . ARG A 1 104 ? 8.039   -4.516  8.641   1.00 33.14 ? 1082 ARG A CZ  1 
ATOM   953  N NH1 . ARG A 1 104 ? 8.228   -4.465  9.947   1.00 37.10 ? 1082 ARG A NH1 1 
ATOM   954  N NH2 . ARG A 1 104 ? 9.085   -4.705  7.840   1.00 37.33 ? 1082 ARG A NH2 1 
ATOM   955  N N   . ASP A 1 105 ? 3.537   -2.341  9.551   1.00 14.52 ? 1083 ASP A N   1 
ATOM   956  C CA  . ASP A 1 105 ? 2.888   -3.071  10.665  1.00 14.68 ? 1083 ASP A CA  1 
ATOM   957  C C   . ASP A 1 105 ? 1.461   -2.545  10.927  1.00 13.75 ? 1083 ASP A C   1 
ATOM   958  O O   . ASP A 1 105 ? 0.548   -3.416  11.261  1.00 15.49 ? 1083 ASP A O   1 
ATOM   959  C CB  . ASP A 1 105 ? 3.764   -2.982  11.905  1.00 17.74 ? 1083 ASP A CB  1 
ATOM   960  C CG  . ASP A 1 105 ? 5.092   -3.732  11.791  1.00 21.61 ? 1083 ASP A CG  1 
ATOM   961  O OD1 . ASP A 1 105 ? 5.308   -4.506  10.874  1.00 22.73 ? 1083 ASP A OD1 1 
ATOM   962  O OD2 . ASP A 1 105 ? 5.957   -3.416  12.689  1.00 26.94 ? 1083 ASP A OD2 1 
ATOM   963  N N   . THR A 1 106 ? 1.252   -1.239  10.836  1.00 13.94 ? 1084 THR A N   1 
ATOM   964  C CA  . THR A 1 106 ? -0.061  -0.627  11.091  1.00 13.90 ? 1084 THR A CA  1 
ATOM   965  C C   . THR A 1 106 ? -1.039  -1.117  9.997   1.00 14.11 ? 1084 THR A C   1 
ATOM   966  O O   . THR A 1 106 ? -2.223  -1.495  10.299  1.00 14.15 ? 1084 THR A O   1 
ATOM   967  C CB  . THR A 1 106 ? 0.014   0.897   11.177  1.00 14.75 ? 1084 THR A CB  1 
ATOM   968  O OG1 . THR A 1 106 ? 0.889   1.286   12.278  1.00 17.21 ? 1084 THR A OG1 1 
ATOM   969  C CG2 . THR A 1 106 ? -1.358  1.500   11.384  1.00 15.52 ? 1084 THR A CG2 1 
ATOM   970  N N   . ALA A 1 107 ? -0.657  -1.086  8.718   1.00 13.12 ? 1085 ALA A N   1 
ATOM   971  C CA  . ALA A 1 107 ? -1.564  -1.569  7.644   1.00 12.19 ? 1085 ALA A CA  1 
ATOM   972  C C   . ALA A 1 107 ? -1.925  -3.017  7.890   1.00 13.11 ? 1085 ALA A C   1 
ATOM   973  O O   . ALA A 1 107 ? -3.146  -3.399  7.777   1.00 13.02 ? 1085 ALA A O   1 
ATOM   974  C CB  . ALA A 1 107 ? -0.873  -1.409  6.300   1.00 12.68 ? 1085 ALA A CB  1 
ATOM   975  N N   . TYR A 1 108 ? -0.954  -3.877  8.154   1.00 12.69 ? 1086 TYR A N   1 
ATOM   976  C CA  . TYR A 1 108 ? -1.274  -5.319  8.387   1.00 13.44 ? 1086 TYR A CA  1 
ATOM   977  C C   . TYR A 1 108 ? -2.168  -5.478  9.629   1.00 14.75 ? 1086 TYR A C   1 
ATOM   978  O O   . TYR A 1 108 ? -3.046  -6.385  9.569   1.00 15.78 ? 1086 TYR A O   1 
ATOM   979  C CB  . TYR A 1 108 ? 0.003   -6.174  8.498   1.00 15.44 ? 1086 TYR A CB  1 
ATOM   980  C CG  . TYR A 1 108 ? 0.617   -6.618  7.200   1.00 14.50 ? 1086 TYR A CG  1 
ATOM   981  C CD1 . TYR A 1 108 ? 1.410   -5.770  6.458   1.00 15.84 ? 1086 TYR A CD1 1 
ATOM   982  C CD2 . TYR A 1 108 ? 0.401   -7.883  6.638   1.00 16.31 ? 1086 TYR A CD2 1 
ATOM   983  C CE1 . TYR A 1 108 ? 2.022   -6.159  5.270   1.00 16.84 ? 1086 TYR A CE1 1 
ATOM   984  C CE2 . TYR A 1 108 ? 0.999   -8.299  5.465   1.00 19.02 ? 1086 TYR A CE2 1 
ATOM   985  C CZ  . TYR A 1 108 ? 1.824   -7.431  4.759   1.00 17.96 ? 1086 TYR A CZ  1 
ATOM   986  O OH  . TYR A 1 108 ? 2.382   -7.876  3.562   1.00 20.76 ? 1086 TYR A OH  1 
ATOM   987  N N   . ALA A 1 109 ? -1.993  -4.674  10.694  1.00 13.65 ? 1087 ALA A N   1 
ATOM   988  C CA  . ALA A 1 109 ? -2.817  -4.829  11.913  1.00 14.65 ? 1087 ALA A CA  1 
ATOM   989  C C   . ALA A 1 109 ? -4.272  -4.394  11.635  1.00 15.47 ? 1087 ALA A C   1 
ATOM   990  O O   . ALA A 1 109 ? -5.233  -5.054  12.152  1.00 16.41 ? 1087 ALA A O   1 
ATOM   991  C CB  . ALA A 1 109 ? -2.195  -4.095  13.046  1.00 17.01 ? 1087 ALA A CB  1 
ATOM   992  N N   . ILE A 1 110 ? -4.490  -3.317  10.902  1.00 13.61 ? 1088 ILE A N   1 
ATOM   993  C CA  . ILE A 1 110 ? -5.877  -2.878  10.545  1.00 12.96 ? 1088 ILE A CA  1 
ATOM   994  C C   . ILE A 1 110 ? -6.513  -3.974  9.718   1.00 13.18 ? 1088 ILE A C   1 
ATOM   995  O O   . ILE A 1 110 ? -7.716  -4.320  9.998   1.00 14.89 ? 1088 ILE A O   1 
ATOM   996  C CB  . ILE A 1 110 ? -5.832  -1.544  9.797   1.00 13.18 ? 1088 ILE A CB  1 
ATOM   997  C CG1 . ILE A 1 110 ? -5.395  -0.390  10.669  1.00 14.23 ? 1088 ILE A CG1 1 
ATOM   998  C CG2 . ILE A 1 110 ? -7.196  -1.271  9.125   1.00 14.38 ? 1088 ILE A CG2 1 
ATOM   999  C CD1 . ILE A 1 110 ? -5.105  0.911   9.961   1.00 16.55 ? 1088 ILE A CD1 1 
ATOM   1000 N N   . ILE A 1 111 ? -5.838  -4.530  8.723   1.00 13.19 ? 1089 ILE A N   1 
ATOM   1001 C CA  . ILE A 1 111 ? -6.406  -5.602  7.871   1.00 14.46 ? 1089 ILE A CA  1 
ATOM   1002 C C   . ILE A 1 111 ? -6.695  -6.846  8.733   1.00 15.99 ? 1089 ILE A C   1 
ATOM   1003 O O   . ILE A 1 111 ? -7.809  -7.456  8.570   1.00 16.67 ? 1089 ILE A O   1 
ATOM   1004 C CB  . ILE A 1 111 ? -5.514  -5.810  6.643   1.00 16.27 ? 1089 ILE A CB  1 
ATOM   1005 C CG1 . ILE A 1 111 ? -5.725  -4.600  5.693   1.00 18.41 ? 1089 ILE A CG1 1 
ATOM   1006 C CG2 . ILE A 1 111 ? -5.733  -7.186  6.014   1.00 20.44 ? 1089 ILE A CG2 1 
ATOM   1007 C CD1 . ILE A 1 111 ? -4.622  -4.417  4.653   1.00 25.34 ? 1089 ILE A CD1 1 
ATOM   1008 N N   . LYS A 1 112 ? -5.810  -7.243  9.638   1.00 16.07 ? 1090 LYS A N   1 
ATOM   1009 C CA  . LYS A 1 112 ? -6.064  -8.431  10.503  1.00 19.14 ? 1090 LYS A CA  1 
ATOM   1010 C C   . LYS A 1 112 ? -7.349  -8.200  11.304  1.00 18.47 ? 1090 LYS A C   1 
ATOM   1011 O O   . LYS A 1 112 ? -8.165  -9.182  11.390  1.00 22.24 ? 1090 LYS A O   1 
ATOM   1012 C CB  . LYS A 1 112 ? -4.865  -8.684  11.433  1.00 21.27 ? 1090 LYS A CB  1 
ATOM   1013 C CG  . LYS A 1 112 ? -5.044  -10.006 12.218  1.00 28.54 ? 1090 LYS A CG  1 
ATOM   1014 C CD  . LYS A 1 112 ? -3.832  -10.425 12.998  1.00 37.47 ? 1090 LYS A CD  1 
ATOM   1015 C CE  . LYS A 1 112 ? -4.024  -11.824 13.572  1.00 43.39 ? 1090 LYS A CE  1 
ATOM   1016 N NZ  . LYS A 1 112 ? -2.992  -12.092 14.597  1.00 53.97 ? 1090 LYS A NZ  1 
ATOM   1017 N N   . GLU A 1 113 ? -7.598  -7.030  11.849  1.00 16.78 ? 1091 GLU A N   1 
ATOM   1018 C CA  . GLU A 1 113 ? -8.741  -6.751  12.767  1.00 18.09 ? 1091 GLU A CA  1 
ATOM   1019 C C   . GLU A 1 113 ? -10.028 -6.511  11.947  1.00 20.19 ? 1091 GLU A C   1 
ATOM   1020 O O   . GLU A 1 113 ? -11.153 -6.717  12.549  1.00 22.35 ? 1091 GLU A O   1 
ATOM   1021 C CB  . GLU A 1 113 ? -8.578  -5.537  13.669  1.00 24.22 ? 1091 GLU A CB  1 
ATOM   1022 C CG  . GLU A 1 113 ? -7.536  -5.642  14.777  1.00 34.64 ? 1091 GLU A CG  1 
ATOM   1023 C CD  . GLU A 1 113 ? -7.684  -4.583  15.879  1.00 48.41 ? 1091 GLU A CD  1 
ATOM   1024 O OE1 . GLU A 1 113 ? -7.869  -3.366  15.553  1.00 44.52 ? 1091 GLU A OE1 1 
ATOM   1025 O OE2 . GLU A 1 113 ? -7.630  -4.978  17.080  1.00 57.65 ? 1091 GLU A OE2 1 
ATOM   1026 N N   . GLU A 1 114 ? -9.962  -6.002  10.697  1.00 13.80 ? 1092 GLU A N   1 
ATOM   1027 C CA  . GLU A 1 114 ? -11.182 -5.437  10.016  1.00 15.84 ? 1092 GLU A CA  1 
ATOM   1028 C C   . GLU A 1 114 ? -11.508 -6.118  8.685   1.00 15.02 ? 1092 GLU A C   1 
ATOM   1029 O O   . GLU A 1 114 ? -12.633 -5.854  8.182   1.00 17.26 ? 1092 GLU A O   1 
ATOM   1030 C CB  . GLU A 1 114 ? -10.989 -3.931  9.796   1.00 14.29 ? 1092 GLU A CB  1 
ATOM   1031 C CG  . GLU A 1 114 ? -10.756 -3.149  11.110  1.00 14.19 ? 1092 GLU A CG  1 
ATOM   1032 C CD  . GLU A 1 114 ? -10.548 -1.661  10.933  1.00 15.43 ? 1092 GLU A CD  1 
ATOM   1033 O OE1 . GLU A 1 114 ? -11.040 -1.048  9.969   1.00 16.54 ? 1092 GLU A OE1 1 
ATOM   1034 O OE2 . GLU A 1 114 ? -9.882  -1.029  11.851  1.00 16.48 ? 1092 GLU A OE2 1 
ATOM   1035 N N   . LEU A 1 115 ? -10.649 -6.894  8.086   1.00 14.82 ? 1093 LEU A N   1 
ATOM   1036 C CA  . LEU A 1 115 ? -10.947 -7.622  6.821   1.00 14.23 ? 1093 LEU A CA  1 
ATOM   1037 C C   . LEU A 1 115 ? -11.485 -9.001  7.185   1.00 16.27 ? 1093 LEU A C   1 
ATOM   1038 O O   . LEU A 1 115 ? -10.771 -9.795  7.801   1.00 18.58 ? 1093 LEU A O   1 
ATOM   1039 C CB  . LEU A 1 115 ? -9.672  -7.750  5.988   1.00 17.62 ? 1093 LEU A CB  1 
ATOM   1040 C CG  . LEU A 1 115 ? -9.696  -8.747  4.818   1.00 21.54 ? 1093 LEU A CG  1 
ATOM   1041 C CD1 . LEU A 1 115 ? -10.651 -8.196  3.816   1.00 19.54 ? 1093 LEU A CD1 1 
ATOM   1042 C CD2 . LEU A 1 115 ? -8.303  -9.006  4.198   1.00 21.48 ? 1093 LEU A CD2 1 
ATOM   1043 N N   . ASP A 1 116 ? -12.654 -9.377  6.686   1.00 15.55 ? 1094 ASP A N   1 
ATOM   1044 C CA  . ASP A 1 116 ? -13.118 -10.767 6.852   1.00 17.59 ? 1094 ASP A CA  1 
ATOM   1045 C C   . ASP A 1 116 ? -12.362 -11.676 5.880   1.00 16.94 ? 1094 ASP A C   1 
ATOM   1046 O O   . ASP A 1 116 ? -12.316 -11.390 4.683   1.00 15.75 ? 1094 ASP A O   1 
ATOM   1047 C CB  . ASP A 1 116 ? -14.612 -10.758 6.586   1.00 18.25 ? 1094 ASP A CB  1 
ATOM   1048 C CG  . ASP A 1 116 ? -15.302 -12.081 6.963   1.00 22.91 ? 1094 ASP A CG  1 
ATOM   1049 O OD1 . ASP A 1 116 ? -14.833 -13.157 6.539   1.00 25.94 ? 1094 ASP A OD1 1 
ATOM   1050 O OD2 . ASP A 1 116 ? -16.346 -12.013 7.663   1.00 24.33 ? 1094 ASP A OD2 1 
ATOM   1051 N N   A GLU A 1 117 ? -11.780 -12.767 6.381   0.15 17.82 ? 1095 GLU A N   1 
ATOM   1052 N N   B GLU A 1 117 ? -11.796 -12.776 6.388   0.19 16.64 ? 1095 GLU A N   1 
ATOM   1053 N N   C GLU A 1 117 ? -11.780 -12.767 6.381   0.15 17.82 ? 1095 GLU A N   1 
ATOM   1054 C CA  A GLU A 1 117 ? -10.994 -13.726 5.561   0.15 19.29 ? 1095 GLU A CA  1 
ATOM   1055 C CA  B GLU A 1 117 ? -10.991 -13.743 5.594   0.19 17.43 ? 1095 GLU A CA  1 
ATOM   1056 C CA  C GLU A 1 117 ? -10.994 -13.726 5.561   0.15 19.29 ? 1095 GLU A CA  1 
ATOM   1057 C C   A GLU A 1 117 ? -11.848 -14.273 4.410   0.15 17.39 ? 1095 GLU A C   1 
ATOM   1058 C C   B GLU A 1 117 ? -11.832 -14.322 4.445   0.19 16.17 ? 1095 GLU A C   1 
ATOM   1059 C C   C GLU A 1 117 ? -11.848 -14.273 4.410   0.15 17.39 ? 1095 GLU A C   1 
ATOM   1060 O O   A GLU A 1 117 ? -11.294 -14.513 3.318   0.15 17.12 ? 1095 GLU A O   1 
ATOM   1061 O O   B GLU A 1 117 ? -11.246 -14.631 3.387   0.19 16.15 ? 1095 GLU A O   1 
ATOM   1062 O O   C GLU A 1 117 ? -11.294 -14.513 3.318   0.15 17.12 ? 1095 GLU A O   1 
ATOM   1063 C CB  A GLU A 1 117 ? -10.464 -14.872 6.426   0.15 22.47 ? 1095 GLU A CB  1 
ATOM   1064 C CB  B GLU A 1 117 ? -10.385 -14.843 6.483   0.19 19.07 ? 1095 GLU A CB  1 
ATOM   1065 C CB  C GLU A 1 117 ? -10.464 -14.872 6.426   0.15 22.47 ? 1095 GLU A CB  1 
ATOM   1066 C CG  A GLU A 1 117 ? -9.353  -14.449 7.366   0.15 25.94 ? 1095 GLU A CG  1 
ATOM   1067 C CG  B GLU A 1 117 ? -11.401 -15.776 7.134   0.19 20.44 ? 1095 GLU A CG  1 
ATOM   1068 C CG  C GLU A 1 117 ? -9.353  -14.449 7.366   0.15 25.94 ? 1095 GLU A CG  1 
ATOM   1069 C CD  A GLU A 1 117 ? -8.696  -15.605 8.105   0.15 29.58 ? 1095 GLU A CD  1 
ATOM   1070 C CD  B GLU A 1 117 ? -10.868 -16.786 8.148   0.19 23.87 ? 1095 GLU A CD  1 
ATOM   1071 C CD  C GLU A 1 117 ? -8.696  -15.605 8.105   0.15 29.58 ? 1095 GLU A CD  1 
ATOM   1072 O OE1 A GLU A 1 117 ? -8.821  -16.766 7.631   0.15 31.01 ? 1095 GLU A OE1 1 
ATOM   1073 O OE1 B GLU A 1 117 ? -9.724  -16.641 8.593   0.19 25.51 ? 1095 GLU A OE1 1 
ATOM   1074 O OE1 C GLU A 1 117 ? -8.821  -16.766 7.631   0.15 31.01 ? 1095 GLU A OE1 1 
ATOM   1075 O OE2 A GLU A 1 117 ? -8.070  -15.345 9.157   0.15 35.91 ? 1095 GLU A OE2 1 
ATOM   1076 O OE2 B GLU A 1 117 ? -11.618 -17.709 8.515   0.19 24.39 ? 1095 GLU A OE2 1 
ATOM   1077 O OE2 C GLU A 1 117 ? -8.070  -15.345 9.157   0.15 35.91 ? 1095 GLU A OE2 1 
ATOM   1078 N N   . ASP A 1 118 ? -13.152 -14.470 4.633   1.00 17.53 ? 1096 ASP A N   1 
ATOM   1079 C CA  . ASP A 1 118 ? -14.018 -15.027 3.551   1.00 16.58 ? 1096 ASP A CA  1 
ATOM   1080 C C   . ASP A 1 118 ? -14.282 -13.975 2.451   1.00 15.38 ? 1096 ASP A C   1 
ATOM   1081 O O   . ASP A 1 118 ? -14.558 -14.323 1.302   1.00 15.18 ? 1096 ASP A O   1 
ATOM   1082 C CB  . ASP A 1 118 ? -15.325 -15.593 4.096   1.00 17.59 ? 1096 ASP A CB  1 
ATOM   1083 C CG  . ASP A 1 118 ? -15.133 -16.850 4.955   1.00 21.13 ? 1096 ASP A CG  1 
ATOM   1084 O OD1 . ASP A 1 118 ? -14.137 -17.530 4.801   1.00 22.40 ? 1096 ASP A OD1 1 
ATOM   1085 O OD2 . ASP A 1 118 ? -16.006 -17.040 5.788   1.00 28.15 ? 1096 ASP A OD2 1 
ATOM   1086 N N   . PHE A 1 119 ? -14.253 -12.673 2.776   1.00 14.28 ? 1097 PHE A N   1 
ATOM   1087 C CA  . PHE A 1 119 ? -14.370 -11.589 1.765   1.00 13.51 ? 1097 PHE A CA  1 
ATOM   1088 C C   . PHE A 1 119 ? -13.087 -11.615 0.907   1.00 13.53 ? 1097 PHE A C   1 
ATOM   1089 O O   . PHE A 1 119 ? -13.200 -11.555 -0.352  1.00 13.83 ? 1097 PHE A O   1 
ATOM   1090 C CB  . PHE A 1 119 ? -14.587 -10.230 2.446   1.00 13.62 ? 1097 PHE A CB  1 
ATOM   1091 C CG  . PHE A 1 119 ? -14.728 -9.097  1.452   1.00 12.89 ? 1097 PHE A CG  1 
ATOM   1092 C CD1 . PHE A 1 119 ? -15.949 -8.791  0.889   1.00 14.28 ? 1097 PHE A CD1 1 
ATOM   1093 C CD2 . PHE A 1 119 ? -13.611 -8.391  0.993   1.00 13.84 ? 1097 PHE A CD2 1 
ATOM   1094 C CE1 . PHE A 1 119 ? -16.054 -7.831  -0.093  1.00 14.82 ? 1097 PHE A CE1 1 
ATOM   1095 C CE2 . PHE A 1 119 ? -13.742 -7.391  0.039   1.00 13.97 ? 1097 PHE A CE2 1 
ATOM   1096 C CZ  . PHE A 1 119 ? -14.969 -7.128  -0.505  1.00 13.89 ? 1097 PHE A CZ  1 
ATOM   1097 N N   . GLU A 1 120 ? -11.915 -11.708 1.526   1.00 13.76 ? 1098 GLU A N   1 
ATOM   1098 C CA  . GLU A 1 120 ? -10.670 -11.787 0.736   1.00 14.22 ? 1098 GLU A CA  1 
ATOM   1099 C C   . GLU A 1 120 ? -10.676 -13.046 -0.167  1.00 14.57 ? 1098 GLU A C   1 
ATOM   1100 O O   . GLU A 1 120 ? -10.259 -12.953 -1.325  1.00 15.36 ? 1098 GLU A O   1 
ATOM   1101 C CB  . GLU A 1 120 ? -9.445  -11.781 1.650   1.00 15.51 ? 1098 GLU A CB  1 
ATOM   1102 C CG  . GLU A 1 120 ? -8.136  -11.970 0.930   1.00 15.49 ? 1098 GLU A CG  1 
ATOM   1103 C CD  . GLU A 1 120 ? -7.659  -10.909 -0.075  1.00 17.28 ? 1098 GLU A CD  1 
ATOM   1104 O OE1 . GLU A 1 120 ? -8.381  -9.924  -0.245  1.00 17.98 ? 1098 GLU A OE1 1 
ATOM   1105 O OE2 . GLU A 1 120 ? -6.609  -11.172 -0.731  1.00 20.26 ? 1098 GLU A OE2 1 
ATOM   1106 N N   . GLN A 1 121 ? -11.104 -14.207 0.376   1.00 15.43 ? 1099 GLN A N   1 
ATOM   1107 C CA  . GLN A 1 121 ? -11.085 -15.456 -0.449  1.00 15.99 ? 1099 GLN A CA  1 
ATOM   1108 C C   . GLN A 1 121 ? -12.035 -15.334 -1.626  1.00 16.90 ? 1099 GLN A C   1 
ATOM   1109 O O   . GLN A 1 121 ? -11.683 -15.756 -2.751  1.00 16.54 ? 1099 GLN A O   1 
ATOM   1110 C CB  . GLN A 1 121 ? -11.480 -16.594 0.472   1.00 17.59 ? 1099 GLN A CB  1 
ATOM   1111 C CG  . GLN A 1 121 ? -11.389 -17.950 -0.218  1.00 18.55 ? 1099 GLN A CG  1 
ATOM   1112 C CD  . GLN A 1 121 ? -9.969  -18.325 -0.540  1.00 23.82 ? 1099 GLN A CD  1 
ATOM   1113 O OE1 . GLN A 1 121 ? -9.033  -17.960 0.210   1.00 26.11 ? 1099 GLN A OE1 1 
ATOM   1114 N NE2 . GLN A 1 121 ? -9.793  -19.006 -1.679  1.00 24.09 ? 1099 GLN A NE2 1 
ATOM   1115 N N   . LEU A 1 122 ? -13.209 -14.675 -1.463  1.00 14.64 ? 1100 LEU A N   1 
ATOM   1116 C CA  . LEU A 1 122 ? -14.123 -14.377 -2.570  1.00 14.73 ? 1100 LEU A CA  1 
ATOM   1117 C C   . LEU A 1 122 ? -13.414 -13.543 -3.660  1.00 17.04 ? 1100 LEU A C   1 
ATOM   1118 O O   . LEU A 1 122 ? -13.507 -13.851 -4.858  1.00 16.42 ? 1100 LEU A O   1 
ATOM   1119 C CB  . LEU A 1 122 ? -15.428 -13.741 -2.082  1.00 14.25 ? 1100 LEU A CB  1 
ATOM   1120 C CG  . LEU A 1 122 ? -16.400 -13.328 -3.157  1.00 14.78 ? 1100 LEU A CG  1 
ATOM   1121 C CD1 . LEU A 1 122 ? -16.875 -14.522 -4.050  1.00 17.04 ? 1100 LEU A CD1 1 
ATOM   1122 C CD2 . LEU A 1 122 ? -17.610 -12.601 -2.617  1.00 16.78 ? 1100 LEU A CD2 1 
ATOM   1123 N N   . CYS A 1 123 ? -12.746 -12.446 -3.262  1.00 14.60 ? 1101 CYS A N   1 
ATOM   1124 C CA  . CYS A 1 123 ? -12.048 -11.591 -4.259  1.00 15.18 ? 1101 CYS A CA  1 
ATOM   1125 C C   . CYS A 1 123 ? -11.009 -12.453 -5.008  1.00 15.81 ? 1101 CYS A C   1 
ATOM   1126 O O   . CYS A 1 123 ? -10.929 -12.259 -6.237  1.00 15.64 ? 1101 CYS A O   1 
ATOM   1127 C CB  . CYS A 1 123 ? -11.395 -10.430 -3.497  1.00 14.48 ? 1101 CYS A CB  1 
ATOM   1128 S SG  . CYS A 1 123 ? -12.507 -9.151  -2.878  1.00 15.06 ? 1101 CYS A SG  1 
ATOM   1129 N N   . GLU A 1 124 ? -10.256 -13.282 -4.312  1.00 15.78 ? 1102 GLU A N   1 
ATOM   1130 C CA  . GLU A 1 124 ? -9.166  -14.118 -4.929  1.00 17.52 ? 1102 GLU A CA  1 
ATOM   1131 C C   . GLU A 1 124 ? -9.840  -15.039 -5.962  1.00 19.44 ? 1102 GLU A C   1 
ATOM   1132 O O   . GLU A 1 124 ? -9.315  -15.231 -7.099  1.00 21.30 ? 1102 GLU A O   1 
ATOM   1133 C CB  . GLU A 1 124 ? -8.312  -14.789 -3.873  1.00 18.96 ? 1102 GLU A CB  1 
ATOM   1134 C CG  . GLU A 1 124 ? -7.432  -13.835 -3.035  1.00 23.56 ? 1102 GLU A CG  1 
ATOM   1135 C CD  . GLU A 1 124 ? -6.534  -14.399 -1.914  1.00 29.44 ? 1102 GLU A CD  1 
ATOM   1136 O OE1 . GLU A 1 124 ? -6.291  -15.604 -1.974  1.00 33.23 ? 1102 GLU A OE1 1 
ATOM   1137 O OE2 . GLU A 1 124 ? -6.035  -13.646 -0.944  1.00 25.84 ? 1102 GLU A OE2 1 
ATOM   1138 N N   . GLU A 1 125 ? -10.991 -15.639 -5.612  1.00 17.95 ? 1103 GLU A N   1 
ATOM   1139 C CA  . GLU A 1 125 ? -11.636 -16.616 -6.553  1.00 17.72 ? 1103 GLU A CA  1 
ATOM   1140 C C   . GLU A 1 125 ? -12.248 -15.917 -7.746  1.00 20.63 ? 1103 GLU A C   1 
ATOM   1141 O O   . GLU A 1 125 ? -12.119 -16.492 -8.894  1.00 24.98 ? 1103 GLU A O   1 
ATOM   1142 C CB  . GLU A 1 125 ? -12.594 -17.540 -5.756  1.00 16.91 ? 1103 GLU A CB  1 
ATOM   1143 C CG  . GLU A 1 125 ? -11.913 -18.472 -4.814  1.00 17.25 ? 1103 GLU A CG  1 
ATOM   1144 C CD  . GLU A 1 125 ? -12.682 -19.504 -3.957  1.00 17.23 ? 1103 GLU A CD  1 
ATOM   1145 O OE1 . GLU A 1 125 ? -13.915 -19.581 -4.148  1.00 18.56 ? 1103 GLU A OE1 1 
ATOM   1146 O OE2 . GLU A 1 125 ? -12.043 -20.153 -3.087  1.00 21.27 ? 1103 GLU A OE2 1 
ATOM   1147 N N   . ILE A 1 126 ? -12.830 -14.737 -7.642  1.00 17.05 ? 1104 ILE A N   1 
ATOM   1148 C CA  . ILE A 1 126 ? -13.299 -13.983 -8.811  1.00 17.02 ? 1104 ILE A CA  1 
ATOM   1149 C C   . ILE A 1 126 ? -12.053 -13.674 -9.685  1.00 23.11 ? 1104 ILE A C   1 
ATOM   1150 O O   . ILE A 1 126 ? -12.130 -13.908 -10.913 1.00 25.64 ? 1104 ILE A O   1 
ATOM   1151 C CB  . ILE A 1 126 ? -14.071 -12.705 -8.441  1.00 18.26 ? 1104 ILE A CB  1 
ATOM   1152 C CG1 . ILE A 1 126 ? -15.269 -12.971 -7.511  1.00 18.57 ? 1104 ILE A CG1 1 
ATOM   1153 C CG2 . ILE A 1 126 ? -14.496 -11.969 -9.688  1.00 19.45 ? 1104 ILE A CG2 1 
ATOM   1154 C CD1 . ILE A 1 126 ? -15.820 -11.755 -6.844  1.00 19.80 ? 1104 ILE A CD1 1 
ATOM   1155 N N   . GLN A 1 127 ? -10.982 -13.079 -9.124  1.00 23.12 ? 1105 GLN A N   1 
ATOM   1156 C CA  . GLN A 1 127 ? -9.713  -12.721 -9.877  1.00 24.96 ? 1105 GLN A CA  1 
ATOM   1157 C C   . GLN A 1 127 ? -9.225  -13.937 -10.700 1.00 29.41 ? 1105 GLN A C   1 
ATOM   1158 O O   . GLN A 1 127 ? -8.958  -13.796 -11.929 1.00 28.28 ? 1105 GLN A O   1 
ATOM   1159 C CB  . GLN A 1 127 ? -8.638  -12.206 -8.900  1.00 23.76 ? 1105 GLN A CB  1 
ATOM   1160 C CG  . GLN A 1 127 ? -7.270  -11.834 -9.538  1.00 27.86 ? 1105 GLN A CG  1 
ATOM   1161 C CD  . GLN A 1 127 ? -6.218  -11.429 -8.526  1.00 29.46 ? 1105 GLN A CD  1 
ATOM   1162 O OE1 . GLN A 1 127 ? -5.855  -12.202 -7.624  1.00 31.17 ? 1105 GLN A OE1 1 
ATOM   1163 N NE2 . GLN A 1 127 ? -5.647  -10.233 -8.702  1.00 31.67 ? 1105 GLN A NE2 1 
ATOM   1164 N N   A GLU A 1 128 ? -9.104  -15.097 -10.049 0.15 29.49 ? 1106 GLU A N   1 
ATOM   1165 N N   B GLU A 1 128 ? -9.146  -15.107 -10.054 0.20 27.08 ? 1106 GLU A N   1 
ATOM   1166 N N   C GLU A 1 128 ? -9.104  -15.097 -10.049 0.15 29.49 ? 1106 GLU A N   1 
ATOM   1167 C CA  A GLU A 1 128 ? -8.616  -16.360 -10.671 0.15 32.04 ? 1106 GLU A CA  1 
ATOM   1168 C CA  B GLU A 1 128 ? -8.613  -16.368 -10.644 0.20 28.75 ? 1106 GLU A CA  1 
ATOM   1169 C CA  C GLU A 1 128 ? -8.616  -16.360 -10.671 0.15 32.04 ? 1106 GLU A CA  1 
ATOM   1170 C C   A GLU A 1 128 ? -9.523  -16.761 -11.842 0.15 33.81 ? 1106 GLU A C   1 
ATOM   1171 C C   B GLU A 1 128 ? -9.547  -16.915 -11.734 0.20 32.08 ? 1106 GLU A C   1 
ATOM   1172 C C   C GLU A 1 128 ? -9.523  -16.761 -11.842 0.15 33.81 ? 1106 GLU A C   1 
ATOM   1173 O O   A GLU A 1 128 ? -8.988  -17.232 -12.878 0.15 34.44 ? 1106 GLU A O   1 
ATOM   1174 O O   B GLU A 1 128 ? -9.051  -17.721 -12.567 0.20 33.82 ? 1106 GLU A O   1 
ATOM   1175 O O   C GLU A 1 128 ? -8.988  -17.232 -12.878 0.15 34.44 ? 1106 GLU A O   1 
ATOM   1176 C CB  A GLU A 1 128 ? -8.524  -17.454 -9.610  0.15 33.64 ? 1106 GLU A CB  1 
ATOM   1177 C CB  B GLU A 1 128 ? -8.411  -17.441 -9.576  0.20 28.14 ? 1106 GLU A CB  1 
ATOM   1178 C CB  C GLU A 1 128 ? -8.524  -17.454 -9.610  0.15 33.64 ? 1106 GLU A CB  1 
ATOM   1179 C CG  A GLU A 1 128 ? -7.147  -17.550 -8.990  0.15 36.56 ? 1106 GLU A CG  1 
ATOM   1180 C CG  B GLU A 1 128 ? -8.011  -18.787 -10.166 0.20 29.63 ? 1106 GLU A CG  1 
ATOM   1181 C CG  C GLU A 1 128 ? -7.147  -17.550 -8.990  0.15 36.56 ? 1106 GLU A CG  1 
ATOM   1182 C CD  A GLU A 1 128 ? -7.130  -17.804 -7.495  0.15 39.79 ? 1106 GLU A CD  1 
ATOM   1183 C CD  B GLU A 1 128 ? -6.680  -18.767 -10.896 0.20 30.75 ? 1106 GLU A CD  1 
ATOM   1184 C CD  C GLU A 1 128 ? -7.130  -17.804 -7.495  0.15 39.79 ? 1106 GLU A CD  1 
ATOM   1185 O OE1 A GLU A 1 128 ? -8.104  -18.397 -6.978  0.15 41.15 ? 1106 GLU A OE1 1 
ATOM   1186 O OE1 B GLU A 1 128 ? -6.483  -19.617 -11.789 0.20 31.94 ? 1106 GLU A OE1 1 
ATOM   1187 O OE1 C GLU A 1 128 ? -8.104  -18.397 -6.978  0.15 41.15 ? 1106 GLU A OE1 1 
ATOM   1188 O OE2 A GLU A 1 128 ? -6.144  -17.396 -6.849  0.15 43.01 ? 1106 GLU A OE2 1 
ATOM   1189 O OE2 B GLU A 1 128 ? -5.844  -17.914 -10.566 0.20 31.52 ? 1106 GLU A OE2 1 
ATOM   1190 O OE2 C GLU A 1 128 ? -6.144  -17.396 -6.849  0.15 43.01 ? 1106 GLU A OE2 1 
ATOM   1191 N N   . SER A 1 129 ? -10.834 -16.548 -11.715 1.00 34.21 ? 1107 SER A N   1 
ATOM   1192 C CA  . SER A 1 129 ? -11.826 -16.950 -12.751 1.00 36.95 ? 1107 SER A CA  1 
ATOM   1193 C C   . SER A 1 129 ? -11.691 -16.115 -14.028 1.00 43.28 ? 1107 SER A C   1 
ATOM   1194 O O   . SER A 1 129 ? -12.371 -16.475 -15.005 1.00 47.67 ? 1107 SER A O   1 
ATOM   1195 C CB  . SER A 1 129 ? -13.235 -16.867 -12.241 1.00 35.62 ? 1107 SER A CB  1 
ATOM   1196 O OG  . SER A 1 129 ? -13.715 -15.518 -12.326 1.00 35.28 ? 1107 SER A OG  1 
ATOM   1197 N N   . ARG A 1 130 ? -10.926 -15.023 -14.016 1.00 43.45 ? 1108 ARG A N   1 
ATOM   1198 C CA  . ARG A 1 130 ? -10.901 -14.045 -15.131 1.00 50.80 ? 1108 ARG A CA  1 
ATOM   1199 C C   . ARG A 1 130 ? -9.696  -14.344 -16.031 1.00 56.65 ? 1108 ARG A C   1 
ATOM   1200 O O   . ARG A 1 130 ? -8.797  -15.158 -15.725 1.00 58.94 ? 1108 ARG A O   1 
ATOM   1201 C CB  . ARG A 1 130 ? -10.931 -12.621 -14.571 1.00 50.25 ? 1108 ARG A CB  1 
ATOM   1202 C CG  . ARG A 1 130 ? -12.181 -12.380 -13.741 1.00 53.84 ? 1108 ARG A CG  1 
ATOM   1203 C CD  . ARG A 1 130 ? -12.737 -10.976 -13.798 1.00 52.11 ? 1108 ARG A CD  1 
ATOM   1204 N NE  . ARG A 1 130 ? -14.127 -10.951 -13.314 1.00 45.86 ? 1108 ARG A NE  1 
ATOM   1205 C CZ  . ARG A 1 130 ? -14.779 -9.844  -12.976 1.00 37.11 ? 1108 ARG A CZ  1 
ATOM   1206 N NH1 . ARG A 1 130 ? -14.177 -8.665  -13.099 1.00 47.51 ? 1108 ARG A NH1 1 
ATOM   1207 N NH2 . ARG A 1 130 ? -16.032 -9.886  -12.565 1.00 34.75 ? 1108 ARG A NH2 1 
ATOM   1208 O OXT . ARG A 1 130 ? -9.660  -13.749 -17.113 1.00 68.74 ? 1108 ARG A OXT 1 
HETATM 1209 C C10 . RJ7 B 2 .   ? -0.494  11.394  -7.823  0.48 51.17 ? 1201 RJ7 A C10 1 
HETATM 1210 C C13 . RJ7 B 2 .   ? -1.461  13.579  -6.445  0.48 51.49 ? 1201 RJ7 A C13 1 
HETATM 1211 C C15 . RJ7 B 2 .   ? -1.856  11.702  -7.742  0.48 51.79 ? 1201 RJ7 A C15 1 
HETATM 1212 C C01 . RJ7 B 2 .   ? -0.097  5.983   -10.228 0.48 56.36 ? 1201 RJ7 A C01 1 
HETATM 1213 C C02 . RJ7 B 2 .   ? -1.056  6.817   -11.121 0.48 57.52 ? 1201 RJ7 A C02 1 
HETATM 1214 C C04 . RJ7 B 2 .   ? -0.035  8.993   -10.869 0.48 55.99 ? 1201 RJ7 A C04 1 
HETATM 1215 C C06 . RJ7 B 2 .   ? 0.018   10.371  -10.139 0.48 54.50 ? 1201 RJ7 A C06 1 
HETATM 1216 C C08 . RJ7 B 2 .   ? -0.030  10.141  -8.612  0.48 51.77 ? 1201 RJ7 A C08 1 
HETATM 1217 C C11 . RJ7 B 2 .   ? 0.417   12.234  -7.170  0.48 50.03 ? 1201 RJ7 A C11 1 
HETATM 1218 C C12 . RJ7 B 2 .   ? -0.066  13.328  -6.478  0.48 50.56 ? 1201 RJ7 A C12 1 
HETATM 1219 F F07 . RJ7 B 2 .   ? -1.021  11.155  -10.540 0.48 57.22 ? 1201 RJ7 A F07 1 
HETATM 1220 N N14 . RJ7 B 2 .   ? -2.291  12.775  -7.065  0.48 50.83 ? 1201 RJ7 A N14 1 
HETATM 1221 O O03 . RJ7 B 2 .   ? -1.127  8.118   -10.639 0.48 57.75 ? 1201 RJ7 A O03 1 
HETATM 1222 O O05 . RJ7 B 2 .   ? 0.857   8.694   -11.621 0.48 54.77 ? 1201 RJ7 A O05 1 
HETATM 1223 O O09 . RJ7 B 2 .   ? 1.238   9.782   -8.218  0.48 47.55 ? 1201 RJ7 A O09 1 
HETATM 1224 C C10 . RJ7 C 2 .   ? -4.674  11.367  1.748   0.48 32.92 ? 1202 RJ7 A C10 1 
HETATM 1225 C C13 . RJ7 C 2 .   ? -2.587  10.687  0.113   0.48 31.16 ? 1202 RJ7 A C13 1 
HETATM 1226 C C15 . RJ7 C 2 .   ? -4.673  10.201  0.975   0.48 32.42 ? 1202 RJ7 A C15 1 
HETATM 1227 C C01 . RJ7 C 2 .   ? -6.281  11.674  -1.825  0.48 44.40 ? 1202 RJ7 A C01 1 
HETATM 1228 C C02 . RJ7 C 2 .   ? -7.289  11.702  -0.648  0.48 44.60 ? 1202 RJ7 A C02 1 
HETATM 1229 C C04 . RJ7 C 2 .   ? -7.536  13.019  1.341   0.48 42.85 ? 1202 RJ7 A C04 1 
HETATM 1230 C C06 . RJ7 C 2 .   ? -6.460  13.093  2.453   0.48 39.53 ? 1202 RJ7 A C06 1 
HETATM 1231 C C08 . RJ7 C 2 .   ? -5.867  11.691  2.673   0.48 35.35 ? 1202 RJ7 A C08 1 
HETATM 1232 C C11 . RJ7 C 2 .   ? -3.562  12.204  1.697   0.48 31.29 ? 1202 RJ7 A C11 1 
HETATM 1233 C C12 . RJ7 C 2 .   ? -2.515  11.874  0.873   0.48 30.13 ? 1202 RJ7 A C12 1 
HETATM 1234 F F07 . RJ7 C 2 .   ? -7.037  13.544  3.606   0.48 40.63 ? 1202 RJ7 A F07 1 
HETATM 1235 N N14 . RJ7 C 2 .   ? -3.635  9.912   0.186   0.48 31.34 ? 1202 RJ7 A N14 1 
HETATM 1236 O O03 . RJ7 C 2 .   ? -7.110  12.913  0.002   0.48 44.70 ? 1202 RJ7 A O03 1 
HETATM 1237 O O05 . RJ7 C 2 .   ? -8.707  13.076  1.627   0.48 44.48 ? 1202 RJ7 A O05 1 
HETATM 1238 O O09 . RJ7 C 2 .   ? -6.827  10.747  2.413   0.48 32.64 ? 1202 RJ7 A O09 1 
HETATM 1239 S S   . SO4 D 3 .   ? 26.239  1.781   16.182  1.00 26.68 ? 1203 SO4 A S   1 
HETATM 1240 O O1  . SO4 D 3 .   ? 27.467  2.324   16.701  1.00 27.74 ? 1203 SO4 A O1  1 
HETATM 1241 O O2  . SO4 D 3 .   ? 26.030  2.334   14.847  1.00 27.89 ? 1203 SO4 A O2  1 
HETATM 1242 O O3  . SO4 D 3 .   ? 26.257  0.437   16.275  1.00 22.60 ? 1203 SO4 A O3  1 
HETATM 1243 O O4  . SO4 D 3 .   ? 25.140  2.335   17.048  1.00 30.27 ? 1203 SO4 A O4  1 
HETATM 1244 S S   . SO4 E 3 .   ? 0.775   -1.768  -13.091 0.50 33.32 ? 1204 SO4 A S   1 
HETATM 1245 O O1  . SO4 E 3 .   ? 1.266   -2.718  -14.071 0.50 35.28 ? 1204 SO4 A O1  1 
HETATM 1246 O O2  . SO4 E 3 .   ? 1.840   -1.442  -12.165 0.50 32.09 ? 1204 SO4 A O2  1 
HETATM 1247 O O3  . SO4 E 3 .   ? -0.336  -2.354  -12.363 0.50 35.19 ? 1204 SO4 A O3  1 
HETATM 1248 O O4  . SO4 E 3 .   ? 0.326   -0.568  -13.763 0.50 32.16 ? 1204 SO4 A O4  1 
HETATM 1249 C C1  . EDO F 4 .   ? -13.745 -6.240  4.403   1.00 26.86 ? 1205 EDO A C1  1 
HETATM 1250 O O1  . EDO F 4 .   ? -14.342 -7.378  5.084   1.00 23.68 ? 1205 EDO A O1  1 
HETATM 1251 C C2  . EDO F 4 .   ? -14.601 -5.668  3.282   1.00 19.95 ? 1205 EDO A C2  1 
HETATM 1252 O O2  . EDO F 4 .   ? -15.630 -4.883  3.787   1.00 22.10 ? 1205 EDO A O2  1 
HETATM 1253 C C1  . EDO G 4 .   ? -14.008 -8.765  10.676  0.51 45.33 ? 1206 EDO A C1  1 
HETATM 1254 O O1  . EDO G 4 .   ? -15.269 -9.328  10.986  0.51 45.35 ? 1206 EDO A O1  1 
HETATM 1255 C C2  . EDO G 4 .   ? -12.917 -9.771  10.635  0.51 44.84 ? 1206 EDO A C2  1 
HETATM 1256 O O2  . EDO G 4 .   ? -12.154 -9.835  11.828  0.51 43.93 ? 1206 EDO A O2  1 
HETATM 1257 C C1  . EDO H 4 .   ? -3.354  14.855  4.330   0.48 77.06 ? 1207 EDO A C1  1 
HETATM 1258 O O1  . EDO H 4 .   ? -4.722  14.555  4.522   0.48 76.15 ? 1207 EDO A O1  1 
HETATM 1259 C C2  . EDO H 4 .   ? -2.544  14.680  5.559   0.48 76.69 ? 1207 EDO A C2  1 
HETATM 1260 O O2  . EDO H 4 .   ? -1.148  14.603  5.319   0.48 77.72 ? 1207 EDO A O2  1 
HETATM 1261 O O   . HOH I 5 .   ? 2.274   10.008  -12.308 0.51 43.98 ? 1301 HOH A O   1 
HETATM 1262 O O   . HOH I 5 .   ? -14.997 -3.697  -11.045 1.00 45.75 ? 1302 HOH A O   1 
HETATM 1263 O O   . HOH I 5 .   ? 27.059  3.041   18.747  1.00 35.94 ? 1303 HOH A O   1 
HETATM 1264 O O   . HOH I 5 .   ? 3.514   -8.165  -0.100  1.00 35.12 ? 1304 HOH A O   1 
HETATM 1265 O O   . HOH I 5 .   ? -21.032 5.778   -3.409  1.00 28.42 ? 1305 HOH A O   1 
HETATM 1266 O O   . HOH I 5 .   ? -10.630 6.408   6.950   1.00 37.62 ? 1306 HOH A O   1 
HETATM 1267 O O   . HOH I 5 .   ? 21.960  7.374   -2.985  1.00 49.96 ? 1307 HOH A O   1 
HETATM 1268 O O   . HOH I 5 .   ? -9.062  -1.711  14.165  1.00 34.61 ? 1308 HOH A O   1 
HETATM 1269 O O   . HOH I 5 .   ? 14.459  -3.391  1.516   1.00 39.70 ? 1309 HOH A O   1 
HETATM 1270 O O   . HOH I 5 .   ? -16.138 -15.705 -11.080 1.00 35.48 ? 1310 HOH A O   1 
HETATM 1271 O O   . HOH I 5 .   ? -21.971 -13.814 -9.570  1.00 46.93 ? 1311 HOH A O   1 
HETATM 1272 O O   . HOH I 5 .   ? 21.679  7.080   3.500   1.00 34.81 ? 1312 HOH A O   1 
HETATM 1273 O O   . HOH I 5 .   ? -18.213 -0.638  -9.858  1.00 51.21 ? 1313 HOH A O   1 
HETATM 1274 O O   . HOH I 5 .   ? 14.537  5.711   -13.154 0.48 53.62 ? 1314 HOH A O   1 
HETATM 1275 O O   . HOH I 5 .   ? -10.446 9.004   -4.540  1.00 38.82 ? 1315 HOH A O   1 
HETATM 1276 O O   . HOH I 5 .   ? -6.331  -14.655 -7.121  1.00 41.75 ? 1316 HOH A O   1 
HETATM 1277 O O   . HOH I 5 .   ? 25.058  1.742   5.325   1.00 43.66 ? 1317 HOH A O   1 
HETATM 1278 O O   . HOH I 5 .   ? 11.749  5.742   0.021   1.00 26.90 ? 1318 HOH A O   1 
HETATM 1279 O O   . HOH I 5 .   ? 20.653  -0.065  0.386   1.00 34.47 ? 1319 HOH A O   1 
HETATM 1280 O O   . HOH I 5 .   ? -12.222 -19.029 -9.354  1.00 28.79 ? 1320 HOH A O   1 
HETATM 1281 O O   . HOH I 5 .   ? -15.470 -13.161 -13.500 1.00 46.51 ? 1321 HOH A O   1 
HETATM 1282 O O   . HOH I 5 .   ? 4.577   1.250   -10.560 1.00 20.52 ? 1322 HOH A O   1 
HETATM 1283 O O   . HOH I 5 .   ? -8.081  9.238   -8.091  1.00 25.84 ? 1323 HOH A O   1 
HETATM 1284 O O   . HOH I 5 .   ? 0.165   -4.791  -6.523  1.00 33.26 ? 1324 HOH A O   1 
HETATM 1285 O O   . HOH I 5 .   ? -9.973  -20.218 -7.515  1.00 34.31 ? 1325 HOH A O   1 
HETATM 1286 O O   . HOH I 5 .   ? -9.365  -3.837  -13.206 1.00 46.44 ? 1326 HOH A O   1 
HETATM 1287 O O   . HOH I 5 .   ? 9.122   -3.738  -7.904  1.00 28.49 ? 1327 HOH A O   1 
HETATM 1288 O O   . HOH I 5 .   ? 6.019   7.333   -5.743  1.00 21.89 ? 1328 HOH A O   1 
HETATM 1289 O O   . HOH I 5 .   ? 25.444  7.476   8.605   1.00 43.78 ? 1329 HOH A O   1 
HETATM 1290 O O   . HOH I 5 .   ? 6.151   3.488   -9.793  1.00 23.10 ? 1330 HOH A O   1 
HETATM 1291 O O   . HOH I 5 .   ? 9.162   5.029   -2.930  1.00 17.56 ? 1331 HOH A O   1 
HETATM 1292 O O   . HOH I 5 .   ? 8.619   -3.687  13.024  1.00 54.68 ? 1332 HOH A O   1 
HETATM 1293 O O   . HOH I 5 .   ? 5.414   14.542  10.510  1.00 37.05 ? 1333 HOH A O   1 
HETATM 1294 O O   . HOH I 5 .   ? -12.029 -18.511 3.402   1.00 32.26 ? 1334 HOH A O   1 
HETATM 1295 O O   . HOH I 5 .   ? -0.369  -3.014  -9.731  1.00 28.88 ? 1335 HOH A O   1 
HETATM 1296 O O   . HOH I 5 .   ? 1.845   0.825   -10.667 1.00 18.24 ? 1336 HOH A O   1 
HETATM 1297 O O   . HOH I 5 .   ? -18.674 -7.668  3.657   1.00 20.16 ? 1337 HOH A O   1 
HETATM 1298 O O   . HOH I 5 .   ? 0.088   2.442   14.604  1.00 25.10 ? 1338 HOH A O   1 
HETATM 1299 O O   . HOH I 5 .   ? 6.148   -1.011  13.948  1.00 38.82 ? 1339 HOH A O   1 
HETATM 1300 O O   . HOH I 5 .   ? -7.112  0.747   -15.169 1.00 43.49 ? 1340 HOH A O   1 
HETATM 1301 O O   . HOH I 5 .   ? 0.725   12.269  7.309   1.00 21.08 ? 1341 HOH A O   1 
HETATM 1302 O O   . HOH I 5 .   ? 0.921   15.274  2.127   1.00 45.58 ? 1342 HOH A O   1 
HETATM 1303 O O   . HOH I 5 .   ? -4.042  -11.684 -5.199  1.00 29.01 ? 1343 HOH A O   1 
HETATM 1304 O O   . HOH I 5 .   ? -21.968 -1.010  -4.645  0.50 31.85 ? 1344 HOH A O   1 
HETATM 1305 O O   . HOH I 5 .   ? -19.630 -9.398  -1.906  1.00 29.16 ? 1345 HOH A O   1 
HETATM 1306 O O   . HOH I 5 .   ? 20.245  -0.952  7.071   1.00 37.84 ? 1346 HOH A O   1 
HETATM 1307 O O   . HOH I 5 .   ? 1.242   -5.892  12.203  1.00 23.18 ? 1347 HOH A O   1 
HETATM 1308 O O   . HOH I 5 .   ? 16.730  8.471   14.811  1.00 21.13 ? 1348 HOH A O   1 
HETATM 1309 O O   . HOH I 5 .   ? 6.285   -5.581  -2.626  1.00 21.03 ? 1349 HOH A O   1 
HETATM 1310 O O   . HOH I 5 .   ? -7.680  -15.688 0.943   1.00 42.60 ? 1350 HOH A O   1 
HETATM 1311 O O   . HOH I 5 .   ? 6.076   15.412  -4.666  1.00 46.12 ? 1351 HOH A O   1 
HETATM 1312 O O   . HOH I 5 .   ? -4.931  7.749   11.616  1.00 30.22 ? 1352 HOH A O   1 
HETATM 1313 O O   . HOH I 5 .   ? 7.617   15.026  5.508   1.00 45.76 ? 1353 HOH A O   1 
HETATM 1314 O O   . HOH I 5 .   ? -15.354 -2.734  5.483   1.00 16.77 ? 1354 HOH A O   1 
HETATM 1315 O O   . HOH I 5 .   ? -10.467 -22.398 -3.338  1.00 31.11 ? 1355 HOH A O   1 
HETATM 1316 O O   . HOH I 5 .   ? -5.731  -9.392  -11.325 1.00 54.46 ? 1356 HOH A O   1 
HETATM 1317 O O   . HOH I 5 .   ? 12.262  -1.981  -2.746  1.00 21.59 ? 1357 HOH A O   1 
HETATM 1318 O O   . HOH I 5 .   ? 7.010   6.595   -0.230  1.00 18.81 ? 1358 HOH A O   1 
HETATM 1319 O O   . HOH I 5 .   ? 9.067   4.751   0.095   1.00 19.27 ? 1359 HOH A O   1 
HETATM 1320 O O   . HOH I 5 .   ? 3.097   -1.652  -8.231  1.00 20.46 ? 1360 HOH A O   1 
HETATM 1321 O O   . HOH I 5 .   ? -15.853 -19.319 -6.111  1.00 19.27 ? 1361 HOH A O   1 
HETATM 1322 O O   . HOH I 5 .   ? -14.428 -3.745  7.920   1.00 20.98 ? 1362 HOH A O   1 
HETATM 1323 O O   . HOH I 5 .   ? 12.779  4.948   -10.987 1.00 33.00 ? 1363 HOH A O   1 
HETATM 1324 O O   . HOH I 5 .   ? -17.599 -9.588  8.224   1.00 33.57 ? 1364 HOH A O   1 
HETATM 1325 O O   . HOH I 5 .   ? 17.805  10.413  6.205   1.00 52.77 ? 1365 HOH A O   1 
HETATM 1326 O O   . HOH I 5 .   ? 7.608   9.063   -1.156  1.00 28.14 ? 1366 HOH A O   1 
HETATM 1327 O O   . HOH I 5 .   ? 0.861   9.882   14.938  1.00 46.70 ? 1367 HOH A O   1 
HETATM 1328 O O   . HOH I 5 .   ? 5.992   -4.565  -10.226 1.00 40.50 ? 1368 HOH A O   1 
HETATM 1329 O O   . HOH I 5 .   ? -13.764 4.679   1.694   1.00 13.21 ? 1369 HOH A O   1 
HETATM 1330 O O   . HOH I 5 .   ? -2.383  -3.855  -13.551 1.00 35.37 ? 1370 HOH A O   1 
HETATM 1331 O O   . HOH I 5 .   ? 8.725   -4.992  -1.476  1.00 23.73 ? 1371 HOH A O   1 
HETATM 1332 O O   . HOH I 5 .   ? 18.217  -1.220  5.274   1.00 29.61 ? 1372 HOH A O   1 
HETATM 1333 O O   . HOH I 5 .   ? 19.475  8.656   3.241   1.00 43.13 ? 1373 HOH A O   1 
HETATM 1334 O O   . HOH I 5 .   ? 19.700  0.494   -7.311  1.00 42.97 ? 1374 HOH A O   1 
HETATM 1335 O O   . HOH I 5 .   ? -6.972  2.696   13.204  1.00 40.63 ? 1375 HOH A O   1 
HETATM 1336 O O   . HOH I 5 .   ? -4.618  -6.813  14.276  1.00 34.01 ? 1376 HOH A O   1 
HETATM 1337 O O   . HOH I 5 .   ? 11.880  -0.210  -6.176  1.00 17.74 ? 1377 HOH A O   1 
HETATM 1338 O O   . HOH I 5 .   ? 14.423  11.193  8.830   1.00 34.95 ? 1378 HOH A O   1 
HETATM 1339 O O   . HOH I 5 .   ? -11.754 0.164   5.984   1.00 27.13 ? 1379 HOH A O   1 
HETATM 1340 O O   . HOH I 5 .   ? -4.421  -4.748  -12.106 1.00 35.38 ? 1380 HOH A O   1 
HETATM 1341 O O   . HOH I 5 .   ? 7.560   13.583  -1.019  1.00 45.22 ? 1381 HOH A O   1 
HETATM 1342 O O   . HOH I 5 .   ? 0.921   -9.209  -0.501  1.00 28.89 ? 1382 HOH A O   1 
HETATM 1343 O O   . HOH I 5 .   ? -16.559 -2.886  -9.574  1.00 24.61 ? 1383 HOH A O   1 
HETATM 1344 O O   . HOH I 5 .   ? 15.614  10.300  2.279   1.00 45.04 ? 1384 HOH A O   1 
HETATM 1345 O O   . HOH I 5 .   ? -5.162  9.576   -10.498 1.00 24.26 ? 1385 HOH A O   1 
HETATM 1346 O O   . HOH I 5 .   ? 25.795  8.712   13.124  1.00 24.80 ? 1386 HOH A O   1 
HETATM 1347 O O   . HOH I 5 .   ? 7.005   11.321  8.093   1.00 21.66 ? 1387 HOH A O   1 
HETATM 1348 O O   . HOH I 5 .   ? 21.738  0.971   11.652  1.00 28.38 ? 1388 HOH A O   1 
HETATM 1349 O O   . HOH I 5 .   ? 12.980  -5.867  -1.510  1.00 52.09 ? 1389 HOH A O   1 
HETATM 1350 O O   . HOH I 5 .   ? 21.416  6.848   15.132  1.00 21.48 ? 1390 HOH A O   1 
HETATM 1351 O O   . HOH I 5 .   ? -19.703 -4.136  4.719   1.00 14.39 ? 1391 HOH A O   1 
HETATM 1352 O O   . HOH I 5 .   ? -6.437  -19.200 0.506   1.00 58.42 ? 1392 HOH A O   1 
HETATM 1353 O O   . HOH I 5 .   ? 24.082  4.733   1.988   1.00 34.31 ? 1393 HOH A O   1 
HETATM 1354 O O   . HOH I 5 .   ? 14.542  11.402  -8.491  1.00 38.64 ? 1394 HOH A O   1 
HETATM 1355 O O   . HOH I 5 .   ? 21.110  12.037  10.687  1.00 43.85 ? 1395 HOH A O   1 
HETATM 1356 O O   . HOH I 5 .   ? -2.741  -8.957  8.277   1.00 28.42 ? 1396 HOH A O   1 
HETATM 1357 O O   . HOH I 5 .   ? -2.107  14.815  9.256   1.00 51.65 ? 1397 HOH A O   1 
HETATM 1358 O O   . HOH I 5 .   ? -4.163  10.678  -5.220  0.48 29.82 ? 1398 HOH A O   1 
HETATM 1359 O O   . HOH I 5 .   ? -19.056 -8.453  -14.538 1.00 46.45 ? 1399 HOH A O   1 
HETATM 1360 O O   . HOH I 5 .   ? 24.391  -1.789  16.211  1.00 49.66 ? 1400 HOH A O   1 
HETATM 1361 O O   . HOH I 5 .   ? -3.465  -2.056  -15.342 1.00 45.98 ? 1401 HOH A O   1 
HETATM 1362 O O   . HOH I 5 .   ? 3.947   -4.202  -5.797  1.00 30.93 ? 1402 HOH A O   1 
HETATM 1363 O O   . HOH I 5 .   ? 8.469   0.635   13.898  1.00 24.58 ? 1403 HOH A O   1 
HETATM 1364 O O   . HOH I 5 .   ? -24.198 -6.441  -3.643  1.00 41.80 ? 1404 HOH A O   1 
HETATM 1365 O O   . HOH I 5 .   ? 5.427   -9.319  2.937   1.00 48.80 ? 1405 HOH A O   1 
HETATM 1366 O O   . HOH I 5 .   ? 15.819  3.896   -12.916 1.00 45.27 ? 1406 HOH A O   1 
HETATM 1367 O O   . HOH I 5 .   ? 8.349   -4.606  2.998   1.00 28.38 ? 1407 HOH A O   1 
HETATM 1368 O O   . HOH I 5 .   ? 3.209   1.680   15.947  1.00 43.67 ? 1408 HOH A O   1 
HETATM 1369 O O   . HOH I 5 .   ? -4.992  -4.367  15.961  1.00 55.14 ? 1409 HOH A O   1 
HETATM 1370 O O   . HOH I 5 .   ? 23.130  0.717   9.381   1.00 37.96 ? 1410 HOH A O   1 
HETATM 1371 O O   . HOH I 5 .   ? -17.099 -7.710  6.029   1.00 33.25 ? 1411 HOH A O   1 
HETATM 1372 O O   . HOH I 5 .   ? -12.014 -13.199 9.284   1.00 30.50 ? 1412 HOH A O   1 
HETATM 1373 O O   . HOH I 5 .   ? -8.575  -1.027  -7.086  1.00 14.94 ? 1413 HOH A O   1 
HETATM 1374 O O   . HOH I 5 .   ? -8.369  -15.103 2.997   1.00 32.74 ? 1414 HOH A O   1 
HETATM 1375 O O   . HOH I 5 .   ? -11.432 3.438   -13.324 1.00 36.09 ? 1415 HOH A O   1 
HETATM 1376 O O   . HOH I 5 .   ? 28.443  1.475   13.369  1.00 30.85 ? 1416 HOH A O   1 
HETATM 1377 O O   . HOH I 5 .   ? 11.199  10.375  8.176   1.00 34.53 ? 1417 HOH A O   1 
HETATM 1378 O O   . HOH I 5 .   ? -16.934 -14.959 7.676   1.00 39.70 ? 1418 HOH A O   1 
HETATM 1379 O O   . HOH I 5 .   ? 10.888  14.816  -1.747  1.00 46.07 ? 1419 HOH A O   1 
HETATM 1380 O O   . HOH I 5 .   ? -2.026  -4.699  -8.769  1.00 30.47 ? 1420 HOH A O   1 
HETATM 1381 O O   . HOH I 5 .   ? -1.189  11.720  13.893  1.00 32.74 ? 1421 HOH A O   1 
HETATM 1382 O O   . HOH I 5 .   ? -12.754 6.018   -10.508 1.00 30.77 ? 1422 HOH A O   1 
HETATM 1383 O O   . HOH I 5 .   ? -7.265  4.734   12.404  1.00 36.78 ? 1423 HOH A O   1 
HETATM 1384 O O   . HOH I 5 .   ? -11.230 -2.770  -8.425  1.00 18.70 ? 1424 HOH A O   1 
HETATM 1385 O O   . HOH I 5 .   ? -7.057  7.684   -10.331 1.00 22.15 ? 1425 HOH A O   1 
HETATM 1386 O O   . HOH I 5 .   ? 20.498  8.189   1.265   1.00 45.02 ? 1426 HOH A O   1 
HETATM 1387 O O   . HOH I 5 .   ? 5.661   12.889  0.881   1.00 35.04 ? 1427 HOH A O   1 
HETATM 1388 O O   . HOH I 5 .   ? 17.695  0.675   -14.469 1.00 31.95 ? 1428 HOH A O   1 
HETATM 1389 O O   . HOH I 5 .   ? 0.775   -9.874  1.950   1.00 34.68 ? 1429 HOH A O   1 
HETATM 1390 O O   . HOH I 5 .   ? 6.014   4.543   15.854  1.00 20.58 ? 1430 HOH A O   1 
HETATM 1391 O O   . HOH I 5 .   ? 15.083  2.013   13.144  1.00 42.60 ? 1431 HOH A O   1 
HETATM 1392 O O   . HOH I 5 .   ? 10.936  -4.861  11.320  1.00 54.14 ? 1432 HOH A O   1 
HETATM 1393 O O   . HOH I 5 .   ? -19.787 -15.254 -12.559 1.00 42.94 ? 1433 HOH A O   1 
HETATM 1394 O O   . HOH I 5 .   ? -12.937 -2.532  -14.203 1.00 60.00 ? 1434 HOH A O   1 
HETATM 1395 O O   . HOH I 5 .   ? -5.344  -2.160  14.219  1.00 50.68 ? 1435 HOH A O   1 
HETATM 1396 O O   . HOH I 5 .   ? 26.819  -1.716  14.112  1.00 49.24 ? 1436 HOH A O   1 
HETATM 1397 O O   . HOH I 5 .   ? 14.668  -0.559  -6.315  1.00 22.47 ? 1437 HOH A O   1 
HETATM 1398 O O   . HOH I 5 .   ? -25.669 -2.839  -7.898  1.00 68.14 ? 1438 HOH A O   1 
HETATM 1399 O O   . HOH I 5 .   ? 3.509   -6.920  10.073  1.00 44.15 ? 1439 HOH A O   1 
HETATM 1400 O O   . HOH I 5 .   ? 13.154  8.085   1.159   1.00 32.85 ? 1440 HOH A O   1 
HETATM 1401 O O   . HOH I 5 .   ? -2.518  5.197   11.324  1.00 29.75 ? 1441 HOH A O   1 
HETATM 1402 O O   . HOH I 5 .   ? 5.592   -7.675  5.207   1.00 37.88 ? 1442 HOH A O   1 
HETATM 1403 O O   . HOH I 5 .   ? -25.310 -9.847  -13.743 1.00 50.32 ? 1443 HOH A O   1 
HETATM 1404 O O   . HOH I 5 .   ? -19.724 -12.083 -5.755  1.00 25.51 ? 1444 HOH A O   1 
HETATM 1405 O O   . HOH I 5 .   ? 10.202  14.718  11.828  1.00 40.97 ? 1445 HOH A O   1 
HETATM 1406 O O   . HOH I 5 .   ? -7.788  -10.896 7.646   1.00 49.76 ? 1446 HOH A O   1 
HETATM 1407 O O   . HOH I 5 .   ? -6.147  10.768  -7.122  0.48 36.49 ? 1447 HOH A O   1 
HETATM 1408 O O   . HOH I 5 .   ? -11.161 -8.520  -14.159 1.00 51.81 ? 1448 HOH A O   1 
HETATM 1409 O O   . HOH I 5 .   ? -21.984 -9.585  -3.826  1.00 42.68 ? 1449 HOH A O   1 
HETATM 1410 O O   . HOH I 5 .   ? 26.500  3.499   8.347   1.00 19.56 ? 1450 HOH A O   1 
HETATM 1411 O O   . HOH I 5 .   ? 3.207   -0.039  14.247  1.00 42.62 ? 1451 HOH A O   1 
HETATM 1412 O O   . HOH I 5 .   ? -1.381  -1.253  -17.062 1.00 35.86 ? 1452 HOH A O   1 
HETATM 1413 O O   . HOH I 5 .   ? 5.235   -4.701  -7.857  1.00 55.45 ? 1453 HOH A O   1 
HETATM 1414 O O   . HOH I 5 .   ? 0.429   14.774  8.321   1.00 37.50 ? 1454 HOH A O   1 
HETATM 1415 O O   . HOH I 5 .   ? 8.222   7.869   -4.016  1.00 21.27 ? 1455 HOH A O   1 
HETATM 1416 O O   . HOH I 5 .   ? 17.873  -1.722  11.140  1.00 67.43 ? 1456 HOH A O   1 
HETATM 1417 O O   . HOH I 5 .   ? -12.071 6.776   2.670   1.00 23.75 ? 1457 HOH A O   1 
HETATM 1418 O O   . HOH I 5 .   ? 15.060  -1.503  9.603   1.00 46.20 ? 1458 HOH A O   1 
HETATM 1419 O O   . HOH I 5 .   ? -12.461 -3.975  -10.792 1.00 30.02 ? 1459 HOH A O   1 
HETATM 1420 O O   . HOH I 5 .   ? 2.220   4.865   18.302  1.00 43.26 ? 1460 HOH A O   1 
HETATM 1421 O O   . HOH I 5 .   ? 5.669   -8.066  -1.505  1.00 28.57 ? 1461 HOH A O   1 
HETATM 1422 O O   . HOH I 5 .   ? -3.978  12.824  -3.756  0.48 46.34 ? 1462 HOH A O   1 
HETATM 1423 O O   . HOH I 5 .   ? 7.721   14.095  8.647   1.00 37.83 ? 1463 HOH A O   1 
HETATM 1424 O O   . HOH I 5 .   ? 13.690  0.112   12.006  1.00 45.31 ? 1464 HOH A O   1 
HETATM 1425 O O   . HOH I 5 .   ? -9.813  -0.330  16.235  1.00 38.89 ? 1465 HOH A O   1 
HETATM 1426 O O   . HOH I 5 .   ? -9.503  7.304   -11.707 1.00 23.09 ? 1466 HOH A O   1 
HETATM 1427 O O   . HOH I 5 .   ? 1.149   -1.921  14.593  1.00 38.91 ? 1467 HOH A O   1 
HETATM 1428 O O   . HOH I 5 .   ? 1.866   2.247   17.569  1.00 59.63 ? 1468 HOH A O   1 
HETATM 1429 O O   . HOH I 5 .   ? -5.014  -10.465 7.957   1.00 54.03 ? 1469 HOH A O   1 
HETATM 1430 O O   . HOH I 5 .   ? -0.774  -7.800  12.330  1.00 28.14 ? 1470 HOH A O   1 
HETATM 1431 O O   . HOH I 5 .   ? 23.968  12.100  10.083  1.00 54.73 ? 1471 HOH A O   1 
HETATM 1432 O O   . HOH I 5 .   ? 5.208   15.659  1.279   1.00 55.65 ? 1472 HOH A O   1 
HETATM 1433 O O   . HOH I 5 .   ? 10.368  -4.381  4.302   1.00 41.99 ? 1473 HOH A O   1 
HETATM 1434 O O   . HOH I 5 .   ? 10.127  -1.139  14.463  1.00 60.92 ? 1474 HOH A O   1 
HETATM 1435 O O   . HOH I 5 .   ? -4.197  10.223  13.139  1.00 51.68 ? 1475 HOH A O   1 
HETATM 1436 O O   . HOH I 5 .   ? -6.583  -8.821  15.068  1.00 41.63 ? 1476 HOH A O   1 
HETATM 1437 O O   . HOH I 5 .   ? 19.369  -2.361  3.010   1.00 49.06 ? 1477 HOH A O   1 
HETATM 1438 O O   . HOH I 5 .   ? 6.403   1.829   16.078  1.00 28.02 ? 1478 HOH A O   1 
HETATM 1439 O O   . HOH I 5 .   ? -0.064  2.724   -11.668 1.00 24.59 ? 1479 HOH A O   1 
HETATM 1440 O O   . HOH I 5 .   ? 1.712   -5.218  14.597  1.00 41.77 ? 1480 HOH A O   1 
HETATM 1441 O O   . HOH I 5 .   ? 16.665  -2.552  7.198   1.00 41.41 ? 1481 HOH A O   1 
HETATM 1442 O O   . HOH I 5 .   ? 25.375  0.618   3.175   1.00 45.95 ? 1482 HOH A O   1 
HETATM 1443 O O   . HOH I 5 .   ? -17.432 0.501   -11.965 1.00 49.66 ? 1483 HOH A O   1 
HETATM 1444 O O   . HOH I 5 .   ? 6.342   -5.499  -5.288  1.00 44.20 ? 1484 HOH A O   1 
HETATM 1445 O O   . HOH I 5 .   ? 5.887   14.574  13.330  1.00 47.45 ? 1485 HOH A O   1 
HETATM 1446 O O   . HOH I 5 .   ? 10.229  -5.514  -3.834  1.00 37.21 ? 1486 HOH A O   1 
HETATM 1447 O O   . HOH I 5 .   ? -0.945  14.621  0.425   0.48 44.53 ? 1487 HOH A O   1 
HETATM 1448 O O   . HOH I 5 .   ? -14.433 -0.014  5.073   1.00 17.91 ? 1488 HOH A O   1 
HETATM 1449 O O   . HOH I 5 .   ? -0.911  -9.849  10.240  1.00 37.22 ? 1489 HOH A O   1 
HETATM 1450 O O   . HOH I 5 .   ? -2.592  3.252   14.573  1.00 47.57 ? 1490 HOH A O   1 
HETATM 1451 O O   . HOH I 5 .   ? -0.831  -1.358  15.018  1.00 51.52 ? 1491 HOH A O   1 
HETATM 1452 O O   . HOH I 5 .   ? 8.985   -6.669  0.937   1.00 46.96 ? 1492 HOH A O   1 
HETATM 1453 O O   . HOH I 5 .   ? 11.850  -4.055  -4.539  1.00 29.83 ? 1493 HOH A O   1 
HETATM 1454 O O   . HOH I 5 .   ? 15.626  -2.733  -7.297  1.00 45.51 ? 1494 HOH A O   1 
HETATM 1455 O O   . HOH I 5 .   ? 3.300   11.422  15.793  1.00 49.88 ? 1495 HOH A O   1 
HETATM 1456 O O   . HOH I 5 .   ? 11.513  12.626  6.668   1.00 48.03 ? 1496 HOH A O   1 
HETATM 1457 O O   . HOH I 5 .   ? 11.412  -2.801  -7.082  1.00 24.80 ? 1497 HOH A O   1 
HETATM 1458 O O   . HOH I 5 .   ? 13.087  -4.890  2.864   1.00 44.45 ? 1498 HOH A O   1 
HETATM 1459 O O   . HOH I 5 .   ? 12.243  -6.664  0.942   1.00 51.94 ? 1499 HOH A O   1 
HETATM 1460 O O   . HOH I 5 .   ? -10.310 6.490   -14.084 1.00 32.41 ? 1500 HOH A O   1 
HETATM 1461 O O   . HOH I 5 .   ? 4.069   -7.935  8.294   1.00 63.30 ? 1501 HOH A O   1 
HETATM 1462 O O   . HOH I 5 .   ? -7.494  -12.648 4.948   1.00 36.34 ? 1502 HOH A O   1 
HETATM 1463 O O   . HOH I 5 .   ? -8.255  2.493   -16.874 1.00 39.33 ? 1503 HOH A O   1 
HETATM 1464 O O   . HOH I 5 .   ? -3.794  -0.588  14.470  1.00 48.73 ? 1504 HOH A O   1 
HETATM 1465 O O   . HOH I 5 .   ? 9.337   14.928  2.636   1.00 58.41 ? 1505 HOH A O   1 
HETATM 1466 O O   . HOH I 5 .   ? 18.839  6.736   15.903  1.00 24.29 ? 1506 HOH A O   1 
HETATM 1467 O O   . HOH I 5 .   ? -2.066  -7.624  14.679  1.00 34.97 ? 1507 HOH A O   1 
HETATM 1468 O O   . HOH I 5 .   ? -20.199 -9.847  8.817   1.00 53.34 ? 1508 HOH A O   1 
HETATM 1469 O O   . HOH I 5 .   ? 8.655   -5.407  -6.095  1.00 46.45 ? 1509 HOH A O   1 
HETATM 1470 O O   . HOH I 5 .   ? 13.970  10.169  0.136   1.00 49.77 ? 1510 HOH A O   1 
HETATM 1471 O O   . HOH I 5 .   ? -4.184  3.693   12.657  1.00 40.02 ? 1511 HOH A O   1 
HETATM 1472 O O   . HOH I 5 .   ? -9.239  -9.408  -14.199 1.00 53.58 ? 1512 HOH A O   1 
HETATM 1473 O O   . HOH I 5 .   ? 13.916  -3.682  9.274   1.00 52.49 ? 1513 HOH A O   1 
HETATM 1474 O O   . HOH I 5 .   ? 13.497  -3.707  -8.676  1.00 38.63 ? 1514 HOH A O   1 
HETATM 1475 O O   . HOH I 5 .   ? -0.370  -6.003  16.135  1.00 45.57 ? 1515 HOH A O   1 
HETATM 1476 O O   . HOH I 5 .   ? -1.808  -3.920  16.660  1.00 56.74 ? 1516 HOH A O   1 
# 
